data_3Q2C
# 
_entry.id   3Q2C 
# 
_audit_conform.dict_name       mmcif_pdbx.dic 
_audit_conform.dict_version    5.397 
_audit_conform.dict_location   http://mmcif.pdb.org/dictionaries/ascii/mmcif_pdbx.dic 
# 
loop_
_database_2.database_id 
_database_2.database_code 
_database_2.pdbx_database_accession 
_database_2.pdbx_DOI 
PDB   3Q2C         pdb_00003q2c 10.2210/pdb3q2c/pdb 
RCSB  RCSB063105   ?            ?                   
WWPDB D_1000063105 ?            ?                   
# 
loop_
_pdbx_audit_revision_history.ordinal 
_pdbx_audit_revision_history.data_content_type 
_pdbx_audit_revision_history.major_revision 
_pdbx_audit_revision_history.minor_revision 
_pdbx_audit_revision_history.revision_date 
1 'Structure model' 1 0 2011-07-13 
2 'Structure model' 1 1 2023-11-01 
3 'Structure model' 1 2 2024-10-30 
# 
_pdbx_audit_revision_details.ordinal             1 
_pdbx_audit_revision_details.revision_ordinal    1 
_pdbx_audit_revision_details.data_content_type   'Structure model' 
_pdbx_audit_revision_details.provider            repository 
_pdbx_audit_revision_details.type                'Initial release' 
_pdbx_audit_revision_details.description         ? 
_pdbx_audit_revision_details.details             ? 
# 
loop_
_pdbx_audit_revision_group.ordinal 
_pdbx_audit_revision_group.revision_ordinal 
_pdbx_audit_revision_group.data_content_type 
_pdbx_audit_revision_group.group 
1 2 'Structure model' 'Data collection'        
2 2 'Structure model' 'Database references'    
3 2 'Structure model' 'Refinement description' 
4 3 'Structure model' 'Structure summary'      
# 
loop_
_pdbx_audit_revision_category.ordinal 
_pdbx_audit_revision_category.revision_ordinal 
_pdbx_audit_revision_category.data_content_type 
_pdbx_audit_revision_category.category 
1 2 'Structure model' chem_comp_atom                
2 2 'Structure model' chem_comp_bond                
3 2 'Structure model' database_2                    
4 2 'Structure model' pdbx_initial_refinement_model 
5 3 'Structure model' pdbx_entry_details            
6 3 'Structure model' pdbx_modification_feature     
# 
loop_
_pdbx_audit_revision_item.ordinal 
_pdbx_audit_revision_item.revision_ordinal 
_pdbx_audit_revision_item.data_content_type 
_pdbx_audit_revision_item.item 
1 2 'Structure model' '_database_2.pdbx_DOI'                         
2 2 'Structure model' '_database_2.pdbx_database_accession'          
3 3 'Structure model' '_pdbx_entry_details.has_protein_modification' 
# 
_pdbx_database_status.status_code                     REL 
_pdbx_database_status.entry_id                        3Q2C 
_pdbx_database_status.recvd_initial_deposition_date   2010-12-20 
_pdbx_database_status.deposit_site                    RCSB 
_pdbx_database_status.process_site                    PDBJ 
_pdbx_database_status.status_code_sf                  REL 
_pdbx_database_status.status_code_mr                  ? 
_pdbx_database_status.SG_entry                        ? 
_pdbx_database_status.status_code_cs                  ? 
_pdbx_database_status.pdb_format_compatible           Y 
_pdbx_database_status.status_code_nmr_data            ? 
_pdbx_database_status.methods_development_category    ? 
# 
_pdbx_database_related.db_name        PDB 
_pdbx_database_related.db_id          1VDG 
_pdbx_database_related.details        . 
_pdbx_database_related.content_type   unspecified 
# 
loop_
_audit_author.name 
_audit_author.pdbx_ordinal 
'Ryu, M.'   1 
'Chen, Y.'  2 
'Qi, J.X.'  3 
'Liu, J.'   4 
'Shi, Y.'   5 
'Cheng, H.' 6 
'Gao, G.F.' 7 
# 
_citation.id                        primary 
_citation.title                     
;LILRA3 binds both classical and non-classical HLA class I molecules but with reduced affinities compared to LILRB1/LILRB2: structural evidence
;
_citation.journal_abbrev            'Plos One' 
_citation.journal_volume            6 
_citation.page_first                e19245 
_citation.page_last                 e19245 
_citation.year                      2011 
_citation.journal_id_ASTM           ? 
_citation.country                   US 
_citation.journal_id_ISSN           1932-6203 
_citation.journal_id_CSD            ? 
_citation.book_publisher            ? 
_citation.pdbx_database_id_PubMed   21559424 
_citation.pdbx_database_id_DOI      10.1371/journal.pone.0019245 
# 
loop_
_citation_author.citation_id 
_citation_author.name 
_citation_author.ordinal 
_citation_author.identifier_ORCID 
primary 'Ryu, M.'   1 ? 
primary 'Chen, Y.'  2 ? 
primary 'Qi, J.'    3 ? 
primary 'Liu, J.'   4 ? 
primary 'Fan, Z.'   5 ? 
primary 'Nam, G.'   6 ? 
primary 'Shi, Y.'   7 ? 
primary 'Cheng, H.' 8 ? 
primary 'Gao, G.F.' 9 ? 
# 
loop_
_entity.id 
_entity.type 
_entity.src_method 
_entity.pdbx_description 
_entity.formula_weight 
_entity.pdbx_number_of_molecules 
_entity.pdbx_ec 
_entity.pdbx_mutation 
_entity.pdbx_fragment 
_entity.details 
1 polymer nat 'Leukocyte immunoglobulin-like receptor subfamily A member 3' 10792.341 1  ? ? 
'N-TERMINAL DOMAIN, UNP residues 24-120' ? 
2 water   nat water                                                         18.015    32 ? ? ? ? 
# 
_entity_name_com.entity_id   1 
_entity_name_com.name        
;CD85 antigen-like family member E, Immunoglobulin-like transcript 6, ILT-6, Leukocyte immunoglobulin-like receptor 4, LIR-4, Monocyte inhibitory receptor HM43/HM31
;
# 
_entity_poly.entity_id                      1 
_entity_poly.type                           'polypeptide(L)' 
_entity_poly.nstd_linkage                   no 
_entity_poly.nstd_monomer                   no 
_entity_poly.pdbx_seq_one_letter_code       
;GPLPKPTLWAEPGSVITQGSPVTLRCQGSLETQEYHLYREKKTALWITRIPQELVKKGQFPILSITWEHAGRYCCIYGSH
TVGLSESSDPLELVVTG
;
_entity_poly.pdbx_seq_one_letter_code_can   
;GPLPKPTLWAEPGSVITQGSPVTLRCQGSLETQEYHLYREKKTALWITRIPQELVKKGQFPILSITWEHAGRYCCIYGSH
TVGLSESSDPLELVVTG
;
_entity_poly.pdbx_strand_id                 A 
_entity_poly.pdbx_target_identifier         ? 
# 
_pdbx_entity_nonpoly.entity_id   2 
_pdbx_entity_nonpoly.name        water 
_pdbx_entity_nonpoly.comp_id     HOH 
# 
loop_
_entity_poly_seq.entity_id 
_entity_poly_seq.num 
_entity_poly_seq.mon_id 
_entity_poly_seq.hetero 
1 1  GLY n 
1 2  PRO n 
1 3  LEU n 
1 4  PRO n 
1 5  LYS n 
1 6  PRO n 
1 7  THR n 
1 8  LEU n 
1 9  TRP n 
1 10 ALA n 
1 11 GLU n 
1 12 PRO n 
1 13 GLY n 
1 14 SER n 
1 15 VAL n 
1 16 ILE n 
1 17 THR n 
1 18 GLN n 
1 19 GLY n 
1 20 SER n 
1 21 PRO n 
1 22 VAL n 
1 23 THR n 
1 24 LEU n 
1 25 ARG n 
1 26 CYS n 
1 27 GLN n 
1 28 GLY n 
1 29 SER n 
1 30 LEU n 
1 31 GLU n 
1 32 THR n 
1 33 GLN n 
1 34 GLU n 
1 35 TYR n 
1 36 HIS n 
1 37 LEU n 
1 38 TYR n 
1 39 ARG n 
1 40 GLU n 
1 41 LYS n 
1 42 LYS n 
1 43 THR n 
1 44 ALA n 
1 45 LEU n 
1 46 TRP n 
1 47 ILE n 
1 48 THR n 
1 49 ARG n 
1 50 ILE n 
1 51 PRO n 
1 52 GLN n 
1 53 GLU n 
1 54 LEU n 
1 55 VAL n 
1 56 LYS n 
1 57 LYS n 
1 58 GLY n 
1 59 GLN n 
1 60 PHE n 
1 61 PRO n 
1 62 ILE n 
1 63 LEU n 
1 64 SER n 
1 65 ILE n 
1 66 THR n 
1 67 TRP n 
1 68 GLU n 
1 69 HIS n 
1 70 ALA n 
1 71 GLY n 
1 72 ARG n 
1 73 TYR n 
1 74 CYS n 
1 75 CYS n 
1 76 ILE n 
1 77 TYR n 
1 78 GLY n 
1 79 SER n 
1 80 HIS n 
1 81 THR n 
1 82 VAL n 
1 83 GLY n 
1 84 LEU n 
1 85 SER n 
1 86 GLU n 
1 87 SER n 
1 88 SER n 
1 89 ASP n 
1 90 PRO n 
1 91 LEU n 
1 92 GLU n 
1 93 LEU n 
1 94 VAL n 
1 95 VAL n 
1 96 THR n 
1 97 GLY n 
# 
_entity_src_nat.entity_id                  1 
_entity_src_nat.pdbx_src_id                1 
_entity_src_nat.pdbx_alt_source_flag       sample 
_entity_src_nat.pdbx_beg_seq_num           ? 
_entity_src_nat.pdbx_end_seq_num           ? 
_entity_src_nat.common_name                human 
_entity_src_nat.pdbx_organism_scientific   'Homo sapiens' 
_entity_src_nat.pdbx_ncbi_taxonomy_id      9606 
_entity_src_nat.genus                      ? 
_entity_src_nat.species                    ? 
_entity_src_nat.strain                     ? 
_entity_src_nat.tissue                     ? 
_entity_src_nat.tissue_fraction            ? 
_entity_src_nat.pdbx_secretion             ? 
_entity_src_nat.pdbx_fragment              ? 
_entity_src_nat.pdbx_variant               ? 
_entity_src_nat.pdbx_cell_line             ? 
_entity_src_nat.pdbx_atcc                  ? 
_entity_src_nat.pdbx_cellular_location     ? 
_entity_src_nat.pdbx_organ                 ? 
_entity_src_nat.pdbx_organelle             ? 
_entity_src_nat.pdbx_cell                  ? 
_entity_src_nat.pdbx_plasmid_name          ? 
_entity_src_nat.pdbx_plasmid_details       ? 
_entity_src_nat.details                    ? 
# 
loop_
_chem_comp.id 
_chem_comp.type 
_chem_comp.mon_nstd_flag 
_chem_comp.name 
_chem_comp.pdbx_synonyms 
_chem_comp.formula 
_chem_comp.formula_weight 
ALA 'L-peptide linking' y ALANINE         ? 'C3 H7 N O2'     89.093  
ARG 'L-peptide linking' y ARGININE        ? 'C6 H15 N4 O2 1' 175.209 
ASP 'L-peptide linking' y 'ASPARTIC ACID' ? 'C4 H7 N O4'     133.103 
CYS 'L-peptide linking' y CYSTEINE        ? 'C3 H7 N O2 S'   121.158 
GLN 'L-peptide linking' y GLUTAMINE       ? 'C5 H10 N2 O3'   146.144 
GLU 'L-peptide linking' y 'GLUTAMIC ACID' ? 'C5 H9 N O4'     147.129 
GLY 'peptide linking'   y GLYCINE         ? 'C2 H5 N O2'     75.067  
HIS 'L-peptide linking' y HISTIDINE       ? 'C6 H10 N3 O2 1' 156.162 
HOH non-polymer         . WATER           ? 'H2 O'           18.015  
ILE 'L-peptide linking' y ISOLEUCINE      ? 'C6 H13 N O2'    131.173 
LEU 'L-peptide linking' y LEUCINE         ? 'C6 H13 N O2'    131.173 
LYS 'L-peptide linking' y LYSINE          ? 'C6 H15 N2 O2 1' 147.195 
PHE 'L-peptide linking' y PHENYLALANINE   ? 'C9 H11 N O2'    165.189 
PRO 'L-peptide linking' y PROLINE         ? 'C5 H9 N O2'     115.130 
SER 'L-peptide linking' y SERINE          ? 'C3 H7 N O3'     105.093 
THR 'L-peptide linking' y THREONINE       ? 'C4 H9 N O3'     119.119 
TRP 'L-peptide linking' y TRYPTOPHAN      ? 'C11 H12 N2 O2'  204.225 
TYR 'L-peptide linking' y TYROSINE        ? 'C9 H11 N O3'    181.189 
VAL 'L-peptide linking' y VALINE          ? 'C5 H11 N O2'    117.146 
# 
loop_
_pdbx_poly_seq_scheme.asym_id 
_pdbx_poly_seq_scheme.entity_id 
_pdbx_poly_seq_scheme.seq_id 
_pdbx_poly_seq_scheme.mon_id 
_pdbx_poly_seq_scheme.ndb_seq_num 
_pdbx_poly_seq_scheme.pdb_seq_num 
_pdbx_poly_seq_scheme.auth_seq_num 
_pdbx_poly_seq_scheme.pdb_mon_id 
_pdbx_poly_seq_scheme.auth_mon_id 
_pdbx_poly_seq_scheme.pdb_strand_id 
_pdbx_poly_seq_scheme.pdb_ins_code 
_pdbx_poly_seq_scheme.hetero 
A 1 1  GLY 1  1  ?  ?   ?   A . n 
A 1 2  PRO 2  2  2  PRO PRO A . n 
A 1 3  LEU 3  3  3  LEU LEU A . n 
A 1 4  PRO 4  4  4  PRO PRO A . n 
A 1 5  LYS 5  5  5  LYS LYS A . n 
A 1 6  PRO 6  6  6  PRO PRO A . n 
A 1 7  THR 7  7  7  THR THR A . n 
A 1 8  LEU 8  8  8  LEU LEU A . n 
A 1 9  TRP 9  9  9  TRP TRP A . n 
A 1 10 ALA 10 10 10 ALA ALA A . n 
A 1 11 GLU 11 11 11 GLU GLU A . n 
A 1 12 PRO 12 12 12 PRO PRO A . n 
A 1 13 GLY 13 13 13 GLY GLY A . n 
A 1 14 SER 14 14 14 SER SER A . n 
A 1 15 VAL 15 15 15 VAL VAL A . n 
A 1 16 ILE 16 16 16 ILE ILE A . n 
A 1 17 THR 17 17 17 THR THR A . n 
A 1 18 GLN 18 18 18 GLN GLN A . n 
A 1 19 GLY 19 19 19 GLY GLY A . n 
A 1 20 SER 20 20 20 SER SER A . n 
A 1 21 PRO 21 21 21 PRO PRO A . n 
A 1 22 VAL 22 22 22 VAL VAL A . n 
A 1 23 THR 23 23 23 THR THR A . n 
A 1 24 LEU 24 24 24 LEU LEU A . n 
A 1 25 ARG 25 25 25 ARG ARG A . n 
A 1 26 CYS 26 26 26 CYS CYS A . n 
A 1 27 GLN 27 27 27 GLN GLN A . n 
A 1 28 GLY 28 28 28 GLY GLY A . n 
A 1 29 SER 29 29 29 SER SER A . n 
A 1 30 LEU 30 30 30 LEU LEU A . n 
A 1 31 GLU 31 31 31 GLU GLU A . n 
A 1 32 THR 32 32 32 THR THR A . n 
A 1 33 GLN 33 33 33 GLN GLN A . n 
A 1 34 GLU 34 34 34 GLU GLU A . n 
A 1 35 TYR 35 35 35 TYR TYR A . n 
A 1 36 HIS 36 36 36 HIS HIS A . n 
A 1 37 LEU 37 37 37 LEU LEU A . n 
A 1 38 TYR 38 38 38 TYR TYR A . n 
A 1 39 ARG 39 39 39 ARG ARG A . n 
A 1 40 GLU 40 40 40 GLU GLU A . n 
A 1 41 LYS 41 41 41 LYS LYS A . n 
A 1 42 LYS 42 42 42 LYS LYS A . n 
A 1 43 THR 43 43 43 THR THR A . n 
A 1 44 ALA 44 44 44 ALA ALA A . n 
A 1 45 LEU 45 45 45 LEU LEU A . n 
A 1 46 TRP 46 46 46 TRP TRP A . n 
A 1 47 ILE 47 47 47 ILE ILE A . n 
A 1 48 THR 48 48 48 THR THR A . n 
A 1 49 ARG 49 49 49 ARG ARG A . n 
A 1 50 ILE 50 50 50 ILE ILE A . n 
A 1 51 PRO 51 51 51 PRO PRO A . n 
A 1 52 GLN 52 52 52 GLN GLN A . n 
A 1 53 GLU 53 53 53 GLU GLU A . n 
A 1 54 LEU 54 54 54 LEU LEU A . n 
A 1 55 VAL 55 55 55 VAL VAL A . n 
A 1 56 LYS 56 56 56 LYS LYS A . n 
A 1 57 LYS 57 57 57 LYS LYS A . n 
A 1 58 GLY 58 58 58 GLY GLY A . n 
A 1 59 GLN 59 59 59 GLN GLN A . n 
A 1 60 PHE 60 60 60 PHE PHE A . n 
A 1 61 PRO 61 61 61 PRO PRO A . n 
A 1 62 ILE 62 62 62 ILE ILE A . n 
A 1 63 LEU 63 63 63 LEU LEU A . n 
A 1 64 SER 64 64 64 SER SER A . n 
A 1 65 ILE 65 65 65 ILE ILE A . n 
A 1 66 THR 66 66 66 THR THR A . n 
A 1 67 TRP 67 67 67 TRP TRP A . n 
A 1 68 GLU 68 68 68 GLU GLU A . n 
A 1 69 HIS 69 69 69 HIS HIS A . n 
A 1 70 ALA 70 70 70 ALA ALA A . n 
A 1 71 GLY 71 71 71 GLY GLY A . n 
A 1 72 ARG 72 72 72 ARG ARG A . n 
A 1 73 TYR 73 73 73 TYR TYR A . n 
A 1 74 CYS 74 74 74 CYS CYS A . n 
A 1 75 CYS 75 75 75 CYS CYS A . n 
A 1 76 ILE 76 76 76 ILE ILE A . n 
A 1 77 TYR 77 77 77 TYR TYR A . n 
A 1 78 GLY 78 78 78 GLY GLY A . n 
A 1 79 SER 79 79 79 SER SER A . n 
A 1 80 HIS 80 80 80 HIS HIS A . n 
A 1 81 THR 81 81 81 THR THR A . n 
A 1 82 VAL 82 82 82 VAL VAL A . n 
A 1 83 GLY 83 83 83 GLY GLY A . n 
A 1 84 LEU 84 84 84 LEU LEU A . n 
A 1 85 SER 85 85 85 SER SER A . n 
A 1 86 GLU 86 86 86 GLU GLU A . n 
A 1 87 SER 87 87 87 SER SER A . n 
A 1 88 SER 88 88 88 SER SER A . n 
A 1 89 ASP 89 89 89 ASP ASP A . n 
A 1 90 PRO 90 90 90 PRO PRO A . n 
A 1 91 LEU 91 91 91 LEU LEU A . n 
A 1 92 GLU 92 92 92 GLU GLU A . n 
A 1 93 LEU 93 93 93 LEU LEU A . n 
A 1 94 VAL 94 94 94 VAL VAL A . n 
A 1 95 VAL 95 95 95 VAL VAL A . n 
A 1 96 THR 96 96 96 THR THR A . n 
A 1 97 GLY 97 97 97 GLY GLY A . n 
# 
loop_
_pdbx_nonpoly_scheme.asym_id 
_pdbx_nonpoly_scheme.entity_id 
_pdbx_nonpoly_scheme.mon_id 
_pdbx_nonpoly_scheme.ndb_seq_num 
_pdbx_nonpoly_scheme.pdb_seq_num 
_pdbx_nonpoly_scheme.auth_seq_num 
_pdbx_nonpoly_scheme.pdb_mon_id 
_pdbx_nonpoly_scheme.auth_mon_id 
_pdbx_nonpoly_scheme.pdb_strand_id 
_pdbx_nonpoly_scheme.pdb_ins_code 
B 2 HOH 1  98  98  HOH HOH A . 
B 2 HOH 2  99  99  HOH HOH A . 
B 2 HOH 3  100 100 HOH HOH A . 
B 2 HOH 4  101 101 HOH HOH A . 
B 2 HOH 5  102 102 HOH HOH A . 
B 2 HOH 6  103 103 HOH HOH A . 
B 2 HOH 7  104 104 HOH HOH A . 
B 2 HOH 8  105 105 HOH HOH A . 
B 2 HOH 9  106 106 HOH HOH A . 
B 2 HOH 10 107 107 HOH HOH A . 
B 2 HOH 11 108 108 HOH HOH A . 
B 2 HOH 12 109 109 HOH HOH A . 
B 2 HOH 13 110 110 HOH HOH A . 
B 2 HOH 14 111 111 HOH HOH A . 
B 2 HOH 15 112 112 HOH HOH A . 
B 2 HOH 16 113 113 HOH HOH A . 
B 2 HOH 17 114 114 HOH HOH A . 
B 2 HOH 18 115 115 HOH HOH A . 
B 2 HOH 19 116 116 HOH HOH A . 
B 2 HOH 20 117 117 HOH HOH A . 
B 2 HOH 21 118 118 HOH HOH A . 
B 2 HOH 22 119 119 HOH HOH A . 
B 2 HOH 23 120 120 HOH HOH A . 
B 2 HOH 24 121 121 HOH HOH A . 
B 2 HOH 25 122 122 HOH HOH A . 
B 2 HOH 26 123 123 HOH HOH A . 
B 2 HOH 27 124 124 HOH HOH A . 
B 2 HOH 28 125 125 HOH HOH A . 
B 2 HOH 29 126 126 HOH HOH A . 
B 2 HOH 30 127 127 HOH HOH A . 
B 2 HOH 31 128 128 HOH HOH A . 
B 2 HOH 32 129 129 HOH HOH A . 
# 
loop_
_software.name 
_software.classification 
_software.version 
_software.citation_id 
_software.pdbx_ordinal 
CrystalClear 'data collection' .                        ? 1 
PHASER       phasing           .                        ? 2 
PHENIX       refinement        '(phenix.refine: 1.5_2)' ? 3 
HKL-2000     'data reduction'  .                        ? 4 
HKL-2000     'data scaling'    .                        ? 5 
# 
_cell.entry_id           3Q2C 
_cell.length_a           83.308 
_cell.length_b           27.817 
_cell.length_c           48.257 
_cell.angle_alpha        90.00 
_cell.angle_beta         111.65 
_cell.angle_gamma        90.00 
_cell.Z_PDB              4 
_cell.pdbx_unique_axis   ? 
_cell.length_a_esd       ? 
_cell.length_b_esd       ? 
_cell.length_c_esd       ? 
_cell.angle_alpha_esd    ? 
_cell.angle_beta_esd     ? 
_cell.angle_gamma_esd    ? 
# 
_symmetry.entry_id                         3Q2C 
_symmetry.space_group_name_H-M             'C 1 2 1' 
_symmetry.pdbx_full_space_group_name_H-M   ? 
_symmetry.cell_setting                     ? 
_symmetry.Int_Tables_number                5 
_symmetry.space_group_name_Hall            ? 
# 
_exptl.entry_id          3Q2C 
_exptl.method            'X-RAY DIFFRACTION' 
_exptl.crystals_number   1 
# 
_exptl_crystal.id                    1 
_exptl_crystal.density_meas          ? 
_exptl_crystal.density_Matthews      2.41 
_exptl_crystal.density_percent_sol   48.91 
_exptl_crystal.description           ? 
_exptl_crystal.F_000                 ? 
_exptl_crystal.preparation           ? 
# 
_exptl_crystal_grow.crystal_id      1 
_exptl_crystal_grow.method          'VAPOR DIFFUSION, HANGING DROP' 
_exptl_crystal_grow.temp            291 
_exptl_crystal_grow.temp_details    ? 
_exptl_crystal_grow.pH              7.5 
_exptl_crystal_grow.pdbx_pH_range   ? 
_exptl_crystal_grow.pdbx_details    
'1.0M ammonium sulfate, 0.1M HEPES buffer (pH 7.5), 0.75% (w/v) PEG 8000, VAPOR DIFFUSION, HANGING DROP, temperature 291K' 
# 
_diffrn.id                     1 
_diffrn.ambient_temp           100 
_diffrn.ambient_temp_details   ? 
_diffrn.crystal_id             1 
# 
_diffrn_detector.diffrn_id              1 
_diffrn_detector.detector               'IMAGE PLATE' 
_diffrn_detector.type                   'RIGAKU RAXIS IV++' 
_diffrn_detector.pdbx_collection_date   2009-12-20 
_diffrn_detector.details                mirrors 
# 
_diffrn_radiation.diffrn_id                        1 
_diffrn_radiation.wavelength_id                    1 
_diffrn_radiation.pdbx_monochromatic_or_laue_m_l   M 
_diffrn_radiation.monochromator                    GRAPHITE 
_diffrn_radiation.pdbx_diffrn_protocol             'SINGLE WAVELENGTH' 
_diffrn_radiation.pdbx_scattering_type             x-ray 
# 
_diffrn_radiation_wavelength.id           1 
_diffrn_radiation_wavelength.wavelength   1.5418 
_diffrn_radiation_wavelength.wt           1.0 
# 
_diffrn_source.diffrn_id                   1 
_diffrn_source.source                      'ROTATING ANODE' 
_diffrn_source.type                        'RIGAKU MICROMAX-007 HF' 
_diffrn_source.pdbx_synchrotron_site       ? 
_diffrn_source.pdbx_synchrotron_beamline   ? 
_diffrn_source.pdbx_wavelength             ? 
_diffrn_source.pdbx_wavelength_list        1.5418 
# 
_reflns.entry_id                     3Q2C 
_reflns.observed_criterion_sigma_I   2 
_reflns.observed_criterion_sigma_F   2.0 
_reflns.d_resolution_low             50 
_reflns.d_resolution_high            2.5 
_reflns.number_obs                   3558 
_reflns.number_all                   ? 
_reflns.percent_possible_obs         96.7 
_reflns.pdbx_Rmerge_I_obs            ? 
_reflns.pdbx_Rsym_value              ? 
_reflns.pdbx_netI_over_sigmaI        ? 
_reflns.B_iso_Wilson_estimate        ? 
_reflns.pdbx_redundancy              ? 
_reflns.R_free_details               ? 
_reflns.limit_h_max                  ? 
_reflns.limit_h_min                  ? 
_reflns.limit_k_max                  ? 
_reflns.limit_k_min                  ? 
_reflns.limit_l_max                  ? 
_reflns.limit_l_min                  ? 
_reflns.observed_criterion_F_max     ? 
_reflns.observed_criterion_F_min     ? 
_reflns.pdbx_chi_squared             ? 
_reflns.pdbx_scaling_rejects         ? 
_reflns.pdbx_ordinal                 1 
_reflns.pdbx_diffrn_id               1 
# 
_reflns_shell.d_res_high             2.50 
_reflns_shell.d_res_low              2.59 
_reflns_shell.percent_possible_all   92.5 
_reflns_shell.Rmerge_I_obs           ? 
_reflns_shell.pdbx_Rsym_value        ? 
_reflns_shell.meanI_over_sigI_obs    ? 
_reflns_shell.pdbx_redundancy        ? 
_reflns_shell.percent_possible_obs   ? 
_reflns_shell.number_unique_all      ? 
_reflns_shell.number_measured_all    ? 
_reflns_shell.number_measured_obs    ? 
_reflns_shell.number_unique_obs      ? 
_reflns_shell.pdbx_chi_squared       ? 
_reflns_shell.pdbx_ordinal           1 
_reflns_shell.pdbx_diffrn_id         1 
# 
_refine.pdbx_refine_id                           'X-RAY DIFFRACTION' 
_refine.entry_id                                 3Q2C 
_refine.ls_number_reflns_obs                     3503 
_refine.ls_number_reflns_all                     3503 
_refine.pdbx_ls_sigma_I                          ? 
_refine.pdbx_ls_sigma_F                          0.16 
_refine.pdbx_data_cutoff_high_absF               ? 
_refine.pdbx_data_cutoff_low_absF                ? 
_refine.pdbx_data_cutoff_high_rms_absF           ? 
_refine.ls_d_res_low                             23.947 
_refine.ls_d_res_high                            2.500 
_refine.ls_percent_reflns_obs                    94.45 
_refine.ls_R_factor_obs                          0.2261 
_refine.ls_R_factor_all                          ? 
_refine.ls_R_factor_R_work                       0.2247 
_refine.ls_R_factor_R_free                       0.2574 
_refine.ls_R_factor_R_free_error                 ? 
_refine.ls_R_factor_R_free_error_details         ? 
_refine.ls_percent_reflns_R_free                 4.37 
_refine.ls_number_reflns_R_free                  153 
_refine.ls_number_parameters                     ? 
_refine.ls_number_restraints                     ? 
_refine.occupancy_min                            ? 
_refine.occupancy_max                            ? 
_refine.correlation_coeff_Fo_to_Fc               ? 
_refine.correlation_coeff_Fo_to_Fc_free          ? 
_refine.B_iso_mean                               ? 
_refine.aniso_B[1][1]                            -12.4937 
_refine.aniso_B[2][2]                            16.1412 
_refine.aniso_B[3][3]                            -3.6475 
_refine.aniso_B[1][2]                            0.0000 
_refine.aniso_B[1][3]                            0.5254 
_refine.aniso_B[2][3]                            0.0000 
_refine.solvent_model_details                    'FLAT BULK SOLVENT MODEL' 
_refine.solvent_model_param_ksol                 0.362 
_refine.solvent_model_param_bsol                 42.554 
_refine.pdbx_solvent_vdw_probe_radii             1.11 
_refine.pdbx_solvent_ion_probe_radii             ? 
_refine.pdbx_solvent_shrinkage_radii             0.90 
_refine.pdbx_ls_cross_valid_method               ? 
_refine.details                                  ? 
_refine.pdbx_starting_model                      'PDB ENTRY 1VDG' 
_refine.pdbx_method_to_determine_struct          'MOLECULAR REPLACEMENT' 
_refine.pdbx_isotropic_thermal_model             ? 
_refine.pdbx_stereochemistry_target_values       ML 
_refine.pdbx_stereochem_target_val_spec_case     ? 
_refine.pdbx_R_Free_selection_details            ? 
_refine.pdbx_overall_ESU_R_Free                  ? 
_refine.overall_SU_ML                            0.18 
_refine.pdbx_overall_phase_error                 29.01 
_refine.overall_SU_B                             ? 
_refine.overall_SU_R_Cruickshank_DPI             ? 
_refine.pdbx_overall_SU_R_free_Cruickshank_DPI   ? 
_refine.pdbx_overall_SU_R_Blow_DPI               ? 
_refine.pdbx_overall_SU_R_free_Blow_DPI          ? 
_refine.ls_redundancy_reflns_obs                 ? 
_refine.B_iso_min                                ? 
_refine.B_iso_max                                ? 
_refine.overall_SU_R_free                        ? 
_refine.ls_wR_factor_R_free                      ? 
_refine.ls_wR_factor_R_work                      ? 
_refine.overall_FOM_free_R_set                   ? 
_refine.overall_FOM_work_R_set                   ? 
_refine.pdbx_overall_ESU_R                       ? 
_refine.pdbx_diffrn_id                           1 
_refine.pdbx_TLS_residual_ADP_flag               ? 
# 
_refine_hist.pdbx_refine_id                   'X-RAY DIFFRACTION' 
_refine_hist.cycle_id                         LAST 
_refine_hist.pdbx_number_atoms_protein        755 
_refine_hist.pdbx_number_atoms_nucleic_acid   0 
_refine_hist.pdbx_number_atoms_ligand         0 
_refine_hist.number_atoms_solvent             32 
_refine_hist.number_atoms_total               787 
_refine_hist.d_res_high                       2.500 
_refine_hist.d_res_low                        23.947 
# 
loop_
_refine_ls_restr.type 
_refine_ls_restr.dev_ideal 
_refine_ls_restr.dev_ideal_target 
_refine_ls_restr.weight 
_refine_ls_restr.number 
_refine_ls_restr.pdbx_refine_id 
_refine_ls_restr.pdbx_restraint_function 
f_bond_d           0.005  ? ? 777  'X-RAY DIFFRACTION' ? 
f_angle_d          1.025  ? ? 1058 'X-RAY DIFFRACTION' ? 
f_dihedral_angle_d 16.681 ? ? 282  'X-RAY DIFFRACTION' ? 
f_chiral_restr     0.075  ? ? 120  'X-RAY DIFFRACTION' ? 
f_plane_restr      0.004  ? ? 131  'X-RAY DIFFRACTION' ? 
# 
loop_
_refine_ls_shell.pdbx_refine_id 
_refine_ls_shell.pdbx_total_number_of_bins_used 
_refine_ls_shell.d_res_high 
_refine_ls_shell.d_res_low 
_refine_ls_shell.number_reflns_R_work 
_refine_ls_shell.R_factor_R_work 
_refine_ls_shell.percent_reflns_obs 
_refine_ls_shell.R_factor_R_free 
_refine_ls_shell.R_factor_R_free_error 
_refine_ls_shell.percent_reflns_R_free 
_refine_ls_shell.number_reflns_R_free 
_refine_ls_shell.number_reflns_all 
_refine_ls_shell.R_factor_all 
'X-RAY DIFFRACTION' . 2.5004 2.8617  974  0.2798 90.00 0.3061 . . 108 . . 
'X-RAY DIFFRACTION' . 2.8617 3.6034  1060 0.2438 96.00 0.2421 . . 119 . . 
'X-RAY DIFFRACTION' . 3.6034 23.9485 1117 0.2170 97.00 0.2419 . . 124 . . 
# 
_struct.entry_id                  3Q2C 
_struct.title                     
'Binding properties to HLA class I molecules and the structure of the leukocyte Ig-like receptor A3 (LILRA3/ILT6/LIR4/CD85e)' 
_struct.pdbx_model_details        ? 
_struct.pdbx_CASP_flag            ? 
_struct.pdbx_model_type_details   ? 
# 
_struct_keywords.entry_id        3Q2C 
_struct_keywords.pdbx_keywords   'IMMUNE SYSTEM' 
_struct_keywords.text            'LILRA3, ILT6, Activating receptor, HLA binding, IMMUNE SYSTEM' 
# 
loop_
_struct_asym.id 
_struct_asym.pdbx_blank_PDB_chainid_flag 
_struct_asym.pdbx_modified 
_struct_asym.entity_id 
_struct_asym.details 
A N N 1 ? 
B N N 2 ? 
# 
_struct_ref.id                         1 
_struct_ref.db_name                    UNP 
_struct_ref.db_code                    LIRA3_HUMAN 
_struct_ref.pdbx_db_accession          Q8N6C8 
_struct_ref.entity_id                  1 
_struct_ref.pdbx_seq_one_letter_code   
;GPLPKPTLWAEPGSVITQGSPVTLRCQGSLETQEYHLYREKKTALWITRIPQELVKKGQFPILSITWEHAGRYCCIYGSH
TAGLSESSDPLELVVTG
;
_struct_ref.pdbx_align_begin           24 
_struct_ref.pdbx_db_isoform            ? 
# 
_struct_ref_seq.align_id                      1 
_struct_ref_seq.ref_id                        1 
_struct_ref_seq.pdbx_PDB_id_code              3Q2C 
_struct_ref_seq.pdbx_strand_id                A 
_struct_ref_seq.seq_align_beg                 1 
_struct_ref_seq.pdbx_seq_align_beg_ins_code   ? 
_struct_ref_seq.seq_align_end                 97 
_struct_ref_seq.pdbx_seq_align_end_ins_code   ? 
_struct_ref_seq.pdbx_db_accession             Q8N6C8 
_struct_ref_seq.db_align_beg                  24 
_struct_ref_seq.pdbx_db_align_beg_ins_code    ? 
_struct_ref_seq.db_align_end                  120 
_struct_ref_seq.pdbx_db_align_end_ins_code    ? 
_struct_ref_seq.pdbx_auth_seq_align_beg       1 
_struct_ref_seq.pdbx_auth_seq_align_end       97 
# 
_struct_ref_seq_dif.align_id                     1 
_struct_ref_seq_dif.pdbx_pdb_id_code             3Q2C 
_struct_ref_seq_dif.mon_id                       VAL 
_struct_ref_seq_dif.pdbx_pdb_strand_id           A 
_struct_ref_seq_dif.seq_num                      82 
_struct_ref_seq_dif.pdbx_pdb_ins_code            ? 
_struct_ref_seq_dif.pdbx_seq_db_name             UNP 
_struct_ref_seq_dif.pdbx_seq_db_accession_code   Q8N6C8 
_struct_ref_seq_dif.db_mon_id                    ALA 
_struct_ref_seq_dif.pdbx_seq_db_seq_num          105 
_struct_ref_seq_dif.details                      'SEE REMARK 999' 
_struct_ref_seq_dif.pdbx_auth_seq_num            82 
_struct_ref_seq_dif.pdbx_ordinal                 1 
# 
_pdbx_struct_assembly.id                   1 
_pdbx_struct_assembly.details              author_defined_assembly 
_pdbx_struct_assembly.method_details       ? 
_pdbx_struct_assembly.oligomeric_details   monomeric 
_pdbx_struct_assembly.oligomeric_count     1 
# 
_pdbx_struct_assembly_gen.assembly_id       1 
_pdbx_struct_assembly_gen.oper_expression   1 
_pdbx_struct_assembly_gen.asym_id_list      A,B 
# 
_pdbx_struct_oper_list.id                   1 
_pdbx_struct_oper_list.type                 'identity operation' 
_pdbx_struct_oper_list.name                 1_555 
_pdbx_struct_oper_list.symmetry_operation   x,y,z 
_pdbx_struct_oper_list.matrix[1][1]         1.0000000000 
_pdbx_struct_oper_list.matrix[1][2]         0.0000000000 
_pdbx_struct_oper_list.matrix[1][3]         0.0000000000 
_pdbx_struct_oper_list.vector[1]            0.0000000000 
_pdbx_struct_oper_list.matrix[2][1]         0.0000000000 
_pdbx_struct_oper_list.matrix[2][2]         1.0000000000 
_pdbx_struct_oper_list.matrix[2][3]         0.0000000000 
_pdbx_struct_oper_list.vector[2]            0.0000000000 
_pdbx_struct_oper_list.matrix[3][1]         0.0000000000 
_pdbx_struct_oper_list.matrix[3][2]         0.0000000000 
_pdbx_struct_oper_list.matrix[3][3]         1.0000000000 
_pdbx_struct_oper_list.vector[3]            0.0000000000 
# 
_struct_biol.id        1 
_struct_biol.details   ? 
# 
loop_
_struct_conf.conf_type_id 
_struct_conf.id 
_struct_conf.pdbx_PDB_helix_id 
_struct_conf.beg_label_comp_id 
_struct_conf.beg_label_asym_id 
_struct_conf.beg_label_seq_id 
_struct_conf.pdbx_beg_PDB_ins_code 
_struct_conf.end_label_comp_id 
_struct_conf.end_label_asym_id 
_struct_conf.end_label_seq_id 
_struct_conf.pdbx_end_PDB_ins_code 
_struct_conf.beg_auth_comp_id 
_struct_conf.beg_auth_asym_id 
_struct_conf.beg_auth_seq_id 
_struct_conf.end_auth_comp_id 
_struct_conf.end_auth_asym_id 
_struct_conf.end_auth_seq_id 
_struct_conf.pdbx_PDB_helix_class 
_struct_conf.details 
_struct_conf.pdbx_PDB_helix_length 
HELX_P HELX_P1 1 ALA A 44 ? ILE A 50 ? ALA A 44 ILE A 50 5 ? 7 
HELX_P HELX_P2 2 PRO A 51 ? LYS A 57 ? PRO A 51 LYS A 57 1 ? 7 
HELX_P HELX_P3 3 THR A 66 ? ALA A 70 ? THR A 66 ALA A 70 5 ? 5 
# 
_struct_conf_type.id          HELX_P 
_struct_conf_type.criteria    ? 
_struct_conf_type.reference   ? 
# 
_struct_conn.id                            disulf1 
_struct_conn.conn_type_id                  disulf 
_struct_conn.pdbx_leaving_atom_flag        ? 
_struct_conn.pdbx_PDB_id                   ? 
_struct_conn.ptnr1_label_asym_id           A 
_struct_conn.ptnr1_label_comp_id           CYS 
_struct_conn.ptnr1_label_seq_id            26 
_struct_conn.ptnr1_label_atom_id           SG 
_struct_conn.pdbx_ptnr1_label_alt_id       ? 
_struct_conn.pdbx_ptnr1_PDB_ins_code       ? 
_struct_conn.pdbx_ptnr1_standard_comp_id   ? 
_struct_conn.ptnr1_symmetry                1_555 
_struct_conn.ptnr2_label_asym_id           A 
_struct_conn.ptnr2_label_comp_id           CYS 
_struct_conn.ptnr2_label_seq_id            75 
_struct_conn.ptnr2_label_atom_id           SG 
_struct_conn.pdbx_ptnr2_label_alt_id       ? 
_struct_conn.pdbx_ptnr2_PDB_ins_code       ? 
_struct_conn.ptnr1_auth_asym_id            A 
_struct_conn.ptnr1_auth_comp_id            CYS 
_struct_conn.ptnr1_auth_seq_id             26 
_struct_conn.ptnr2_auth_asym_id            A 
_struct_conn.ptnr2_auth_comp_id            CYS 
_struct_conn.ptnr2_auth_seq_id             75 
_struct_conn.ptnr2_symmetry                1_555 
_struct_conn.pdbx_ptnr3_label_atom_id      ? 
_struct_conn.pdbx_ptnr3_label_seq_id       ? 
_struct_conn.pdbx_ptnr3_label_comp_id      ? 
_struct_conn.pdbx_ptnr3_label_asym_id      ? 
_struct_conn.pdbx_ptnr3_label_alt_id       ? 
_struct_conn.pdbx_ptnr3_PDB_ins_code       ? 
_struct_conn.details                       ? 
_struct_conn.pdbx_dist_value               2.025 
_struct_conn.pdbx_value_order              ? 
_struct_conn.pdbx_role                     ? 
# 
_struct_conn_type.id          disulf 
_struct_conn_type.criteria    ? 
_struct_conn_type.reference   ? 
# 
_pdbx_modification_feature.ordinal                            1 
_pdbx_modification_feature.label_comp_id                      CYS 
_pdbx_modification_feature.label_asym_id                      A 
_pdbx_modification_feature.label_seq_id                       26 
_pdbx_modification_feature.label_alt_id                       ? 
_pdbx_modification_feature.modified_residue_label_comp_id     CYS 
_pdbx_modification_feature.modified_residue_label_asym_id     A 
_pdbx_modification_feature.modified_residue_label_seq_id      75 
_pdbx_modification_feature.modified_residue_label_alt_id      ? 
_pdbx_modification_feature.auth_comp_id                       CYS 
_pdbx_modification_feature.auth_asym_id                       A 
_pdbx_modification_feature.auth_seq_id                        26 
_pdbx_modification_feature.PDB_ins_code                       ? 
_pdbx_modification_feature.symmetry                           1_555 
_pdbx_modification_feature.modified_residue_auth_comp_id      CYS 
_pdbx_modification_feature.modified_residue_auth_asym_id      A 
_pdbx_modification_feature.modified_residue_auth_seq_id       75 
_pdbx_modification_feature.modified_residue_PDB_ins_code      ? 
_pdbx_modification_feature.modified_residue_symmetry          1_555 
_pdbx_modification_feature.comp_id_linking_atom               SG 
_pdbx_modification_feature.modified_residue_id_linking_atom   SG 
_pdbx_modification_feature.modified_residue_id                . 
_pdbx_modification_feature.ref_pcm_id                         . 
_pdbx_modification_feature.ref_comp_id                        . 
_pdbx_modification_feature.type                               None 
_pdbx_modification_feature.category                           'Disulfide bridge' 
# 
loop_
_struct_mon_prot_cis.pdbx_id 
_struct_mon_prot_cis.label_comp_id 
_struct_mon_prot_cis.label_seq_id 
_struct_mon_prot_cis.label_asym_id 
_struct_mon_prot_cis.label_alt_id 
_struct_mon_prot_cis.pdbx_PDB_ins_code 
_struct_mon_prot_cis.auth_comp_id 
_struct_mon_prot_cis.auth_seq_id 
_struct_mon_prot_cis.auth_asym_id 
_struct_mon_prot_cis.pdbx_label_comp_id_2 
_struct_mon_prot_cis.pdbx_label_seq_id_2 
_struct_mon_prot_cis.pdbx_label_asym_id_2 
_struct_mon_prot_cis.pdbx_PDB_ins_code_2 
_struct_mon_prot_cis.pdbx_auth_comp_id_2 
_struct_mon_prot_cis.pdbx_auth_seq_id_2 
_struct_mon_prot_cis.pdbx_auth_asym_id_2 
_struct_mon_prot_cis.pdbx_PDB_model_num 
_struct_mon_prot_cis.pdbx_omega_angle 
1 GLU 11 A . ? GLU 11 A PRO 12 A ? PRO 12 A 1 3.76  
2 THR 81 A . ? THR 81 A VAL 82 A ? VAL 82 A 1 18.17 
# 
loop_
_struct_sheet.id 
_struct_sheet.type 
_struct_sheet.number_strands 
_struct_sheet.details 
A ? 3 ? 
B ? 4 ? 
C ? 4 ? 
# 
loop_
_struct_sheet_order.sheet_id 
_struct_sheet_order.range_id_1 
_struct_sheet_order.range_id_2 
_struct_sheet_order.offset 
_struct_sheet_order.sense 
A 1 2 ? anti-parallel 
A 2 3 ? anti-parallel 
B 1 2 ? parallel      
B 2 3 ? anti-parallel 
B 3 4 ? anti-parallel 
C 1 2 ? parallel      
C 2 3 ? anti-parallel 
C 3 4 ? anti-parallel 
# 
loop_
_struct_sheet_range.sheet_id 
_struct_sheet_range.id 
_struct_sheet_range.beg_label_comp_id 
_struct_sheet_range.beg_label_asym_id 
_struct_sheet_range.beg_label_seq_id 
_struct_sheet_range.pdbx_beg_PDB_ins_code 
_struct_sheet_range.end_label_comp_id 
_struct_sheet_range.end_label_asym_id 
_struct_sheet_range.end_label_seq_id 
_struct_sheet_range.pdbx_end_PDB_ins_code 
_struct_sheet_range.beg_auth_comp_id 
_struct_sheet_range.beg_auth_asym_id 
_struct_sheet_range.beg_auth_seq_id 
_struct_sheet_range.end_auth_comp_id 
_struct_sheet_range.end_auth_asym_id 
_struct_sheet_range.end_auth_seq_id 
A 1 THR A 7  ? GLU A 11 ? THR A 7  GLU A 11 
A 2 VAL A 22 ? GLN A 27 ? VAL A 22 GLN A 27 
A 3 GLN A 59 ? ILE A 62 ? GLN A 59 ILE A 62 
B 1 VAL A 15 ? THR A 17 ? VAL A 15 THR A 17 
B 2 LEU A 91 ? THR A 96 ? LEU A 91 THR A 96 
B 3 GLY A 71 ? SER A 79 ? GLY A 71 SER A 79 
B 4 TYR A 35 ? ARG A 39 ? TYR A 35 ARG A 39 
C 1 VAL A 15 ? THR A 17 ? VAL A 15 THR A 17 
C 2 LEU A 91 ? THR A 96 ? LEU A 91 THR A 96 
C 3 GLY A 71 ? SER A 79 ? GLY A 71 SER A 79 
C 4 GLY A 83 ? LEU A 84 ? GLY A 83 LEU A 84 
# 
loop_
_pdbx_struct_sheet_hbond.sheet_id 
_pdbx_struct_sheet_hbond.range_id_1 
_pdbx_struct_sheet_hbond.range_id_2 
_pdbx_struct_sheet_hbond.range_1_label_atom_id 
_pdbx_struct_sheet_hbond.range_1_label_comp_id 
_pdbx_struct_sheet_hbond.range_1_label_asym_id 
_pdbx_struct_sheet_hbond.range_1_label_seq_id 
_pdbx_struct_sheet_hbond.range_1_PDB_ins_code 
_pdbx_struct_sheet_hbond.range_1_auth_atom_id 
_pdbx_struct_sheet_hbond.range_1_auth_comp_id 
_pdbx_struct_sheet_hbond.range_1_auth_asym_id 
_pdbx_struct_sheet_hbond.range_1_auth_seq_id 
_pdbx_struct_sheet_hbond.range_2_label_atom_id 
_pdbx_struct_sheet_hbond.range_2_label_comp_id 
_pdbx_struct_sheet_hbond.range_2_label_asym_id 
_pdbx_struct_sheet_hbond.range_2_label_seq_id 
_pdbx_struct_sheet_hbond.range_2_PDB_ins_code 
_pdbx_struct_sheet_hbond.range_2_auth_atom_id 
_pdbx_struct_sheet_hbond.range_2_auth_comp_id 
_pdbx_struct_sheet_hbond.range_2_auth_asym_id 
_pdbx_struct_sheet_hbond.range_2_auth_seq_id 
A 1 2 N TRP A 9  ? N TRP A 9  O ARG A 25 ? O ARG A 25 
A 2 3 N LEU A 24 ? N LEU A 24 O PHE A 60 ? O PHE A 60 
B 1 2 N ILE A 16 ? N ILE A 16 O VAL A 94 ? O VAL A 94 
B 2 3 O LEU A 93 ? O LEU A 93 N GLY A 71 ? N GLY A 71 
B 3 4 O CYS A 74 ? O CYS A 74 N TYR A 38 ? N TYR A 38 
C 1 2 N ILE A 16 ? N ILE A 16 O VAL A 94 ? O VAL A 94 
C 2 3 O LEU A 93 ? O LEU A 93 N GLY A 71 ? N GLY A 71 
C 3 4 N SER A 79 ? N SER A 79 O GLY A 83 ? O GLY A 83 
# 
_pdbx_entry_details.entry_id                   3Q2C 
_pdbx_entry_details.nonpolymer_details         ? 
_pdbx_entry_details.sequence_details           
;THE SEQUENCE IS BASED ON REFERENCE 3 OF DATABASE Q8N6C8 (LIRA3_HUMAN). RESIDUE VAL 82 (UNP RESIDUE NUMBER 105) IS A SEQUENCE CONFLICT.
;
_pdbx_entry_details.compound_details           ? 
_pdbx_entry_details.source_details             ? 
_pdbx_entry_details.has_ligand_of_interest     ? 
_pdbx_entry_details.has_protein_modification   Y 
# 
loop_
_pdbx_validate_torsion.id 
_pdbx_validate_torsion.PDB_model_num 
_pdbx_validate_torsion.auth_comp_id 
_pdbx_validate_torsion.auth_asym_id 
_pdbx_validate_torsion.auth_seq_id 
_pdbx_validate_torsion.PDB_ins_code 
_pdbx_validate_torsion.label_alt_id 
_pdbx_validate_torsion.phi 
_pdbx_validate_torsion.psi 
1 1 SER A 29 ? ? -147.80 -74.33  
2 1 LEU A 30 ? ? -68.94  -176.42 
3 1 GLN A 33 ? ? 94.77   -14.12  
# 
_pdbx_refine_tls.pdbx_refine_id   'X-RAY DIFFRACTION' 
_pdbx_refine_tls.id               1 
_pdbx_refine_tls.details          ? 
_pdbx_refine_tls.method           refined 
_pdbx_refine_tls.origin_x         0.0545 
_pdbx_refine_tls.origin_y         0.0337 
_pdbx_refine_tls.origin_z         -0.2867 
_pdbx_refine_tls.T[1][1]          0.2353 
_pdbx_refine_tls.T[2][2]          0.2362 
_pdbx_refine_tls.T[3][3]          0.2072 
_pdbx_refine_tls.T[1][2]          0.0018 
_pdbx_refine_tls.T[1][3]          -0.0090 
_pdbx_refine_tls.T[2][3]          0.0003 
_pdbx_refine_tls.L[1][1]          1.0993 
_pdbx_refine_tls.L[2][2]          0.3173 
_pdbx_refine_tls.L[3][3]          1.1100 
_pdbx_refine_tls.L[1][2]          -0.0281 
_pdbx_refine_tls.L[1][3]          0.0330 
_pdbx_refine_tls.L[2][3]          0.2086 
_pdbx_refine_tls.S[1][1]          -0.0522 
_pdbx_refine_tls.S[1][2]          -0.0562 
_pdbx_refine_tls.S[1][3]          0.0222 
_pdbx_refine_tls.S[2][1]          -0.0440 
_pdbx_refine_tls.S[2][2]          0.0299 
_pdbx_refine_tls.S[2][3]          0.0158 
_pdbx_refine_tls.S[3][1]          -0.1807 
_pdbx_refine_tls.S[3][2]          0.0734 
_pdbx_refine_tls.S[3][3]          0.0259 
# 
_pdbx_refine_tls_group.pdbx_refine_id      'X-RAY DIFFRACTION' 
_pdbx_refine_tls_group.id                  1 
_pdbx_refine_tls_group.refine_tls_id       1 
_pdbx_refine_tls_group.beg_auth_asym_id    ? 
_pdbx_refine_tls_group.beg_auth_seq_id     ? 
_pdbx_refine_tls_group.beg_label_asym_id   ? 
_pdbx_refine_tls_group.beg_label_seq_id    ? 
_pdbx_refine_tls_group.end_auth_asym_id    ? 
_pdbx_refine_tls_group.end_auth_seq_id     ? 
_pdbx_refine_tls_group.end_label_asym_id   ? 
_pdbx_refine_tls_group.end_label_seq_id    ? 
_pdbx_refine_tls_group.selection           ? 
_pdbx_refine_tls_group.selection_details   all 
# 
_pdbx_unobs_or_zero_occ_residues.id               1 
_pdbx_unobs_or_zero_occ_residues.PDB_model_num    1 
_pdbx_unobs_or_zero_occ_residues.polymer_flag     Y 
_pdbx_unobs_or_zero_occ_residues.occupancy_flag   1 
_pdbx_unobs_or_zero_occ_residues.auth_asym_id     A 
_pdbx_unobs_or_zero_occ_residues.auth_comp_id     GLY 
_pdbx_unobs_or_zero_occ_residues.auth_seq_id      1 
_pdbx_unobs_or_zero_occ_residues.PDB_ins_code     ? 
_pdbx_unobs_or_zero_occ_residues.label_asym_id    A 
_pdbx_unobs_or_zero_occ_residues.label_comp_id    GLY 
_pdbx_unobs_or_zero_occ_residues.label_seq_id     1 
# 
loop_
_chem_comp_atom.comp_id 
_chem_comp_atom.atom_id 
_chem_comp_atom.type_symbol 
_chem_comp_atom.pdbx_aromatic_flag 
_chem_comp_atom.pdbx_stereo_config 
_chem_comp_atom.pdbx_ordinal 
ALA N    N N N 1   
ALA CA   C N S 2   
ALA C    C N N 3   
ALA O    O N N 4   
ALA CB   C N N 5   
ALA OXT  O N N 6   
ALA H    H N N 7   
ALA H2   H N N 8   
ALA HA   H N N 9   
ALA HB1  H N N 10  
ALA HB2  H N N 11  
ALA HB3  H N N 12  
ALA HXT  H N N 13  
ARG N    N N N 14  
ARG CA   C N S 15  
ARG C    C N N 16  
ARG O    O N N 17  
ARG CB   C N N 18  
ARG CG   C N N 19  
ARG CD   C N N 20  
ARG NE   N N N 21  
ARG CZ   C N N 22  
ARG NH1  N N N 23  
ARG NH2  N N N 24  
ARG OXT  O N N 25  
ARG H    H N N 26  
ARG H2   H N N 27  
ARG HA   H N N 28  
ARG HB2  H N N 29  
ARG HB3  H N N 30  
ARG HG2  H N N 31  
ARG HG3  H N N 32  
ARG HD2  H N N 33  
ARG HD3  H N N 34  
ARG HE   H N N 35  
ARG HH11 H N N 36  
ARG HH12 H N N 37  
ARG HH21 H N N 38  
ARG HH22 H N N 39  
ARG HXT  H N N 40  
ASP N    N N N 41  
ASP CA   C N S 42  
ASP C    C N N 43  
ASP O    O N N 44  
ASP CB   C N N 45  
ASP CG   C N N 46  
ASP OD1  O N N 47  
ASP OD2  O N N 48  
ASP OXT  O N N 49  
ASP H    H N N 50  
ASP H2   H N N 51  
ASP HA   H N N 52  
ASP HB2  H N N 53  
ASP HB3  H N N 54  
ASP HD2  H N N 55  
ASP HXT  H N N 56  
CYS N    N N N 57  
CYS CA   C N R 58  
CYS C    C N N 59  
CYS O    O N N 60  
CYS CB   C N N 61  
CYS SG   S N N 62  
CYS OXT  O N N 63  
CYS H    H N N 64  
CYS H2   H N N 65  
CYS HA   H N N 66  
CYS HB2  H N N 67  
CYS HB3  H N N 68  
CYS HG   H N N 69  
CYS HXT  H N N 70  
GLN N    N N N 71  
GLN CA   C N S 72  
GLN C    C N N 73  
GLN O    O N N 74  
GLN CB   C N N 75  
GLN CG   C N N 76  
GLN CD   C N N 77  
GLN OE1  O N N 78  
GLN NE2  N N N 79  
GLN OXT  O N N 80  
GLN H    H N N 81  
GLN H2   H N N 82  
GLN HA   H N N 83  
GLN HB2  H N N 84  
GLN HB3  H N N 85  
GLN HG2  H N N 86  
GLN HG3  H N N 87  
GLN HE21 H N N 88  
GLN HE22 H N N 89  
GLN HXT  H N N 90  
GLU N    N N N 91  
GLU CA   C N S 92  
GLU C    C N N 93  
GLU O    O N N 94  
GLU CB   C N N 95  
GLU CG   C N N 96  
GLU CD   C N N 97  
GLU OE1  O N N 98  
GLU OE2  O N N 99  
GLU OXT  O N N 100 
GLU H    H N N 101 
GLU H2   H N N 102 
GLU HA   H N N 103 
GLU HB2  H N N 104 
GLU HB3  H N N 105 
GLU HG2  H N N 106 
GLU HG3  H N N 107 
GLU HE2  H N N 108 
GLU HXT  H N N 109 
GLY N    N N N 110 
GLY CA   C N N 111 
GLY C    C N N 112 
GLY O    O N N 113 
GLY OXT  O N N 114 
GLY H    H N N 115 
GLY H2   H N N 116 
GLY HA2  H N N 117 
GLY HA3  H N N 118 
GLY HXT  H N N 119 
HIS N    N N N 120 
HIS CA   C N S 121 
HIS C    C N N 122 
HIS O    O N N 123 
HIS CB   C N N 124 
HIS CG   C Y N 125 
HIS ND1  N Y N 126 
HIS CD2  C Y N 127 
HIS CE1  C Y N 128 
HIS NE2  N Y N 129 
HIS OXT  O N N 130 
HIS H    H N N 131 
HIS H2   H N N 132 
HIS HA   H N N 133 
HIS HB2  H N N 134 
HIS HB3  H N N 135 
HIS HD1  H N N 136 
HIS HD2  H N N 137 
HIS HE1  H N N 138 
HIS HE2  H N N 139 
HIS HXT  H N N 140 
HOH O    O N N 141 
HOH H1   H N N 142 
HOH H2   H N N 143 
ILE N    N N N 144 
ILE CA   C N S 145 
ILE C    C N N 146 
ILE O    O N N 147 
ILE CB   C N S 148 
ILE CG1  C N N 149 
ILE CG2  C N N 150 
ILE CD1  C N N 151 
ILE OXT  O N N 152 
ILE H    H N N 153 
ILE H2   H N N 154 
ILE HA   H N N 155 
ILE HB   H N N 156 
ILE HG12 H N N 157 
ILE HG13 H N N 158 
ILE HG21 H N N 159 
ILE HG22 H N N 160 
ILE HG23 H N N 161 
ILE HD11 H N N 162 
ILE HD12 H N N 163 
ILE HD13 H N N 164 
ILE HXT  H N N 165 
LEU N    N N N 166 
LEU CA   C N S 167 
LEU C    C N N 168 
LEU O    O N N 169 
LEU CB   C N N 170 
LEU CG   C N N 171 
LEU CD1  C N N 172 
LEU CD2  C N N 173 
LEU OXT  O N N 174 
LEU H    H N N 175 
LEU H2   H N N 176 
LEU HA   H N N 177 
LEU HB2  H N N 178 
LEU HB3  H N N 179 
LEU HG   H N N 180 
LEU HD11 H N N 181 
LEU HD12 H N N 182 
LEU HD13 H N N 183 
LEU HD21 H N N 184 
LEU HD22 H N N 185 
LEU HD23 H N N 186 
LEU HXT  H N N 187 
LYS N    N N N 188 
LYS CA   C N S 189 
LYS C    C N N 190 
LYS O    O N N 191 
LYS CB   C N N 192 
LYS CG   C N N 193 
LYS CD   C N N 194 
LYS CE   C N N 195 
LYS NZ   N N N 196 
LYS OXT  O N N 197 
LYS H    H N N 198 
LYS H2   H N N 199 
LYS HA   H N N 200 
LYS HB2  H N N 201 
LYS HB3  H N N 202 
LYS HG2  H N N 203 
LYS HG3  H N N 204 
LYS HD2  H N N 205 
LYS HD3  H N N 206 
LYS HE2  H N N 207 
LYS HE3  H N N 208 
LYS HZ1  H N N 209 
LYS HZ2  H N N 210 
LYS HZ3  H N N 211 
LYS HXT  H N N 212 
PHE N    N N N 213 
PHE CA   C N S 214 
PHE C    C N N 215 
PHE O    O N N 216 
PHE CB   C N N 217 
PHE CG   C Y N 218 
PHE CD1  C Y N 219 
PHE CD2  C Y N 220 
PHE CE1  C Y N 221 
PHE CE2  C Y N 222 
PHE CZ   C Y N 223 
PHE OXT  O N N 224 
PHE H    H N N 225 
PHE H2   H N N 226 
PHE HA   H N N 227 
PHE HB2  H N N 228 
PHE HB3  H N N 229 
PHE HD1  H N N 230 
PHE HD2  H N N 231 
PHE HE1  H N N 232 
PHE HE2  H N N 233 
PHE HZ   H N N 234 
PHE HXT  H N N 235 
PRO N    N N N 236 
PRO CA   C N S 237 
PRO C    C N N 238 
PRO O    O N N 239 
PRO CB   C N N 240 
PRO CG   C N N 241 
PRO CD   C N N 242 
PRO OXT  O N N 243 
PRO H    H N N 244 
PRO HA   H N N 245 
PRO HB2  H N N 246 
PRO HB3  H N N 247 
PRO HG2  H N N 248 
PRO HG3  H N N 249 
PRO HD2  H N N 250 
PRO HD3  H N N 251 
PRO HXT  H N N 252 
SER N    N N N 253 
SER CA   C N S 254 
SER C    C N N 255 
SER O    O N N 256 
SER CB   C N N 257 
SER OG   O N N 258 
SER OXT  O N N 259 
SER H    H N N 260 
SER H2   H N N 261 
SER HA   H N N 262 
SER HB2  H N N 263 
SER HB3  H N N 264 
SER HG   H N N 265 
SER HXT  H N N 266 
THR N    N N N 267 
THR CA   C N S 268 
THR C    C N N 269 
THR O    O N N 270 
THR CB   C N R 271 
THR OG1  O N N 272 
THR CG2  C N N 273 
THR OXT  O N N 274 
THR H    H N N 275 
THR H2   H N N 276 
THR HA   H N N 277 
THR HB   H N N 278 
THR HG1  H N N 279 
THR HG21 H N N 280 
THR HG22 H N N 281 
THR HG23 H N N 282 
THR HXT  H N N 283 
TRP N    N N N 284 
TRP CA   C N S 285 
TRP C    C N N 286 
TRP O    O N N 287 
TRP CB   C N N 288 
TRP CG   C Y N 289 
TRP CD1  C Y N 290 
TRP CD2  C Y N 291 
TRP NE1  N Y N 292 
TRP CE2  C Y N 293 
TRP CE3  C Y N 294 
TRP CZ2  C Y N 295 
TRP CZ3  C Y N 296 
TRP CH2  C Y N 297 
TRP OXT  O N N 298 
TRP H    H N N 299 
TRP H2   H N N 300 
TRP HA   H N N 301 
TRP HB2  H N N 302 
TRP HB3  H N N 303 
TRP HD1  H N N 304 
TRP HE1  H N N 305 
TRP HE3  H N N 306 
TRP HZ2  H N N 307 
TRP HZ3  H N N 308 
TRP HH2  H N N 309 
TRP HXT  H N N 310 
TYR N    N N N 311 
TYR CA   C N S 312 
TYR C    C N N 313 
TYR O    O N N 314 
TYR CB   C N N 315 
TYR CG   C Y N 316 
TYR CD1  C Y N 317 
TYR CD2  C Y N 318 
TYR CE1  C Y N 319 
TYR CE2  C Y N 320 
TYR CZ   C Y N 321 
TYR OH   O N N 322 
TYR OXT  O N N 323 
TYR H    H N N 324 
TYR H2   H N N 325 
TYR HA   H N N 326 
TYR HB2  H N N 327 
TYR HB3  H N N 328 
TYR HD1  H N N 329 
TYR HD2  H N N 330 
TYR HE1  H N N 331 
TYR HE2  H N N 332 
TYR HH   H N N 333 
TYR HXT  H N N 334 
VAL N    N N N 335 
VAL CA   C N S 336 
VAL C    C N N 337 
VAL O    O N N 338 
VAL CB   C N N 339 
VAL CG1  C N N 340 
VAL CG2  C N N 341 
VAL OXT  O N N 342 
VAL H    H N N 343 
VAL H2   H N N 344 
VAL HA   H N N 345 
VAL HB   H N N 346 
VAL HG11 H N N 347 
VAL HG12 H N N 348 
VAL HG13 H N N 349 
VAL HG21 H N N 350 
VAL HG22 H N N 351 
VAL HG23 H N N 352 
VAL HXT  H N N 353 
# 
loop_
_chem_comp_bond.comp_id 
_chem_comp_bond.atom_id_1 
_chem_comp_bond.atom_id_2 
_chem_comp_bond.value_order 
_chem_comp_bond.pdbx_aromatic_flag 
_chem_comp_bond.pdbx_stereo_config 
_chem_comp_bond.pdbx_ordinal 
ALA N   CA   sing N N 1   
ALA N   H    sing N N 2   
ALA N   H2   sing N N 3   
ALA CA  C    sing N N 4   
ALA CA  CB   sing N N 5   
ALA CA  HA   sing N N 6   
ALA C   O    doub N N 7   
ALA C   OXT  sing N N 8   
ALA CB  HB1  sing N N 9   
ALA CB  HB2  sing N N 10  
ALA CB  HB3  sing N N 11  
ALA OXT HXT  sing N N 12  
ARG N   CA   sing N N 13  
ARG N   H    sing N N 14  
ARG N   H2   sing N N 15  
ARG CA  C    sing N N 16  
ARG CA  CB   sing N N 17  
ARG CA  HA   sing N N 18  
ARG C   O    doub N N 19  
ARG C   OXT  sing N N 20  
ARG CB  CG   sing N N 21  
ARG CB  HB2  sing N N 22  
ARG CB  HB3  sing N N 23  
ARG CG  CD   sing N N 24  
ARG CG  HG2  sing N N 25  
ARG CG  HG3  sing N N 26  
ARG CD  NE   sing N N 27  
ARG CD  HD2  sing N N 28  
ARG CD  HD3  sing N N 29  
ARG NE  CZ   sing N N 30  
ARG NE  HE   sing N N 31  
ARG CZ  NH1  sing N N 32  
ARG CZ  NH2  doub N N 33  
ARG NH1 HH11 sing N N 34  
ARG NH1 HH12 sing N N 35  
ARG NH2 HH21 sing N N 36  
ARG NH2 HH22 sing N N 37  
ARG OXT HXT  sing N N 38  
ASP N   CA   sing N N 39  
ASP N   H    sing N N 40  
ASP N   H2   sing N N 41  
ASP CA  C    sing N N 42  
ASP CA  CB   sing N N 43  
ASP CA  HA   sing N N 44  
ASP C   O    doub N N 45  
ASP C   OXT  sing N N 46  
ASP CB  CG   sing N N 47  
ASP CB  HB2  sing N N 48  
ASP CB  HB3  sing N N 49  
ASP CG  OD1  doub N N 50  
ASP CG  OD2  sing N N 51  
ASP OD2 HD2  sing N N 52  
ASP OXT HXT  sing N N 53  
CYS N   CA   sing N N 54  
CYS N   H    sing N N 55  
CYS N   H2   sing N N 56  
CYS CA  C    sing N N 57  
CYS CA  CB   sing N N 58  
CYS CA  HA   sing N N 59  
CYS C   O    doub N N 60  
CYS C   OXT  sing N N 61  
CYS CB  SG   sing N N 62  
CYS CB  HB2  sing N N 63  
CYS CB  HB3  sing N N 64  
CYS SG  HG   sing N N 65  
CYS OXT HXT  sing N N 66  
GLN N   CA   sing N N 67  
GLN N   H    sing N N 68  
GLN N   H2   sing N N 69  
GLN CA  C    sing N N 70  
GLN CA  CB   sing N N 71  
GLN CA  HA   sing N N 72  
GLN C   O    doub N N 73  
GLN C   OXT  sing N N 74  
GLN CB  CG   sing N N 75  
GLN CB  HB2  sing N N 76  
GLN CB  HB3  sing N N 77  
GLN CG  CD   sing N N 78  
GLN CG  HG2  sing N N 79  
GLN CG  HG3  sing N N 80  
GLN CD  OE1  doub N N 81  
GLN CD  NE2  sing N N 82  
GLN NE2 HE21 sing N N 83  
GLN NE2 HE22 sing N N 84  
GLN OXT HXT  sing N N 85  
GLU N   CA   sing N N 86  
GLU N   H    sing N N 87  
GLU N   H2   sing N N 88  
GLU CA  C    sing N N 89  
GLU CA  CB   sing N N 90  
GLU CA  HA   sing N N 91  
GLU C   O    doub N N 92  
GLU C   OXT  sing N N 93  
GLU CB  CG   sing N N 94  
GLU CB  HB2  sing N N 95  
GLU CB  HB3  sing N N 96  
GLU CG  CD   sing N N 97  
GLU CG  HG2  sing N N 98  
GLU CG  HG3  sing N N 99  
GLU CD  OE1  doub N N 100 
GLU CD  OE2  sing N N 101 
GLU OE2 HE2  sing N N 102 
GLU OXT HXT  sing N N 103 
GLY N   CA   sing N N 104 
GLY N   H    sing N N 105 
GLY N   H2   sing N N 106 
GLY CA  C    sing N N 107 
GLY CA  HA2  sing N N 108 
GLY CA  HA3  sing N N 109 
GLY C   O    doub N N 110 
GLY C   OXT  sing N N 111 
GLY OXT HXT  sing N N 112 
HIS N   CA   sing N N 113 
HIS N   H    sing N N 114 
HIS N   H2   sing N N 115 
HIS CA  C    sing N N 116 
HIS CA  CB   sing N N 117 
HIS CA  HA   sing N N 118 
HIS C   O    doub N N 119 
HIS C   OXT  sing N N 120 
HIS CB  CG   sing N N 121 
HIS CB  HB2  sing N N 122 
HIS CB  HB3  sing N N 123 
HIS CG  ND1  sing Y N 124 
HIS CG  CD2  doub Y N 125 
HIS ND1 CE1  doub Y N 126 
HIS ND1 HD1  sing N N 127 
HIS CD2 NE2  sing Y N 128 
HIS CD2 HD2  sing N N 129 
HIS CE1 NE2  sing Y N 130 
HIS CE1 HE1  sing N N 131 
HIS NE2 HE2  sing N N 132 
HIS OXT HXT  sing N N 133 
HOH O   H1   sing N N 134 
HOH O   H2   sing N N 135 
ILE N   CA   sing N N 136 
ILE N   H    sing N N 137 
ILE N   H2   sing N N 138 
ILE CA  C    sing N N 139 
ILE CA  CB   sing N N 140 
ILE CA  HA   sing N N 141 
ILE C   O    doub N N 142 
ILE C   OXT  sing N N 143 
ILE CB  CG1  sing N N 144 
ILE CB  CG2  sing N N 145 
ILE CB  HB   sing N N 146 
ILE CG1 CD1  sing N N 147 
ILE CG1 HG12 sing N N 148 
ILE CG1 HG13 sing N N 149 
ILE CG2 HG21 sing N N 150 
ILE CG2 HG22 sing N N 151 
ILE CG2 HG23 sing N N 152 
ILE CD1 HD11 sing N N 153 
ILE CD1 HD12 sing N N 154 
ILE CD1 HD13 sing N N 155 
ILE OXT HXT  sing N N 156 
LEU N   CA   sing N N 157 
LEU N   H    sing N N 158 
LEU N   H2   sing N N 159 
LEU CA  C    sing N N 160 
LEU CA  CB   sing N N 161 
LEU CA  HA   sing N N 162 
LEU C   O    doub N N 163 
LEU C   OXT  sing N N 164 
LEU CB  CG   sing N N 165 
LEU CB  HB2  sing N N 166 
LEU CB  HB3  sing N N 167 
LEU CG  CD1  sing N N 168 
LEU CG  CD2  sing N N 169 
LEU CG  HG   sing N N 170 
LEU CD1 HD11 sing N N 171 
LEU CD1 HD12 sing N N 172 
LEU CD1 HD13 sing N N 173 
LEU CD2 HD21 sing N N 174 
LEU CD2 HD22 sing N N 175 
LEU CD2 HD23 sing N N 176 
LEU OXT HXT  sing N N 177 
LYS N   CA   sing N N 178 
LYS N   H    sing N N 179 
LYS N   H2   sing N N 180 
LYS CA  C    sing N N 181 
LYS CA  CB   sing N N 182 
LYS CA  HA   sing N N 183 
LYS C   O    doub N N 184 
LYS C   OXT  sing N N 185 
LYS CB  CG   sing N N 186 
LYS CB  HB2  sing N N 187 
LYS CB  HB3  sing N N 188 
LYS CG  CD   sing N N 189 
LYS CG  HG2  sing N N 190 
LYS CG  HG3  sing N N 191 
LYS CD  CE   sing N N 192 
LYS CD  HD2  sing N N 193 
LYS CD  HD3  sing N N 194 
LYS CE  NZ   sing N N 195 
LYS CE  HE2  sing N N 196 
LYS CE  HE3  sing N N 197 
LYS NZ  HZ1  sing N N 198 
LYS NZ  HZ2  sing N N 199 
LYS NZ  HZ3  sing N N 200 
LYS OXT HXT  sing N N 201 
PHE N   CA   sing N N 202 
PHE N   H    sing N N 203 
PHE N   H2   sing N N 204 
PHE CA  C    sing N N 205 
PHE CA  CB   sing N N 206 
PHE CA  HA   sing N N 207 
PHE C   O    doub N N 208 
PHE C   OXT  sing N N 209 
PHE CB  CG   sing N N 210 
PHE CB  HB2  sing N N 211 
PHE CB  HB3  sing N N 212 
PHE CG  CD1  doub Y N 213 
PHE CG  CD2  sing Y N 214 
PHE CD1 CE1  sing Y N 215 
PHE CD1 HD1  sing N N 216 
PHE CD2 CE2  doub Y N 217 
PHE CD2 HD2  sing N N 218 
PHE CE1 CZ   doub Y N 219 
PHE CE1 HE1  sing N N 220 
PHE CE2 CZ   sing Y N 221 
PHE CE2 HE2  sing N N 222 
PHE CZ  HZ   sing N N 223 
PHE OXT HXT  sing N N 224 
PRO N   CA   sing N N 225 
PRO N   CD   sing N N 226 
PRO N   H    sing N N 227 
PRO CA  C    sing N N 228 
PRO CA  CB   sing N N 229 
PRO CA  HA   sing N N 230 
PRO C   O    doub N N 231 
PRO C   OXT  sing N N 232 
PRO CB  CG   sing N N 233 
PRO CB  HB2  sing N N 234 
PRO CB  HB3  sing N N 235 
PRO CG  CD   sing N N 236 
PRO CG  HG2  sing N N 237 
PRO CG  HG3  sing N N 238 
PRO CD  HD2  sing N N 239 
PRO CD  HD3  sing N N 240 
PRO OXT HXT  sing N N 241 
SER N   CA   sing N N 242 
SER N   H    sing N N 243 
SER N   H2   sing N N 244 
SER CA  C    sing N N 245 
SER CA  CB   sing N N 246 
SER CA  HA   sing N N 247 
SER C   O    doub N N 248 
SER C   OXT  sing N N 249 
SER CB  OG   sing N N 250 
SER CB  HB2  sing N N 251 
SER CB  HB3  sing N N 252 
SER OG  HG   sing N N 253 
SER OXT HXT  sing N N 254 
THR N   CA   sing N N 255 
THR N   H    sing N N 256 
THR N   H2   sing N N 257 
THR CA  C    sing N N 258 
THR CA  CB   sing N N 259 
THR CA  HA   sing N N 260 
THR C   O    doub N N 261 
THR C   OXT  sing N N 262 
THR CB  OG1  sing N N 263 
THR CB  CG2  sing N N 264 
THR CB  HB   sing N N 265 
THR OG1 HG1  sing N N 266 
THR CG2 HG21 sing N N 267 
THR CG2 HG22 sing N N 268 
THR CG2 HG23 sing N N 269 
THR OXT HXT  sing N N 270 
TRP N   CA   sing N N 271 
TRP N   H    sing N N 272 
TRP N   H2   sing N N 273 
TRP CA  C    sing N N 274 
TRP CA  CB   sing N N 275 
TRP CA  HA   sing N N 276 
TRP C   O    doub N N 277 
TRP C   OXT  sing N N 278 
TRP CB  CG   sing N N 279 
TRP CB  HB2  sing N N 280 
TRP CB  HB3  sing N N 281 
TRP CG  CD1  doub Y N 282 
TRP CG  CD2  sing Y N 283 
TRP CD1 NE1  sing Y N 284 
TRP CD1 HD1  sing N N 285 
TRP CD2 CE2  doub Y N 286 
TRP CD2 CE3  sing Y N 287 
TRP NE1 CE2  sing Y N 288 
TRP NE1 HE1  sing N N 289 
TRP CE2 CZ2  sing Y N 290 
TRP CE3 CZ3  doub Y N 291 
TRP CE3 HE3  sing N N 292 
TRP CZ2 CH2  doub Y N 293 
TRP CZ2 HZ2  sing N N 294 
TRP CZ3 CH2  sing Y N 295 
TRP CZ3 HZ3  sing N N 296 
TRP CH2 HH2  sing N N 297 
TRP OXT HXT  sing N N 298 
TYR N   CA   sing N N 299 
TYR N   H    sing N N 300 
TYR N   H2   sing N N 301 
TYR CA  C    sing N N 302 
TYR CA  CB   sing N N 303 
TYR CA  HA   sing N N 304 
TYR C   O    doub N N 305 
TYR C   OXT  sing N N 306 
TYR CB  CG   sing N N 307 
TYR CB  HB2  sing N N 308 
TYR CB  HB3  sing N N 309 
TYR CG  CD1  doub Y N 310 
TYR CG  CD2  sing Y N 311 
TYR CD1 CE1  sing Y N 312 
TYR CD1 HD1  sing N N 313 
TYR CD2 CE2  doub Y N 314 
TYR CD2 HD2  sing N N 315 
TYR CE1 CZ   doub Y N 316 
TYR CE1 HE1  sing N N 317 
TYR CE2 CZ   sing Y N 318 
TYR CE2 HE2  sing N N 319 
TYR CZ  OH   sing N N 320 
TYR OH  HH   sing N N 321 
TYR OXT HXT  sing N N 322 
VAL N   CA   sing N N 323 
VAL N   H    sing N N 324 
VAL N   H2   sing N N 325 
VAL CA  C    sing N N 326 
VAL CA  CB   sing N N 327 
VAL CA  HA   sing N N 328 
VAL C   O    doub N N 329 
VAL C   OXT  sing N N 330 
VAL CB  CG1  sing N N 331 
VAL CB  CG2  sing N N 332 
VAL CB  HB   sing N N 333 
VAL CG1 HG11 sing N N 334 
VAL CG1 HG12 sing N N 335 
VAL CG1 HG13 sing N N 336 
VAL CG2 HG21 sing N N 337 
VAL CG2 HG22 sing N N 338 
VAL CG2 HG23 sing N N 339 
VAL OXT HXT  sing N N 340 
# 
_pdbx_initial_refinement_model.id               1 
_pdbx_initial_refinement_model.entity_id_list   ? 
_pdbx_initial_refinement_model.type             'experimental model' 
_pdbx_initial_refinement_model.source_name      PDB 
_pdbx_initial_refinement_model.accession_code   1VDG 
_pdbx_initial_refinement_model.details          'PDB ENTRY 1VDG' 
# 
_atom_sites.entry_id                    3Q2C 
_atom_sites.fract_transf_matrix[1][1]   -0.01245052 
_atom_sites.fract_transf_matrix[1][2]   0.00225989 
_atom_sites.fract_transf_matrix[1][3]   -0.00258432 
_atom_sites.fract_transf_matrix[2][1]   -0.00033793 
_atom_sites.fract_transf_matrix[2][2]   -0.02785145 
_atom_sites.fract_transf_matrix[2][3]   -0.02272693 
_atom_sites.fract_transf_matrix[3][1]   -0.01343454 
_atom_sites.fract_transf_matrix[3][2]   -0.01115089 
_atom_sites.fract_transf_matrix[3][3]   0.01386498 
_atom_sites.fract_transf_vector[1]      0.333894 
_atom_sites.fract_transf_vector[2]      0.060649 
_atom_sites.fract_transf_vector[3]      0.320465 
# 
loop_
_atom_type.symbol 
C 
N 
O 
S 
# 
loop_
_atom_site.group_PDB 
_atom_site.id 
_atom_site.type_symbol 
_atom_site.label_atom_id 
_atom_site.label_alt_id 
_atom_site.label_comp_id 
_atom_site.label_asym_id 
_atom_site.label_entity_id 
_atom_site.label_seq_id 
_atom_site.pdbx_PDB_ins_code 
_atom_site.Cartn_x 
_atom_site.Cartn_y 
_atom_site.Cartn_z 
_atom_site.occupancy 
_atom_site.B_iso_or_equiv 
_atom_site.pdbx_formal_charge 
_atom_site.auth_seq_id 
_atom_site.auth_comp_id 
_atom_site.auth_asym_id 
_atom_site.auth_atom_id 
_atom_site.pdbx_PDB_model_num 
ATOM   1   N N   . PRO A 1 2  ? 16.431  12.260  -3.777  1.00 106.63 ? 2   PRO A N   1 
ATOM   2   C CA  . PRO A 1 2  ? 16.177  11.346  -2.659  1.00 103.27 ? 2   PRO A CA  1 
ATOM   3   C C   . PRO A 1 2  ? 15.082  11.886  -1.748  1.00 104.30 ? 2   PRO A C   1 
ATOM   4   O O   . PRO A 1 2  ? 15.328  12.145  -0.570  1.00 110.99 ? 2   PRO A O   1 
ATOM   5   C CB  . PRO A 1 2  ? 17.519  11.314  -1.909  1.00 106.01 ? 2   PRO A CB  1 
ATOM   6   C CG  . PRO A 1 2  ? 18.360  12.408  -2.514  1.00 103.99 ? 2   PRO A CG  1 
ATOM   7   C CD  . PRO A 1 2  ? 17.860  12.588  -3.904  1.00 108.07 ? 2   PRO A CD  1 
ATOM   8   N N   . LEU A 1 3  ? 13.888  12.055  -2.305  1.00 76.14  ? 3   LEU A N   1 
ATOM   9   C CA  . LEU A 1 3  ? 12.747  12.581  -1.563  1.00 77.68  ? 3   LEU A CA  1 
ATOM   10  C C   . LEU A 1 3  ? 12.468  11.781  -0.289  1.00 80.25  ? 3   LEU A C   1 
ATOM   11  O O   . LEU A 1 3  ? 12.803  10.595  -0.207  1.00 77.25  ? 3   LEU A O   1 
ATOM   12  C CB  . LEU A 1 3  ? 11.500  12.598  -2.453  1.00 78.55  ? 3   LEU A CB  1 
ATOM   13  C CG  . LEU A 1 3  ? 11.495  13.512  -3.684  1.00 79.95  ? 3   LEU A CG  1 
ATOM   14  C CD1 . LEU A 1 3  ? 12.509  13.047  -4.729  1.00 79.02  ? 3   LEU A CD1 1 
ATOM   15  C CD2 . LEU A 1 3  ? 10.096  13.600  -4.289  1.00 66.74  ? 3   LEU A CD2 1 
ATOM   16  N N   . PRO A 1 4  ? 11.853  12.431  0.714   1.00 98.25  ? 4   PRO A N   1 
ATOM   17  C CA  . PRO A 1 4  ? 11.494  11.774  1.977   1.00 98.84  ? 4   PRO A CA  1 
ATOM   18  C C   . PRO A 1 4  ? 10.629  10.536  1.749   1.00 94.48  ? 4   PRO A C   1 
ATOM   19  O O   . PRO A 1 4  ? 9.805   10.534  0.830   1.00 94.28  ? 4   PRO A O   1 
ATOM   20  C CB  . PRO A 1 4  ? 10.681  12.851  2.708   1.00 98.59  ? 4   PRO A CB  1 
ATOM   21  C CG  . PRO A 1 4  ? 11.164  14.138  2.140   1.00 92.99  ? 4   PRO A CG  1 
ATOM   22  C CD  . PRO A 1 4  ? 11.463  13.851  0.698   1.00 92.73  ? 4   PRO A CD  1 
ATOM   23  N N   . LYS A 1 5  ? 10.814  9.502   2.567   1.00 59.25  ? 5   LYS A N   1 
ATOM   24  C CA  . LYS A 1 5  ? 9.997   8.302   2.449   1.00 53.50  ? 5   LYS A CA  1 
ATOM   25  C C   . LYS A 1 5  ? 8.584   8.567   2.953   1.00 51.60  ? 5   LYS A C   1 
ATOM   26  O O   . LYS A 1 5  ? 8.388   9.332   3.900   1.00 54.23  ? 5   LYS A O   1 
ATOM   27  C CB  . LYS A 1 5  ? 10.629  7.129   3.202   1.00 53.07  ? 5   LYS A CB  1 
ATOM   28  C CG  . LYS A 1 5  ? 10.694  7.301   4.705   1.00 49.36  ? 5   LYS A CG  1 
ATOM   29  C CD  . LYS A 1 5  ? 11.518  6.188   5.337   1.00 42.75  ? 5   LYS A CD  1 
ATOM   30  C CE  . LYS A 1 5  ? 11.560  6.327   6.848   1.00 50.57  ? 5   LYS A CE  1 
ATOM   31  N NZ  . LYS A 1 5  ? 12.290  5.204   7.501   1.00 51.11  ? 5   LYS A NZ  1 
ATOM   32  N N   . PRO A 1 6  ? 7.592   7.933   2.317   1.00 45.91  ? 6   PRO A N   1 
ATOM   33  C CA  . PRO A 1 6  ? 6.181   8.164   2.634   1.00 42.91  ? 6   PRO A CA  1 
ATOM   34  C C   . PRO A 1 6  ? 5.794   7.462   3.922   1.00 40.34  ? 6   PRO A C   1 
ATOM   35  O O   . PRO A 1 6  ? 6.618   6.792   4.536   1.00 42.02  ? 6   PRO A O   1 
ATOM   36  C CB  . PRO A 1 6  ? 5.441   7.499   1.466   1.00 42.35  ? 6   PRO A CB  1 
ATOM   37  C CG  . PRO A 1 6  ? 6.509   7.022   0.504   1.00 44.97  ? 6   PRO A CG  1 
ATOM   38  C CD  . PRO A 1 6  ? 7.761   6.896   1.289   1.00 43.21  ? 6   PRO A CD  1 
ATOM   39  N N   . THR A 1 7  ? 4.537   7.607   4.314   1.00 42.39  ? 7   THR A N   1 
ATOM   40  C CA  . THR A 1 7  ? 4.028   6.930   5.491   1.00 37.74  ? 7   THR A CA  1 
ATOM   41  C C   . THR A 1 7  ? 2.975   5.931   5.052   1.00 33.81  ? 7   THR A C   1 
ATOM   42  O O   . THR A 1 7  ? 1.958   6.310   4.486   1.00 41.62  ? 7   THR A O   1 
ATOM   43  C CB  . THR A 1 7  ? 3.408   7.929   6.479   1.00 44.13  ? 7   THR A CB  1 
ATOM   44  O OG1 . THR A 1 7  ? 4.292   9.045   6.647   1.00 51.90  ? 7   THR A OG1 1 
ATOM   45  C CG2 . THR A 1 7  ? 3.162   7.271   7.832   1.00 35.97  ? 7   THR A CG2 1 
ATOM   46  N N   . LEU A 1 8  ? 3.233   4.654   5.306   1.00 26.28  ? 8   LEU A N   1 
ATOM   47  C CA  . LEU A 1 8  ? 2.327   3.577   4.921   1.00 27.06  ? 8   LEU A CA  1 
ATOM   48  C C   . LEU A 1 8  ? 1.704   2.947   6.164   1.00 29.60  ? 8   LEU A C   1 
ATOM   49  O O   . LEU A 1 8  ? 2.405   2.582   7.107   1.00 29.30  ? 8   LEU A O   1 
ATOM   50  C CB  . LEU A 1 8  ? 3.088   2.526   4.099   1.00 25.14  ? 8   LEU A CB  1 
ATOM   51  C CG  . LEU A 1 8  ? 2.467   1.175   3.721   1.00 20.65  ? 8   LEU A CG  1 
ATOM   52  C CD1 . LEU A 1 8  ? 1.340   1.299   2.717   1.00 18.34  ? 8   LEU A CD1 1 
ATOM   53  C CD2 . LEU A 1 8  ? 3.554   0.274   3.164   1.00 26.48  ? 8   LEU A CD2 1 
ATOM   54  N N   . TRP A 1 9  ? 0.382   2.830   6.176   1.00 29.25  ? 9   TRP A N   1 
ATOM   55  C CA  . TRP A 1 9  ? -0.282  2.198   7.306   1.00 29.09  ? 9   TRP A CA  1 
ATOM   56  C C   . TRP A 1 9  ? -1.506  1.395   6.868   1.00 31.04  ? 9   TRP A C   1 
ATOM   57  O O   . TRP A 1 9  ? -1.878  1.400   5.694   1.00 29.39  ? 9   TRP A O   1 
ATOM   58  C CB  . TRP A 1 9  ? -0.644  3.236   8.374   1.00 30.29  ? 9   TRP A CB  1 
ATOM   59  C CG  . TRP A 1 9  ? -1.755  4.158   7.981   1.00 33.54  ? 9   TRP A CG  1 
ATOM   60  C CD1 . TRP A 1 9  ? -3.056  4.089   8.384   1.00 30.39  ? 9   TRP A CD1 1 
ATOM   61  C CD2 . TRP A 1 9  ? -1.665  5.291   7.104   1.00 33.03  ? 9   TRP A CD2 1 
ATOM   62  N NE1 . TRP A 1 9  ? -3.784  5.106   7.812   1.00 34.82  ? 9   TRP A NE1 1 
ATOM   63  C CE2 . TRP A 1 9  ? -2.953  5.859   7.024   1.00 33.71  ? 9   TRP A CE2 1 
ATOM   64  C CE3 . TRP A 1 9  ? -0.625  5.878   6.380   1.00 32.04  ? 9   TRP A CE3 1 
ATOM   65  C CZ2 . TRP A 1 9  ? -3.225  6.983   6.250   1.00 35.53  ? 9   TRP A CZ2 1 
ATOM   66  C CZ3 . TRP A 1 9  ? -0.897  6.994   5.613   1.00 35.61  ? 9   TRP A CZ3 1 
ATOM   67  C CH2 . TRP A 1 9  ? -2.188  7.534   5.551   1.00 36.14  ? 9   TRP A CH2 1 
ATOM   68  N N   . ALA A 1 10 ? -2.117  0.694   7.818   1.00 32.99  ? 10  ALA A N   1 
ATOM   69  C CA  . ALA A 1 10 ? -3.275  -0.132  7.525   1.00 31.63  ? 10  ALA A CA  1 
ATOM   70  C C   . ALA A 1 10 ? -4.457  0.249   8.402   1.00 38.16  ? 10  ALA A C   1 
ATOM   71  O O   . ALA A 1 10 ? -4.294  0.576   9.581   1.00 39.89  ? 10  ALA A O   1 
ATOM   72  C CB  . ALA A 1 10 ? -2.936  -1.589  7.717   1.00 36.46  ? 10  ALA A CB  1 
ATOM   73  N N   . GLU A 1 11 ? -5.648  0.205   7.815   1.00 38.56  ? 11  GLU A N   1 
ATOM   74  C CA  . GLU A 1 11 ? -6.882  0.466   8.540   1.00 38.57  ? 11  GLU A CA  1 
ATOM   75  C C   . GLU A 1 11 ? -7.806  -0.736  8.406   1.00 40.21  ? 11  GLU A C   1 
ATOM   76  O O   . GLU A 1 11 ? -8.091  -1.167  7.290   1.00 43.74  ? 11  GLU A O   1 
ATOM   77  C CB  . GLU A 1 11 ? -7.565  1.709   7.977   1.00 38.07  ? 11  GLU A CB  1 
ATOM   78  C CG  . GLU A 1 11 ? -6.708  2.955   8.050   1.00 45.66  ? 11  GLU A CG  1 
ATOM   79  C CD  . GLU A 1 11 ? -7.429  4.188   7.560   1.00 48.79  ? 11  GLU A CD  1 
ATOM   80  O OE1 . GLU A 1 11 ? -8.342  4.052   6.715   1.00 49.00  ? 11  GLU A OE1 1 
ATOM   81  O OE2 . GLU A 1 11 ? -7.078  5.296   8.016   1.00 48.99  ? 11  GLU A OE2 1 
ATOM   82  N N   . PRO A 1 12 ? -8.291  -1.277  9.538   1.00 34.15  ? 12  PRO A N   1 
ATOM   83  C CA  . PRO A 1 12 ? -8.095  -0.796  10.913  1.00 37.83  ? 12  PRO A CA  1 
ATOM   84  C C   . PRO A 1 12 ? -6.689  -1.054  11.451  1.00 38.95  ? 12  PRO A C   1 
ATOM   85  O O   . PRO A 1 12 ? -6.263  -0.367  12.381  1.00 42.06  ? 12  PRO A O   1 
ATOM   86  C CB  . PRO A 1 12 ? -9.104  -1.622  11.724  1.00 38.94  ? 12  PRO A CB  1 
ATOM   87  C CG  . PRO A 1 12 ? -10.006 -2.268  10.709  1.00 40.87  ? 12  PRO A CG  1 
ATOM   88  C CD  . PRO A 1 12 ? -9.172  -2.454  9.496   1.00 33.86  ? 12  PRO A CD  1 
ATOM   89  N N   . GLY A 1 13 ? -5.988  -2.033  10.886  1.00 28.63  ? 13  GLY A N   1 
ATOM   90  C CA  . GLY A 1 13 ? -4.653  -2.365  11.344  1.00 24.42  ? 13  GLY A CA  1 
ATOM   91  C C   . GLY A 1 13 ? -3.978  -3.388  10.457  1.00 24.18  ? 13  GLY A C   1 
ATOM   92  O O   . GLY A 1 13 ? -4.570  -3.860  9.490   1.00 25.85  ? 13  GLY A O   1 
ATOM   93  N N   . SER A 1 14 ? -2.740  -3.733  10.794  1.00 33.49  ? 14  SER A N   1 
ATOM   94  C CA  . SER A 1 14 ? -1.943  -4.645  9.981   1.00 35.19  ? 14  SER A CA  1 
ATOM   95  C C   . SER A 1 14 ? -2.210  -6.114  10.297  1.00 35.94  ? 14  SER A C   1 
ATOM   96  O O   . SER A 1 14 ? -1.817  -6.999  9.536   1.00 38.05  ? 14  SER A O   1 
ATOM   97  C CB  . SER A 1 14 ? -0.458  -4.343  10.151  1.00 38.06  ? 14  SER A CB  1 
ATOM   98  O OG  . SER A 1 14 ? -0.089  -4.446  11.510  1.00 45.33  ? 14  SER A OG  1 
ATOM   99  N N   . VAL A 1 15 ? -2.866  -6.378  11.420  1.00 27.57  ? 15  VAL A N   1 
ATOM   100 C CA  . VAL A 1 15 ? -3.321  -7.729  11.705  1.00 26.82  ? 15  VAL A CA  1 
ATOM   101 C C   . VAL A 1 15 ? -4.827  -7.753  11.571  1.00 33.22  ? 15  VAL A C   1 
ATOM   102 O O   . VAL A 1 15 ? -5.531  -7.238  12.435  1.00 41.09  ? 15  VAL A O   1 
ATOM   103 C CB  . VAL A 1 15 ? -2.961  -8.188  13.128  1.00 30.18  ? 15  VAL A CB  1 
ATOM   104 C CG1 . VAL A 1 15 ? -3.280  -9.664  13.289  1.00 29.17  ? 15  VAL A CG1 1 
ATOM   105 C CG2 . VAL A 1 15 ? -1.492  -7.939  13.424  1.00 30.77  ? 15  VAL A CG2 1 
ATOM   106 N N   . ILE A 1 16 ? -5.325  -8.331  10.483  1.00 32.55  ? 16  ILE A N   1 
ATOM   107 C CA  . ILE A 1 16 ? -6.765  -8.458  10.313  1.00 36.32  ? 16  ILE A CA  1 
ATOM   108 C C   . ILE A 1 16 ? -7.182  -9.907  10.054  1.00 36.86  ? 16  ILE A C   1 
ATOM   109 O O   . ILE A 1 16 ? -6.566  -10.620 9.266   1.00 34.13  ? 16  ILE A O   1 
ATOM   110 C CB  . ILE A 1 16 ? -7.322  -7.539  9.197   1.00 35.91  ? 16  ILE A CB  1 
ATOM   111 C CG1 . ILE A 1 16 ? -7.120  -8.173  7.827   1.00 36.74  ? 16  ILE A CG1 1 
ATOM   112 C CG2 . ILE A 1 16 ? -6.712  -6.138  9.271   1.00 27.28  ? 16  ILE A CG2 1 
ATOM   113 C CD1 . ILE A 1 16 ? -8.198  -7.792  6.849   1.00 42.86  ? 16  ILE A CD1 1 
ATOM   114 N N   . THR A 1 17 ? -8.238  -10.336 10.731  1.00 40.41  ? 17  THR A N   1 
ATOM   115 C CA  . THR A 1 17 ? -8.705  -11.706 10.614  1.00 38.88  ? 17  THR A CA  1 
ATOM   116 C C   . THR A 1 17 ? -9.105  -12.022 9.180   1.00 36.89  ? 17  THR A C   1 
ATOM   117 O O   . THR A 1 17 ? -9.367  -11.119 8.390   1.00 40.95  ? 17  THR A O   1 
ATOM   118 C CB  . THR A 1 17 ? -9.873  -11.977 11.579  1.00 36.95  ? 17  THR A CB  1 
ATOM   119 O OG1 . THR A 1 17 ? -10.664 -13.061 11.080  1.00 39.62  ? 17  THR A OG1 1 
ATOM   120 C CG2 . THR A 1 17 ? -10.740 -10.742 11.722  1.00 38.83  ? 17  THR A CG2 1 
ATOM   121 N N   . GLN A 1 18 ? -9.139  -13.303 8.839   1.00 40.38  ? 18  GLN A N   1 
ATOM   122 C CA  . GLN A 1 18 ? -9.422  -13.694 7.466   1.00 39.76  ? 18  GLN A CA  1 
ATOM   123 C C   . GLN A 1 18 ? -10.868 -13.414 7.094   1.00 43.39  ? 18  GLN A C   1 
ATOM   124 O O   . GLN A 1 18 ? -11.770 -13.569 7.912   1.00 46.10  ? 18  GLN A O   1 
ATOM   125 C CB  . GLN A 1 18 ? -9.108  -15.171 7.231   1.00 41.08  ? 18  GLN A CB  1 
ATOM   126 C CG  . GLN A 1 18 ? -8.892  -15.484 5.759   1.00 45.15  ? 18  GLN A CG  1 
ATOM   127 C CD  . GLN A 1 18 ? -9.261  -16.902 5.382   1.00 47.34  ? 18  GLN A CD  1 
ATOM   128 O OE1 . GLN A 1 18 ? -9.706  -17.692 6.221   1.00 47.59  ? 18  GLN A OE1 1 
ATOM   129 N NE2 . GLN A 1 18 ? -9.079  -17.235 4.105   1.00 42.22  ? 18  GLN A NE2 1 
ATOM   130 N N   . GLY A 1 19 ? -11.081 -13.005 5.848   1.00 46.53  ? 19  GLY A N   1 
ATOM   131 C CA  . GLY A 1 19 ? -12.414 -12.716 5.359   1.00 39.90  ? 19  GLY A CA  1 
ATOM   132 C C   . GLY A 1 19 ? -12.806 -11.279 5.621   1.00 40.68  ? 19  GLY A C   1 
ATOM   133 O O   . GLY A 1 19 ? -13.674 -10.732 4.946   1.00 46.08  ? 19  GLY A O   1 
ATOM   134 N N   . SER A 1 20 ? -12.163 -10.668 6.609   1.00 39.26  ? 20  SER A N   1 
ATOM   135 C CA  . SER A 1 20 ? -12.427 -9.276  6.943   1.00 41.46  ? 20  SER A CA  1 
ATOM   136 C C   . SER A 1 20 ? -11.694 -8.337  5.991   1.00 40.29  ? 20  SER A C   1 
ATOM   137 O O   . SER A 1 20 ? -10.753 -8.748  5.310   1.00 39.63  ? 20  SER A O   1 
ATOM   138 C CB  . SER A 1 20 ? -12.024 -8.987  8.388   1.00 41.45  ? 20  SER A CB  1 
ATOM   139 O OG  . SER A 1 20 ? -12.808 -9.750  9.287   1.00 49.64  ? 20  SER A OG  1 
ATOM   140 N N   . PRO A 1 21 ? -12.137 -7.073  5.930   1.00 39.41  ? 21  PRO A N   1 
ATOM   141 C CA  . PRO A 1 21 ? -11.514 -6.077  5.058   1.00 37.40  ? 21  PRO A CA  1 
ATOM   142 C C   . PRO A 1 21 ? -10.337 -5.368  5.717   1.00 37.33  ? 21  PRO A C   1 
ATOM   143 O O   . PRO A 1 21 ? -10.213 -5.331  6.946   1.00 39.50  ? 21  PRO A O   1 
ATOM   144 C CB  . PRO A 1 21 ? -12.642 -5.058  4.827   1.00 38.85  ? 21  PRO A CB  1 
ATOM   145 C CG  . PRO A 1 21 ? -13.877 -5.647  5.466   1.00 38.49  ? 21  PRO A CG  1 
ATOM   146 C CD  . PRO A 1 21 ? -13.379 -6.561  6.525   1.00 41.28  ? 21  PRO A CD  1 
ATOM   147 N N   . VAL A 1 22 ? -9.472  -4.809  4.882   1.00 33.52  ? 22  VAL A N   1 
ATOM   148 C CA  . VAL A 1 22 ? -8.445  -3.891  5.341   1.00 32.93  ? 22  VAL A CA  1 
ATOM   149 C C   . VAL A 1 22 ? -8.065  -2.996  4.176   1.00 29.93  ? 22  VAL A C   1 
ATOM   150 O O   . VAL A 1 22 ? -8.126  -3.405  3.021   1.00 34.04  ? 22  VAL A O   1 
ATOM   151 C CB  . VAL A 1 22 ? -7.198  -4.620  5.885   1.00 31.65  ? 22  VAL A CB  1 
ATOM   152 C CG1 . VAL A 1 22 ? -6.563  -5.471  4.807   1.00 30.11  ? 22  VAL A CG1 1 
ATOM   153 C CG2 . VAL A 1 22 ? -6.198  -3.613  6.428   1.00 28.87  ? 22  VAL A CG2 1 
ATOM   154 N N   . THR A 1 23 ? -7.696  -1.763  4.480   1.00 23.69  ? 23  THR A N   1 
ATOM   155 C CA  . THR A 1 23 ? -7.267  -0.844  3.451   1.00 26.16  ? 23  THR A CA  1 
ATOM   156 C C   . THR A 1 23 ? -5.848  -0.385  3.751   1.00 28.36  ? 23  THR A C   1 
ATOM   157 O O   . THR A 1 23 ? -5.562  0.114   4.836   1.00 31.26  ? 23  THR A O   1 
ATOM   158 C CB  . THR A 1 23 ? -8.205  0.371   3.369   1.00 25.03  ? 23  THR A CB  1 
ATOM   159 O OG1 . THR A 1 23 ? -9.558  -0.081  3.240   1.00 29.25  ? 23  THR A OG1 1 
ATOM   160 C CG2 . THR A 1 23 ? -7.854  1.234   2.178   1.00 27.87  ? 23  THR A CG2 1 
ATOM   161 N N   . LEU A 1 24 ? -4.950  -0.574  2.795   1.00 38.96  ? 24  LEU A N   1 
ATOM   162 C CA  . LEU A 1 24 ? -3.606  -0.039  2.938   1.00 40.23  ? 24  LEU A CA  1 
ATOM   163 C C   . LEU A 1 24 ? -3.601  1.418   2.495   1.00 39.39  ? 24  LEU A C   1 
ATOM   164 O O   . LEU A 1 24 ? -4.299  1.794   1.553   1.00 39.33  ? 24  LEU A O   1 
ATOM   165 C CB  . LEU A 1 24 ? -2.602  -0.858  2.132   1.00 38.06  ? 24  LEU A CB  1 
ATOM   166 C CG  . LEU A 1 24 ? -2.552  -2.332  2.520   1.00 37.89  ? 24  LEU A CG  1 
ATOM   167 C CD1 . LEU A 1 24 ? -1.253  -2.952  2.046   1.00 36.61  ? 24  LEU A CD1 1 
ATOM   168 C CD2 . LEU A 1 24 ? -2.686  -2.482  4.022   1.00 37.88  ? 24  LEU A CD2 1 
ATOM   169 N N   . ARG A 1 25 ? -2.815  2.234   3.185   1.00 35.06  ? 25  ARG A N   1 
ATOM   170 C CA  . ARG A 1 25 ? -2.810  3.669   2.954   1.00 35.31  ? 25  ARG A CA  1 
ATOM   171 C C   . ARG A 1 25 ? -1.382  4.186   2.896   1.00 34.80  ? 25  ARG A C   1 
ATOM   172 O O   . ARG A 1 25 ? -0.536  3.757   3.676   1.00 35.61  ? 25  ARG A O   1 
ATOM   173 C CB  . ARG A 1 25 ? -3.567  4.373   4.080   1.00 38.69  ? 25  ARG A CB  1 
ATOM   174 C CG  . ARG A 1 25 ? -5.016  3.946   4.221   1.00 36.05  ? 25  ARG A CG  1 
ATOM   175 C CD  . ARG A 1 25 ? -5.831  4.510   3.086   1.00 37.65  ? 25  ARG A CD  1 
ATOM   176 N NE  . ARG A 1 25 ? -5.566  5.935   2.930   1.00 39.66  ? 25  ARG A NE  1 
ATOM   177 C CZ  . ARG A 1 25 ? -6.297  6.894   3.488   1.00 45.65  ? 25  ARG A CZ  1 
ATOM   178 N NH1 . ARG A 1 25 ? -7.353  6.584   4.232   1.00 42.47  ? 25  ARG A NH1 1 
ATOM   179 N NH2 . ARG A 1 25 ? -5.975  8.166   3.295   1.00 46.19  ? 25  ARG A NH2 1 
ATOM   180 N N   . CYS A 1 26 ? -1.119  5.107   1.974   1.00 34.47  ? 26  CYS A N   1 
ATOM   181 C CA  . CYS A 1 26 ? 0.201   5.715   1.841   1.00 32.23  ? 26  CYS A CA  1 
ATOM   182 C C   . CYS A 1 26 ? 0.077   7.217   1.616   1.00 39.91  ? 26  CYS A C   1 
ATOM   183 O O   . CYS A 1 26 ? -0.605  7.655   0.692   1.00 45.76  ? 26  CYS A O   1 
ATOM   184 C CB  . CYS A 1 26 ? 0.964   5.072   0.682   1.00 32.03  ? 26  CYS A CB  1 
ATOM   185 S SG  . CYS A 1 26 ? 2.598   5.782   0.359   1.00 37.65  ? 26  CYS A SG  1 
ATOM   186 N N   . GLN A 1 27 ? 0.721   8.006   2.471   1.00 54.56  ? 27  GLN A N   1 
ATOM   187 C CA  . GLN A 1 27 ? 0.691   9.460   2.337   1.00 57.28  ? 27  GLN A CA  1 
ATOM   188 C C   . GLN A 1 27 ? 2.100   10.038  2.405   1.00 61.63  ? 27  GLN A C   1 
ATOM   189 O O   . GLN A 1 27 ? 2.836   9.776   3.357   1.00 69.61  ? 27  GLN A O   1 
ATOM   190 C CB  . GLN A 1 27 ? -0.187  10.080  3.424   1.00 62.26  ? 27  GLN A CB  1 
ATOM   191 C CG  . GLN A 1 27 ? -0.419  11.576  3.259   1.00 67.17  ? 27  GLN A CG  1 
ATOM   192 C CD  . GLN A 1 27 ? -1.383  12.141  4.287   1.00 72.17  ? 27  GLN A CD  1 
ATOM   193 O OE1 . GLN A 1 27 ? -2.528  11.691  4.399   1.00 68.28  ? 27  GLN A OE1 1 
ATOM   194 N NE2 . GLN A 1 27 ? -0.927  13.137  5.040   1.00 77.49  ? 27  GLN A NE2 1 
ATOM   195 N N   . GLY A 1 28 ? 2.467   10.835  1.405   1.00 46.31  ? 28  GLY A N   1 
ATOM   196 C CA  . GLY A 1 28 ? 3.834   11.313  1.286   1.00 48.44  ? 28  GLY A CA  1 
ATOM   197 C C   . GLY A 1 28 ? 4.049   12.814  1.363   1.00 57.21  ? 28  GLY A C   1 
ATOM   198 O O   . GLY A 1 28 ? 4.683   13.309  2.294   1.00 58.11  ? 28  GLY A O   1 
ATOM   199 N N   . SER A 1 29 ? 3.536   13.545  0.378   1.00 70.60  ? 29  SER A N   1 
ATOM   200 C CA  . SER A 1 29 ? 3.788   14.980  0.292   1.00 71.88  ? 29  SER A CA  1 
ATOM   201 C C   . SER A 1 29 ? 2.627   15.766  -0.314  1.00 85.24  ? 29  SER A C   1 
ATOM   202 O O   . SER A 1 29 ? 1.905   16.465  0.398   1.00 88.84  ? 29  SER A O   1 
ATOM   203 C CB  . SER A 1 29 ? 5.063   15.244  -0.506  1.00 68.45  ? 29  SER A CB  1 
ATOM   204 O OG  . SER A 1 29 ? 5.081   16.573  -0.990  1.00 70.33  ? 29  SER A OG  1 
ATOM   205 N N   . LEU A 1 30 ? 2.458   15.658  -1.631  1.00 82.21  ? 30  LEU A N   1 
ATOM   206 C CA  . LEU A 1 30 ? 1.427   16.408  -2.343  1.00 88.27  ? 30  LEU A CA  1 
ATOM   207 C C   . LEU A 1 30 ? 0.043   15.896  -1.969  1.00 105.96 ? 30  LEU A C   1 
ATOM   208 O O   . LEU A 1 30 ? -0.086  15.014  -1.123  1.00 111.16 ? 30  LEU A O   1 
ATOM   209 C CB  . LEU A 1 30 ? 1.639   16.307  -3.853  1.00 83.41  ? 30  LEU A CB  1 
ATOM   210 C CG  . LEU A 1 30 ? 0.888   17.300  -4.735  1.00 85.43  ? 30  LEU A CG  1 
ATOM   211 C CD1 . LEU A 1 30 ? 1.327   18.721  -4.416  1.00 83.93  ? 30  LEU A CD1 1 
ATOM   212 C CD2 . LEU A 1 30 ? 1.116   16.970  -6.198  1.00 80.69  ? 30  LEU A CD2 1 
ATOM   213 N N   . GLU A 1 31 ? -0.990  16.445  -2.604  1.00 174.21 ? 31  GLU A N   1 
ATOM   214 C CA  . GLU A 1 31 ? -2.369  16.072  -2.291  1.00 180.00 ? 31  GLU A CA  1 
ATOM   215 C C   . GLU A 1 31 ? -2.689  14.643  -2.724  1.00 176.97 ? 31  GLU A C   1 
ATOM   216 O O   . GLU A 1 31 ? -3.243  13.865  -1.949  1.00 178.75 ? 31  GLU A O   1 
ATOM   217 C CB  . GLU A 1 31 ? -3.357  17.054  -2.937  1.00 190.24 ? 31  GLU A CB  1 
ATOM   218 C CG  . GLU A 1 31 ? -4.799  16.931  -2.435  1.00 198.59 ? 31  GLU A CG  1 
ATOM   219 C CD  . GLU A 1 31 ? -5.741  17.930  -3.094  1.00 215.77 ? 31  GLU A CD  1 
ATOM   220 O OE1 . GLU A 1 31 ? -5.656  18.118  -4.327  1.00 215.57 ? 31  GLU A OE1 1 
ATOM   221 O OE2 . GLU A 1 31 ? -6.575  18.521  -2.378  1.00 220.02 ? 31  GLU A OE2 1 
ATOM   222 N N   . THR A 1 32 ? -2.330  14.300  -3.960  1.00 184.84 ? 32  THR A N   1 
ATOM   223 C CA  . THR A 1 32 ? -2.657  12.989  -4.518  1.00 177.96 ? 32  THR A CA  1 
ATOM   224 C C   . THR A 1 32 ? -1.779  12.619  -5.712  1.00 166.46 ? 32  THR A C   1 
ATOM   225 O O   . THR A 1 32 ? -0.766  13.269  -5.982  1.00 159.76 ? 32  THR A O   1 
ATOM   226 C CB  . THR A 1 32 ? -4.138  12.930  -5.002  1.00 174.76 ? 32  THR A CB  1 
ATOM   227 O OG1 . THR A 1 32 ? -4.433  14.079  -5.811  1.00 188.26 ? 32  THR A OG1 1 
ATOM   228 C CG2 . THR A 1 32 ? -5.111  12.871  -3.832  1.00 163.04 ? 32  THR A CG2 1 
ATOM   229 N N   . GLN A 1 33 ? -2.161  11.530  -6.375  1.00 150.12 ? 33  GLN A N   1 
ATOM   230 C CA  . GLN A 1 33 ? -1.858  11.287  -7.795  1.00 151.58 ? 33  GLN A CA  1 
ATOM   231 C C   . GLN A 1 33 ? -0.636  10.464  -8.226  1.00 148.98 ? 33  GLN A C   1 
ATOM   232 O O   . GLN A 1 33 ? -0.554  10.080  -9.396  1.00 156.27 ? 33  GLN A O   1 
ATOM   233 C CB  . GLN A 1 33 ? -1.883  12.592  -8.601  1.00 154.21 ? 33  GLN A CB  1 
ATOM   234 C CG  . GLN A 1 33 ? -0.503  13.155  -8.970  1.00 162.95 ? 33  GLN A CG  1 
ATOM   235 C CD  . GLN A 1 33 ? -0.589  14.122  -10.131 1.00 169.47 ? 33  GLN A CD  1 
ATOM   236 O OE1 . GLN A 1 33 ? -1.576  14.122  -10.864 1.00 171.83 ? 33  GLN A OE1 1 
ATOM   237 N NE2 . GLN A 1 33 ? 0.437   14.951  -10.305 1.00 167.22 ? 33  GLN A NE2 1 
ATOM   238 N N   . GLU A 1 34 ? 0.311   10.202  -7.334  1.00 71.44  ? 34  GLU A N   1 
ATOM   239 C CA  . GLU A 1 34 ? 1.485   9.424   -7.727  1.00 63.74  ? 34  GLU A CA  1 
ATOM   240 C C   . GLU A 1 34 ? 1.993   8.513   -6.621  1.00 52.69  ? 34  GLU A C   1 
ATOM   241 O O   . GLU A 1 34 ? 3.085   8.706   -6.107  1.00 54.38  ? 34  GLU A O   1 
ATOM   242 C CB  . GLU A 1 34 ? 2.606   10.346  -8.220  1.00 72.37  ? 34  GLU A CB  1 
ATOM   243 C CG  . GLU A 1 34 ? 2.517   10.704  -9.698  1.00 81.89  ? 34  GLU A CG  1 
ATOM   244 C CD  . GLU A 1 34 ? 2.990   9.581   -10.609 1.00 85.22  ? 34  GLU A CD  1 
ATOM   245 O OE1 . GLU A 1 34 ? 2.359   8.500   -10.611 1.00 78.83  ? 34  GLU A OE1 1 
ATOM   246 O OE2 . GLU A 1 34 ? 3.996   9.785   -11.323 1.00 82.48  ? 34  GLU A OE2 1 
ATOM   247 N N   . TYR A 1 35 ? 1.193   7.512   -6.268  1.00 47.54  ? 35  TYR A N   1 
ATOM   248 C CA  . TYR A 1 35 ? 1.593   6.520   -5.277  1.00 42.81  ? 35  TYR A CA  1 
ATOM   249 C C   . TYR A 1 35 ? 1.762   5.162   -5.939  1.00 42.17  ? 35  TYR A C   1 
ATOM   250 O O   . TYR A 1 35 ? 1.100   4.869   -6.932  1.00 46.78  ? 35  TYR A O   1 
ATOM   251 C CB  . TYR A 1 35 ? 0.557   6.425   -4.148  1.00 43.60  ? 35  TYR A CB  1 
ATOM   252 C CG  . TYR A 1 35 ? 0.434   7.687   -3.329  1.00 46.42  ? 35  TYR A CG  1 
ATOM   253 C CD1 . TYR A 1 35 ? -0.600  8.589   -3.552  1.00 47.04  ? 35  TYR A CD1 1 
ATOM   254 C CD2 . TYR A 1 35 ? 1.359   7.982   -2.336  1.00 44.63  ? 35  TYR A CD2 1 
ATOM   255 C CE1 . TYR A 1 35 ? -0.706  9.753   -2.805  1.00 52.72  ? 35  TYR A CE1 1 
ATOM   256 C CE2 . TYR A 1 35 ? 1.262   9.138   -1.587  1.00 48.98  ? 35  TYR A CE2 1 
ATOM   257 C CZ  . TYR A 1 35 ? 0.231   10.021  -1.825  1.00 53.69  ? 35  TYR A CZ  1 
ATOM   258 O OH  . TYR A 1 35 ? 0.140   11.173  -1.075  1.00 63.70  ? 35  TYR A OH  1 
ATOM   259 N N   . HIS A 1 36 ? 2.654   4.335   -5.400  1.00 46.76  ? 36  HIS A N   1 
ATOM   260 C CA  . HIS A 1 36 ? 2.772   2.954   -5.860  1.00 44.97  ? 36  HIS A CA  1 
ATOM   261 C C   . HIS A 1 36 ? 3.061   2.001   -4.711  1.00 37.19  ? 36  HIS A C   1 
ATOM   262 O O   . HIS A 1 36 ? 4.018   2.188   -3.970  1.00 35.70  ? 36  HIS A O   1 
ATOM   263 C CB  . HIS A 1 36 ? 3.846   2.802   -6.941  1.00 49.45  ? 36  HIS A CB  1 
ATOM   264 C CG  . HIS A 1 36 ? 4.090   1.379   -7.338  1.00 49.72  ? 36  HIS A CG  1 
ATOM   265 N ND1 . HIS A 1 36 ? 5.303   0.753   -7.156  1.00 43.69  ? 36  HIS A ND1 1 
ATOM   266 C CD2 . HIS A 1 36 ? 3.264   0.450   -7.876  1.00 53.80  ? 36  HIS A CD2 1 
ATOM   267 C CE1 . HIS A 1 36 ? 5.221   -0.496  -7.584  1.00 42.94  ? 36  HIS A CE1 1 
ATOM   268 N NE2 . HIS A 1 36 ? 3.993   -0.705  -8.020  1.00 47.39  ? 36  HIS A NE2 1 
ATOM   269 N N   . LEU A 1 37 ? 2.219   0.982   -4.577  1.00 32.51  ? 37  LEU A N   1 
ATOM   270 C CA  . LEU A 1 37 ? 2.369   -0.029  -3.544  1.00 30.38  ? 37  LEU A CA  1 
ATOM   271 C C   . LEU A 1 37 ? 2.953   -1.296  -4.150  1.00 33.63  ? 37  LEU A C   1 
ATOM   272 O O   . LEU A 1 37 ? 2.721   -1.584  -5.323  1.00 37.58  ? 37  LEU A O   1 
ATOM   273 C CB  . LEU A 1 37 ? 1.011   -0.345  -2.918  1.00 25.74  ? 37  LEU A CB  1 
ATOM   274 C CG  . LEU A 1 37 ? 1.036   -1.354  -1.767  1.00 30.26  ? 37  LEU A CG  1 
ATOM   275 C CD1 . LEU A 1 37 ? 1.710   -0.754  -0.546  1.00 28.08  ? 37  LEU A CD1 1 
ATOM   276 C CD2 . LEU A 1 37 ? -0.369  -1.818  -1.422  1.00 31.13  ? 37  LEU A CD2 1 
ATOM   277 N N   . TYR A 1 38 ? 3.714   -2.047  -3.357  1.00 30.74  ? 38  TYR A N   1 
ATOM   278 C CA  . TYR A 1 38 ? 4.259   -3.328  -3.811  1.00 30.03  ? 38  TYR A CA  1 
ATOM   279 C C   . TYR A 1 38 ? 4.596   -4.277  -2.655  1.00 27.68  ? 38  TYR A C   1 
ATOM   280 O O   . TYR A 1 38 ? 4.772   -3.843  -1.520  1.00 27.73  ? 38  TYR A O   1 
ATOM   281 C CB  . TYR A 1 38 ? 5.480   -3.124  -4.724  1.00 29.92  ? 38  TYR A CB  1 
ATOM   282 C CG  . TYR A 1 38 ? 6.727   -2.626  -4.030  1.00 31.24  ? 38  TYR A CG  1 
ATOM   283 C CD1 . TYR A 1 38 ? 7.708   -3.515  -3.604  1.00 34.90  ? 38  TYR A CD1 1 
ATOM   284 C CD2 . TYR A 1 38 ? 6.931   -1.266  -3.806  1.00 31.67  ? 38  TYR A CD2 1 
ATOM   285 C CE1 . TYR A 1 38 ? 8.846   -3.073  -2.965  1.00 29.07  ? 38  TYR A CE1 1 
ATOM   286 C CE2 . TYR A 1 38 ? 8.067   -0.811  -3.170  1.00 32.77  ? 38  TYR A CE2 1 
ATOM   287 C CZ  . TYR A 1 38 ? 9.025   -1.722  -2.748  1.00 35.23  ? 38  TYR A CZ  1 
ATOM   288 O OH  . TYR A 1 38 ? 10.169  -1.279  -2.114  1.00 34.61  ? 38  TYR A OH  1 
ATOM   289 N N   . ARG A 1 39 ? 4.653   -5.570  -2.957  1.00 28.24  ? 39  ARG A N   1 
ATOM   290 C CA  . ARG A 1 39 ? 5.099   -6.582  -2.004  1.00 28.17  ? 39  ARG A CA  1 
ATOM   291 C C   . ARG A 1 39 ? 6.428   -7.116  -2.514  1.00 31.77  ? 39  ARG A C   1 
ATOM   292 O O   . ARG A 1 39 ? 6.580   -7.343  -3.715  1.00 32.15  ? 39  ARG A O   1 
ATOM   293 C CB  . ARG A 1 39 ? 4.075   -7.707  -1.918  1.00 27.17  ? 39  ARG A CB  1 
ATOM   294 C CG  . ARG A 1 39 ? 4.351   -8.716  -0.837  1.00 29.00  ? 39  ARG A CG  1 
ATOM   295 C CD  . ARG A 1 39 ? 3.181   -9.673  -0.682  1.00 30.23  ? 39  ARG A CD  1 
ATOM   296 N NE  . ARG A 1 39 ? 2.931   -10.446 -1.895  1.00 32.06  ? 39  ARG A NE  1 
ATOM   297 C CZ  . ARG A 1 39 ? 2.074   -11.461 -1.968  1.00 32.54  ? 39  ARG A CZ  1 
ATOM   298 N NH1 . ARG A 1 39 ? 1.384   -11.821 -0.893  1.00 29.97  ? 39  ARG A NH1 1 
ATOM   299 N NH2 . ARG A 1 39 ? 1.909   -12.117 -3.110  1.00 32.83  ? 39  ARG A NH2 1 
ATOM   300 N N   . GLU A 1 40 ? 7.380   -7.343  -1.610  1.00 46.55  ? 40  GLU A N   1 
ATOM   301 C CA  . GLU A 1 40 ? 8.791   -7.416  -2.009  1.00 55.06  ? 40  GLU A CA  1 
ATOM   302 C C   . GLU A 1 40 ? 9.429   -8.746  -2.448  1.00 59.80  ? 40  GLU A C   1 
ATOM   303 O O   . GLU A 1 40 ? 10.259  -8.749  -3.368  1.00 66.32  ? 40  GLU A O   1 
ATOM   304 C CB  . GLU A 1 40 ? 9.679   -6.725  -0.977  1.00 59.85  ? 40  GLU A CB  1 
ATOM   305 C CG  . GLU A 1 40 ? 9.555   -7.268  0.423   1.00 52.88  ? 40  GLU A CG  1 
ATOM   306 C CD  . GLU A 1 40 ? 10.428  -6.500  1.386   1.00 58.68  ? 40  GLU A CD  1 
ATOM   307 O OE1 . GLU A 1 40 ? 11.340  -7.119  1.973   1.00 57.20  ? 40  GLU A OE1 1 
ATOM   308 O OE2 . GLU A 1 40 ? 10.226  -5.271  1.526   1.00 58.00  ? 40  GLU A OE2 1 
ATOM   309 N N   . LYS A 1 41 ? 9.074   -9.855  -1.809  1.00 35.99  ? 41  LYS A N   1 
ATOM   310 C CA  . LYS A 1 41 ? 9.632   -11.141 -2.212  1.00 34.46  ? 41  LYS A CA  1 
ATOM   311 C C   . LYS A 1 41 ? 8.698   -11.814 -3.197  1.00 33.38  ? 41  LYS A C   1 
ATOM   312 O O   . LYS A 1 41 ? 9.075   -12.758 -3.891  1.00 31.03  ? 41  LYS A O   1 
ATOM   313 C CB  . LYS A 1 41 ? 9.849   -12.048 -1.003  1.00 38.44  ? 41  LYS A CB  1 
ATOM   314 C CG  . LYS A 1 41 ? 10.795  -11.494 0.047   1.00 36.85  ? 41  LYS A CG  1 
ATOM   315 C CD  . LYS A 1 41 ? 12.200  -11.371 -0.490  1.00 43.50  ? 41  LYS A CD  1 
ATOM   316 C CE  . LYS A 1 41 ? 13.150  -10.788 0.548   1.00 50.50  ? 41  LYS A CE  1 
ATOM   317 N NZ  . LYS A 1 41 ? 13.284  -11.688 1.728   1.00 59.24  ? 41  LYS A NZ  1 
ATOM   318 N N   . LYS A 1 42 ? 7.481   -11.297 -3.272  1.00 31.87  ? 42  LYS A N   1 
ATOM   319 C CA  . LYS A 1 42 ? 6.479   -11.885 -4.129  1.00 33.15  ? 42  LYS A CA  1 
ATOM   320 C C   . LYS A 1 42 ? 5.472   -10.820 -4.523  1.00 37.79  ? 42  LYS A C   1 
ATOM   321 O O   . LYS A 1 42 ? 4.872   -10.182 -3.660  1.00 39.52  ? 42  LYS A O   1 
ATOM   322 C CB  . LYS A 1 42 ? 5.798   -13.031 -3.386  1.00 38.19  ? 42  LYS A CB  1 
ATOM   323 C CG  . LYS A 1 42 ? 4.875   -13.878 -4.247  1.00 40.43  ? 42  LYS A CG  1 
ATOM   324 C CD  . LYS A 1 42 ? 4.338   -15.066 -3.471  1.00 35.80  ? 42  LYS A CD  1 
ATOM   325 C CE  . LYS A 1 42 ? 3.312   -15.824 -4.287  1.00 47.09  ? 42  LYS A CE  1 
ATOM   326 N NZ  . LYS A 1 42 ? 2.684   -16.925 -3.513  1.00 50.00  ? 42  LYS A NZ  1 
ATOM   327 N N   . THR A 1 43 ? 5.293   -10.623 -5.828  1.00 53.64  ? 43  THR A N   1 
ATOM   328 C CA  . THR A 1 43 ? 4.405   -9.572  -6.325  1.00 52.24  ? 43  THR A CA  1 
ATOM   329 C C   . THR A 1 43 ? 2.973   -9.800  -5.867  1.00 45.99  ? 43  THR A C   1 
ATOM   330 O O   . THR A 1 43 ? 2.475   -10.925 -5.899  1.00 48.01  ? 43  THR A O   1 
ATOM   331 C CB  . THR A 1 43 ? 4.417   -9.463  -7.869  1.00 56.41  ? 43  THR A CB  1 
ATOM   332 O OG1 . THR A 1 43 ? 3.954   -10.691 -8.443  1.00 65.94  ? 43  THR A OG1 1 
ATOM   333 C CG2 . THR A 1 43 ? 5.814   -9.153  -8.391  1.00 59.69  ? 43  THR A CG2 1 
ATOM   334 N N   . ALA A 1 44 ? 2.321   -8.726  -5.437  1.00 37.33  ? 44  ALA A N   1 
ATOM   335 C CA  . ALA A 1 44 ? 0.940   -8.792  -4.983  1.00 34.09  ? 44  ALA A CA  1 
ATOM   336 C C   . ALA A 1 44 ? 0.001   -8.377  -6.104  1.00 38.95  ? 44  ALA A C   1 
ATOM   337 O O   . ALA A 1 44 ? -0.286  -7.194  -6.283  1.00 41.38  ? 44  ALA A O   1 
ATOM   338 C CB  . ALA A 1 44 ? 0.737   -7.907  -3.768  1.00 33.35  ? 44  ALA A CB  1 
ATOM   339 N N   . LEU A 1 45 ? -0.483  -9.359  -6.853  1.00 45.66  ? 45  LEU A N   1 
ATOM   340 C CA  . LEU A 1 45 ? -1.293  -9.099  -8.036  1.00 43.44  ? 45  LEU A CA  1 
ATOM   341 C C   . LEU A 1 45 ? -2.510  -8.224  -7.756  1.00 43.29  ? 45  LEU A C   1 
ATOM   342 O O   . LEU A 1 45 ? -2.935  -7.455  -8.617  1.00 46.95  ? 45  LEU A O   1 
ATOM   343 C CB  . LEU A 1 45 ? -1.726  -10.422 -8.664  1.00 46.67  ? 45  LEU A CB  1 
ATOM   344 C CG  . LEU A 1 45 ? -0.561  -11.325 -9.069  1.00 44.45  ? 45  LEU A CG  1 
ATOM   345 C CD1 . LEU A 1 45 ? -0.915  -12.795 -8.884  1.00 49.95  ? 45  LEU A CD1 1 
ATOM   346 C CD2 . LEU A 1 45 ? -0.126  -11.032 -10.496 1.00 42.69  ? 45  LEU A CD2 1 
ATOM   347 N N   . TRP A 1 46 ? -3.068  -8.335  -6.556  1.00 36.12  ? 46  TRP A N   1 
ATOM   348 C CA  . TRP A 1 46 ? -4.302  -7.625  -6.232  1.00 37.97  ? 46  TRP A CA  1 
ATOM   349 C C   . TRP A 1 46 ? -4.133  -6.110  -6.305  1.00 37.72  ? 46  TRP A C   1 
ATOM   350 O O   . TRP A 1 46 ? -5.109  -5.372  -6.427  1.00 41.25  ? 46  TRP A O   1 
ATOM   351 C CB  . TRP A 1 46 ? -4.815  -8.035  -4.853  1.00 39.53  ? 46  TRP A CB  1 
ATOM   352 C CG  . TRP A 1 46 ? -3.948  -7.562  -3.738  1.00 38.49  ? 46  TRP A CG  1 
ATOM   353 C CD1 . TRP A 1 46 ? -2.951  -8.262  -3.117  1.00 34.41  ? 46  TRP A CD1 1 
ATOM   354 C CD2 . TRP A 1 46 ? -3.991  -6.276  -3.111  1.00 36.17  ? 46  TRP A CD2 1 
ATOM   355 N NE1 . TRP A 1 46 ? -2.372  -7.488  -2.141  1.00 32.14  ? 46  TRP A NE1 1 
ATOM   356 C CE2 . TRP A 1 46 ? -2.993  -6.265  -2.115  1.00 33.23  ? 46  TRP A CE2 1 
ATOM   357 C CE3 . TRP A 1 46 ? -4.778  -5.132  -3.291  1.00 36.92  ? 46  TRP A CE3 1 
ATOM   358 C CZ2 . TRP A 1 46 ? -2.762  -5.156  -1.304  1.00 31.14  ? 46  TRP A CZ2 1 
ATOM   359 C CZ3 . TRP A 1 46 ? -4.546  -4.030  -2.483  1.00 34.54  ? 46  TRP A CZ3 1 
ATOM   360 C CH2 . TRP A 1 46 ? -3.545  -4.051  -1.503  1.00 31.53  ? 46  TRP A CH2 1 
ATOM   361 N N   . ILE A 1 47 ? -2.892  -5.650  -6.236  1.00 30.79  ? 47  ILE A N   1 
ATOM   362 C CA  . ILE A 1 47 ? -2.609  -4.222  -6.302  1.00 31.33  ? 47  ILE A CA  1 
ATOM   363 C C   . ILE A 1 47 ? -2.839  -3.687  -7.705  1.00 34.42  ? 47  ILE A C   1 
ATOM   364 O O   . ILE A 1 47 ? -3.263  -2.547  -7.885  1.00 36.09  ? 47  ILE A O   1 
ATOM   365 C CB  . ILE A 1 47 ? -1.151  -3.919  -5.899  1.00 32.97  ? 47  ILE A CB  1 
ATOM   366 C CG1 . ILE A 1 47 ? -0.860  -4.484  -4.504  1.00 29.18  ? 47  ILE A CG1 1 
ATOM   367 C CG2 . ILE A 1 47 ? -0.874  -2.422  -5.976  1.00 28.55  ? 47  ILE A CG2 1 
ATOM   368 C CD1 . ILE A 1 47 ? 0.494   -4.128  -3.954  1.00 25.77  ? 47  ILE A CD1 1 
ATOM   369 N N   . THR A 1 48 ? -2.556  -4.521  -8.702  1.00 46.35  ? 48  THR A N   1 
ATOM   370 C CA  . THR A 1 48 ? -2.643  -4.113  -10.103 1.00 46.26  ? 48  THR A CA  1 
ATOM   371 C C   . THR A 1 48 ? -4.085  -3.985  -10.555 1.00 42.49  ? 48  THR A C   1 
ATOM   372 O O   . THR A 1 48 ? -4.351  -3.750  -11.728 1.00 40.98  ? 48  THR A O   1 
ATOM   373 C CB  . THR A 1 48 ? -1.944  -5.122  -11.043 1.00 48.23  ? 48  THR A CB  1 
ATOM   374 O OG1 . THR A 1 48 ? -2.740  -6.310  -11.156 1.00 53.86  ? 48  THR A OG1 1 
ATOM   375 C CG2 . THR A 1 48 ? -0.562  -5.483  -10.522 1.00 46.67  ? 48  THR A CG2 1 
ATOM   376 N N   . ARG A 1 49 ? -5.017  -4.153  -9.626  1.00 42.52  ? 49  ARG A N   1 
ATOM   377 C CA  . ARG A 1 49 ? -6.428  -4.092  -9.969  1.00 42.90  ? 49  ARG A CA  1 
ATOM   378 C C   . ARG A 1 49 ? -7.147  -2.939  -9.272  1.00 43.11  ? 49  ARG A C   1 
ATOM   379 O O   . ARG A 1 49 ? -8.342  -2.736  -9.469  1.00 46.37  ? 49  ARG A O   1 
ATOM   380 C CB  . ARG A 1 49 ? -7.107  -5.424  -9.658  1.00 45.89  ? 49  ARG A CB  1 
ATOM   381 C CG  . ARG A 1 49 ? -6.561  -6.582  -10.468 1.00 45.23  ? 49  ARG A CG  1 
ATOM   382 C CD  . ARG A 1 49 ? -7.399  -7.829  -10.269 1.00 48.49  ? 49  ARG A CD  1 
ATOM   383 N NE  . ARG A 1 49 ? -6.729  -8.825  -9.432  1.00 57.01  ? 49  ARG A NE  1 
ATOM   384 C CZ  . ARG A 1 49 ? -7.033  -9.078  -8.159  1.00 52.45  ? 49  ARG A CZ  1 
ATOM   385 N NH1 . ARG A 1 49 ? -8.002  -8.409  -7.545  1.00 45.07  ? 49  ARG A NH1 1 
ATOM   386 N NH2 . ARG A 1 49 ? -6.361  -10.009 -7.494  1.00 54.17  ? 49  ARG A NH2 1 
ATOM   387 N N   . ILE A 1 50 ? -6.417  -2.183  -8.460  1.00 38.47  ? 50  ILE A N   1 
ATOM   388 C CA  . ILE A 1 50 ? -6.992  -1.035  -7.767  1.00 38.24  ? 50  ILE A CA  1 
ATOM   389 C C   . ILE A 1 50 ? -7.195  0.122   -8.753  1.00 37.30  ? 50  ILE A C   1 
ATOM   390 O O   . ILE A 1 50 ? -6.252  0.555   -9.405  1.00 42.79  ? 50  ILE A O   1 
ATOM   391 C CB  . ILE A 1 50 ? -6.092  -0.594  -6.583  1.00 35.72  ? 50  ILE A CB  1 
ATOM   392 C CG1 . ILE A 1 50 ? -5.858  -1.760  -5.615  1.00 33.69  ? 50  ILE A CG1 1 
ATOM   393 C CG2 . ILE A 1 50 ? -6.708  0.577   -5.841  1.00 34.99  ? 50  ILE A CG2 1 
ATOM   394 C CD1 . ILE A 1 50 ? -7.095  -2.200  -4.865  1.00 30.85  ? 50  ILE A CD1 1 
ATOM   395 N N   . PRO A 1 51 ? -8.433  0.615   -8.880  1.00 37.83  ? 51  PRO A N   1 
ATOM   396 C CA  . PRO A 1 51 ? -8.696  1.703   -9.828  1.00 36.78  ? 51  PRO A CA  1 
ATOM   397 C C   . PRO A 1 51 ? -7.802  2.910   -9.561  1.00 42.27  ? 51  PRO A C   1 
ATOM   398 O O   . PRO A 1 51 ? -7.490  3.191   -8.407  1.00 45.37  ? 51  PRO A O   1 
ATOM   399 C CB  . PRO A 1 51 ? -10.160 2.059   -9.556  1.00 39.06  ? 51  PRO A CB  1 
ATOM   400 C CG  . PRO A 1 51 ? -10.746 0.817   -8.982  1.00 42.33  ? 51  PRO A CG  1 
ATOM   401 C CD  . PRO A 1 51 ? -9.653  0.179   -8.180  1.00 37.88  ? 51  PRO A CD  1 
ATOM   402 N N   . GLN A 1 52 ? -7.405  3.611   -10.619 1.00 36.89  ? 52  GLN A N   1 
ATOM   403 C CA  . GLN A 1 52 ? -6.526  4.768   -10.498 1.00 34.37  ? 52  GLN A CA  1 
ATOM   404 C C   . GLN A 1 52 ? -7.061  5.825   -9.548  1.00 37.84  ? 52  GLN A C   1 
ATOM   405 O O   . GLN A 1 52 ? -6.291  6.551   -8.930  1.00 41.24  ? 52  GLN A O   1 
ATOM   406 C CB  . GLN A 1 52 ? -6.289  5.400   -11.867 1.00 42.19  ? 52  GLN A CB  1 
ATOM   407 C CG  . GLN A 1 52 ? -5.653  4.465   -12.880 1.00 52.07  ? 52  GLN A CG  1 
ATOM   408 C CD  . GLN A 1 52 ? -4.224  4.069   -12.513 1.00 60.88  ? 52  GLN A CD  1 
ATOM   409 O OE1 . GLN A 1 52 ? -3.888  3.913   -11.337 1.00 52.64  ? 52  GLN A OE1 1 
ATOM   410 N NE2 . GLN A 1 52 ? -3.378  3.899   -13.528 1.00 64.89  ? 52  GLN A NE2 1 
ATOM   411 N N   . GLU A 1 53 ? -8.380  5.924   -9.442  1.00 44.81  ? 53  GLU A N   1 
ATOM   412 C CA  . GLU A 1 53 ? -8.988  6.934   -8.580  1.00 45.37  ? 53  GLU A CA  1 
ATOM   413 C C   . GLU A 1 53 ? -8.573  6.743   -7.130  1.00 45.68  ? 53  GLU A C   1 
ATOM   414 O O   . GLU A 1 53 ? -8.360  7.715   -6.407  1.00 47.32  ? 53  GLU A O   1 
ATOM   415 C CB  . GLU A 1 53 ? -10.513 6.912   -8.694  1.00 52.17  ? 53  GLU A CB  1 
ATOM   416 C CG  . GLU A 1 53 ? -11.048 7.409   -10.026 1.00 57.62  ? 53  GLU A CG  1 
ATOM   417 C CD  . GLU A 1 53 ? -10.580 6.561   -11.193 1.00 66.13  ? 53  GLU A CD  1 
ATOM   418 O OE1 . GLU A 1 53 ? -10.506 5.320   -11.040 1.00 57.96  ? 53  GLU A OE1 1 
ATOM   419 O OE2 . GLU A 1 53 ? -10.288 7.136   -12.264 1.00 78.94  ? 53  GLU A OE2 1 
ATOM   420 N N   . LEU A 1 54 ? -8.463  5.486   -6.713  1.00 49.40  ? 54  LEU A N   1 
ATOM   421 C CA  . LEU A 1 54 ? -8.031  5.152   -5.360  1.00 44.43  ? 54  LEU A CA  1 
ATOM   422 C C   . LEU A 1 54 ? -6.522  5.320   -5.219  1.00 45.66  ? 54  LEU A C   1 
ATOM   423 O O   . LEU A 1 54 ? -6.045  6.036   -4.336  1.00 47.83  ? 54  LEU A O   1 
ATOM   424 C CB  . LEU A 1 54 ? -8.426  3.714   -5.016  1.00 40.98  ? 54  LEU A CB  1 
ATOM   425 C CG  . LEU A 1 54 ? -9.921  3.420   -4.877  1.00 43.71  ? 54  LEU A CG  1 
ATOM   426 C CD1 . LEU A 1 54 ? -10.177 1.924   -4.797  1.00 40.12  ? 54  LEU A CD1 1 
ATOM   427 C CD2 . LEU A 1 54 ? -10.496 4.122   -3.661  1.00 43.14  ? 54  LEU A CD2 1 
ATOM   428 N N   . VAL A 1 55 ? -5.779  4.651   -6.095  1.00 38.70  ? 55  VAL A N   1 
ATOM   429 C CA  . VAL A 1 55 ? -4.322  4.733   -6.103  1.00 36.21  ? 55  VAL A CA  1 
ATOM   430 C C   . VAL A 1 55 ? -3.842  6.180   -6.050  1.00 38.60  ? 55  VAL A C   1 
ATOM   431 O O   . VAL A 1 55 ? -2.853  6.489   -5.388  1.00 41.47  ? 55  VAL A O   1 
ATOM   432 C CB  . VAL A 1 55 ? -3.729  4.031   -7.343  1.00 33.73  ? 55  VAL A CB  1 
ATOM   433 C CG1 . VAL A 1 55 ? -2.259  4.357   -7.486  1.00 35.92  ? 55  VAL A CG1 1 
ATOM   434 C CG2 . VAL A 1 55 ? -3.944  2.527   -7.259  1.00 27.41  ? 55  VAL A CG2 1 
ATOM   435 N N   . LYS A 1 56 ? -4.546  7.070   -6.741  1.00 33.26  ? 56  LYS A N   1 
ATOM   436 C CA  . LYS A 1 56 ? -4.196  8.483   -6.725  1.00 37.06  ? 56  LYS A CA  1 
ATOM   437 C C   . LYS A 1 56 ? -4.391  9.081   -5.343  1.00 39.64  ? 56  LYS A C   1 
ATOM   438 O O   . LYS A 1 56 ? -3.674  9.992   -4.947  1.00 50.92  ? 56  LYS A O   1 
ATOM   439 C CB  . LYS A 1 56 ? -5.008  9.260   -7.759  1.00 42.52  ? 56  LYS A CB  1 
ATOM   440 C CG  . LYS A 1 56 ? -4.554  9.035   -9.189  1.00 47.36  ? 56  LYS A CG  1 
ATOM   441 C CD  . LYS A 1 56 ? -5.356  9.882   -10.169 1.00 58.42  ? 56  LYS A CD  1 
ATOM   442 C CE  . LYS A 1 56 ? -4.892  9.662   -11.603 1.00 59.32  ? 56  LYS A CE  1 
ATOM   443 N NZ  . LYS A 1 56 ? -5.744  10.390  -12.583 1.00 62.90  ? 56  LYS A NZ  1 
ATOM   444 N N   . LYS A 1 57 ? -5.360  8.565   -4.603  1.00 39.30  ? 57  LYS A N   1 
ATOM   445 C CA  . LYS A 1 57 ? -5.578  9.030   -3.243  1.00 37.89  ? 57  LYS A CA  1 
ATOM   446 C C   . LYS A 1 57 ? -4.709  8.246   -2.274  1.00 36.28  ? 57  LYS A C   1 
ATOM   447 O O   . LYS A 1 57 ? -4.762  8.457   -1.062  1.00 36.11  ? 57  LYS A O   1 
ATOM   448 C CB  . LYS A 1 57 ? -7.048  8.895   -2.858  1.00 46.21  ? 57  LYS A CB  1 
ATOM   449 C CG  . LYS A 1 57 ? -7.965  9.898   -3.538  1.00 46.85  ? 57  LYS A CG  1 
ATOM   450 C CD  . LYS A 1 57 ? -9.405  9.716   -3.083  1.00 45.98  ? 57  LYS A CD  1 
ATOM   451 C CE  . LYS A 1 57 ? -9.906  8.324   -3.422  1.00 42.31  ? 57  LYS A CE  1 
ATOM   452 N NZ  . LYS A 1 57 ? -11.267 8.075   -2.885  1.00 40.82  ? 57  LYS A NZ  1 
ATOM   453 N N   . GLY A 1 58 ? -3.902  7.343   -2.818  1.00 38.30  ? 58  GLY A N   1 
ATOM   454 C CA  . GLY A 1 58 ? -3.027  6.521   -2.005  1.00 35.74  ? 58  GLY A CA  1 
ATOM   455 C C   . GLY A 1 58 ? -3.822  5.533   -1.181  1.00 34.31  ? 58  GLY A C   1 
ATOM   456 O O   . GLY A 1 58 ? -3.538  5.319   0.000   1.00 32.35  ? 58  GLY A O   1 
ATOM   457 N N   . GLN A 1 59 ? -4.827  4.933   -1.812  1.00 35.11  ? 59  GLN A N   1 
ATOM   458 C CA  . GLN A 1 59 ? -5.695  3.978   -1.135  1.00 31.55  ? 59  GLN A CA  1 
ATOM   459 C C   . GLN A 1 59 ? -5.675  2.637   -1.842  1.00 30.96  ? 59  GLN A C   1 
ATOM   460 O O   . GLN A 1 59 ? -5.861  2.567   -3.055  1.00 31.63  ? 59  GLN A O   1 
ATOM   461 C CB  . GLN A 1 59 ? -7.130  4.498   -1.072  1.00 37.44  ? 59  GLN A CB  1 
ATOM   462 C CG  . GLN A 1 59 ? -7.261  5.874   -0.448  1.00 39.53  ? 59  GLN A CG  1 
ATOM   463 C CD  . GLN A 1 59 ? -8.690  6.229   -0.117  1.00 33.29  ? 59  GLN A CD  1 
ATOM   464 O OE1 . GLN A 1 59 ? -9.545  5.354   0.026   1.00 30.64  ? 59  GLN A OE1 1 
ATOM   465 N NE2 . GLN A 1 59 ? -8.958  7.521   0.015   1.00 38.92  ? 59  GLN A NE2 1 
ATOM   466 N N   . PHE A 1 60 ? -5.458  1.577   -1.071  1.00 30.95  ? 60  PHE A N   1 
ATOM   467 C CA  . PHE A 1 60 ? -5.407  0.228   -1.611  1.00 30.25  ? 60  PHE A CA  1 
ATOM   468 C C   . PHE A 1 60 ? -6.291  -0.711  -0.785  1.00 31.14  ? 60  PHE A C   1 
ATOM   469 O O   . PHE A 1 60 ? -5.830  -1.363  0.145   1.00 32.64  ? 60  PHE A O   1 
ATOM   470 C CB  . PHE A 1 60 ? -3.958  -0.263  -1.655  1.00 31.43  ? 60  PHE A CB  1 
ATOM   471 C CG  . PHE A 1 60 ? -3.031  0.665   -2.390  1.00 28.09  ? 60  PHE A CG  1 
ATOM   472 C CD1 . PHE A 1 60 ? -2.512  1.785   -1.762  1.00 30.42  ? 60  PHE A CD1 1 
ATOM   473 C CD2 . PHE A 1 60 ? -2.685  0.425   -3.708  1.00 26.96  ? 60  PHE A CD2 1 
ATOM   474 C CE1 . PHE A 1 60 ? -1.660  2.647   -2.434  1.00 31.23  ? 60  PHE A CE1 1 
ATOM   475 C CE2 . PHE A 1 60 ? -1.832  1.281   -4.385  1.00 29.69  ? 60  PHE A CE2 1 
ATOM   476 C CZ  . PHE A 1 60 ? -1.320  2.394   -3.746  1.00 31.83  ? 60  PHE A CZ  1 
ATOM   477 N N   . PRO A 1 61 ? -7.581  -0.773  -1.129  1.00 31.22  ? 61  PRO A N   1 
ATOM   478 C CA  . PRO A 1 61 ? -8.563  -1.527  -0.352  1.00 31.16  ? 61  PRO A CA  1 
ATOM   479 C C   . PRO A 1 61 ? -8.451  -3.028  -0.561  1.00 35.39  ? 61  PRO A C   1 
ATOM   480 O O   . PRO A 1 61 ? -8.047  -3.486  -1.628  1.00 40.01  ? 61  PRO A O   1 
ATOM   481 C CB  . PRO A 1 61 ? -9.903  -1.044  -0.922  1.00 32.43  ? 61  PRO A CB  1 
ATOM   482 C CG  . PRO A 1 61 ? -9.585  0.164   -1.745  1.00 29.57  ? 61  PRO A CG  1 
ATOM   483 C CD  . PRO A 1 61 ? -8.208  -0.061  -2.250  1.00 33.05  ? 61  PRO A CD  1 
ATOM   484 N N   . ILE A 1 62 ? -8.816  -3.781  0.469   1.00 33.26  ? 62  ILE A N   1 
ATOM   485 C CA  . ILE A 1 62 ? -9.022  -5.216  0.354   1.00 34.29  ? 62  ILE A CA  1 
ATOM   486 C C   . ILE A 1 62 ? -10.336 -5.523  1.054   1.00 35.54  ? 62  ILE A C   1 
ATOM   487 O O   . ILE A 1 62 ? -10.437 -5.426  2.273   1.00 38.36  ? 62  ILE A O   1 
ATOM   488 C CB  . ILE A 1 62 ? -7.882  -6.015  1.004   1.00 31.38  ? 62  ILE A CB  1 
ATOM   489 C CG1 . ILE A 1 62 ? -6.557  -5.727  0.289   1.00 30.92  ? 62  ILE A CG1 1 
ATOM   490 C CG2 . ILE A 1 62 ? -8.198  -7.496  0.974   1.00 27.51  ? 62  ILE A CG2 1 
ATOM   491 C CD1 . ILE A 1 62 ? -5.329  -6.008  1.129   1.00 25.84  ? 62  ILE A CD1 1 
ATOM   492 N N   . LEU A 1 63 ? -11.352 -5.867  0.274   1.00 33.54  ? 63  LEU A N   1 
ATOM   493 C CA  . LEU A 1 63 ? -12.676 -6.096  0.827   1.00 33.87  ? 63  LEU A CA  1 
ATOM   494 C C   . LEU A 1 63 ? -12.728 -7.377  1.643   1.00 34.08  ? 63  LEU A C   1 
ATOM   495 O O   . LEU A 1 63 ? -13.303 -7.405  2.729   1.00 38.47  ? 63  LEU A O   1 
ATOM   496 C CB  . LEU A 1 63 ? -13.721 -6.121  -0.289  1.00 37.15  ? 63  LEU A CB  1 
ATOM   497 C CG  . LEU A 1 63 ? -14.338 -4.768  -0.650  1.00 35.22  ? 63  LEU A CG  1 
ATOM   498 C CD1 . LEU A 1 63 ? -13.275 -3.682  -0.726  1.00 34.72  ? 63  LEU A CD1 1 
ATOM   499 C CD2 . LEU A 1 63 ? -15.117 -4.856  -1.953  1.00 34.34  ? 63  LEU A CD2 1 
ATOM   500 N N   . SER A 1 64 ? -12.118 -8.433  1.118   1.00 39.81  ? 64  SER A N   1 
ATOM   501 C CA  . SER A 1 64 ? -12.099 -9.731  1.789   1.00 39.26  ? 64  SER A CA  1 
ATOM   502 C C   . SER A 1 64 ? -10.701 -10.343 1.752   1.00 35.86  ? 64  SER A C   1 
ATOM   503 O O   . SER A 1 64 ? -10.329 -11.007 0.789   1.00 36.22  ? 64  SER A O   1 
ATOM   504 C CB  . SER A 1 64 ? -13.111 -10.678 1.140   1.00 37.53  ? 64  SER A CB  1 
ATOM   505 O OG  . SER A 1 64 ? -13.036 -11.975 1.701   1.00 40.76  ? 64  SER A OG  1 
ATOM   506 N N   . ILE A 1 65 ? -9.935  -10.120 2.812   1.00 32.82  ? 65  ILE A N   1 
ATOM   507 C CA  . ILE A 1 65 ? -8.549  -10.558 2.846   1.00 33.62  ? 65  ILE A CA  1 
ATOM   508 C C   . ILE A 1 65 ? -8.404  -12.083 2.900   1.00 37.58  ? 65  ILE A C   1 
ATOM   509 O O   . ILE A 1 65 ? -9.092  -12.758 3.667   1.00 37.58  ? 65  ILE A O   1 
ATOM   510 C CB  . ILE A 1 65 ? -7.784  -9.917  4.020   1.00 32.47  ? 65  ILE A CB  1 
ATOM   511 C CG1 . ILE A 1 65 ? -6.314  -9.722  3.642   1.00 32.39  ? 65  ILE A CG1 1 
ATOM   512 C CG2 . ILE A 1 65 ? -7.935  -10.752 5.281   1.00 33.77  ? 65  ILE A CG2 1 
ATOM   513 C CD1 . ILE A 1 65 ? -5.469  -9.086  4.726   1.00 32.46  ? 65  ILE A CD1 1 
ATOM   514 N N   . THR A 1 66 ? -7.506  -12.611 2.071   1.00 37.85  ? 66  THR A N   1 
ATOM   515 C CA  . THR A 1 66 ? -7.205  -14.036 2.039   1.00 34.23  ? 66  THR A CA  1 
ATOM   516 C C   . THR A 1 66 ? -5.799  -14.268 2.570   1.00 34.58  ? 66  THR A C   1 
ATOM   517 O O   . THR A 1 66 ? -5.087  -13.318 2.890   1.00 33.82  ? 66  THR A O   1 
ATOM   518 C CB  . THR A 1 66 ? -7.292  -14.595 0.609   1.00 36.56  ? 66  THR A CB  1 
ATOM   519 O OG1 . THR A 1 66 ? -6.130  -14.209 -0.136  1.00 37.90  ? 66  THR A OG1 1 
ATOM   520 C CG2 . THR A 1 66 ? -8.528  -14.068 -0.094  1.00 37.76  ? 66  THR A CG2 1 
ATOM   521 N N   . TRP A 1 67 ? -5.395  -15.532 2.653   1.00 33.92  ? 67  TRP A N   1 
ATOM   522 C CA  . TRP A 1 67 ? -4.064  -15.876 3.146   1.00 31.33  ? 67  TRP A CA  1 
ATOM   523 C C   . TRP A 1 67 ? -2.972  -15.308 2.261   1.00 32.50  ? 67  TRP A C   1 
ATOM   524 O O   . TRP A 1 67 ? -1.943  -14.835 2.747   1.00 35.37  ? 67  TRP A O   1 
ATOM   525 C CB  . TRP A 1 67 ? -3.904  -17.389 3.236   1.00 32.36  ? 67  TRP A CB  1 
ATOM   526 C CG  . TRP A 1 67 ? -4.867  -18.006 4.165   1.00 37.45  ? 67  TRP A CG  1 
ATOM   527 C CD1 . TRP A 1 67 ? -5.895  -18.843 3.843   1.00 38.71  ? 67  TRP A CD1 1 
ATOM   528 C CD2 . TRP A 1 67 ? -4.923  -17.820 5.585   1.00 37.42  ? 67  TRP A CD2 1 
ATOM   529 N NE1 . TRP A 1 67 ? -6.579  -19.203 4.982   1.00 40.01  ? 67  TRP A NE1 1 
ATOM   530 C CE2 . TRP A 1 67 ? -6.004  -18.585 6.063   1.00 37.44  ? 67  TRP A CE2 1 
ATOM   531 C CE3 . TRP A 1 67 ? -4.160  -17.083 6.499   1.00 32.98  ? 67  TRP A CE3 1 
ATOM   532 C CZ2 . TRP A 1 67 ? -6.343  -18.636 7.416   1.00 35.17  ? 67  TRP A CZ2 1 
ATOM   533 C CZ3 . TRP A 1 67 ? -4.497  -17.135 7.840   1.00 35.19  ? 67  TRP A CZ3 1 
ATOM   534 C CH2 . TRP A 1 67 ? -5.580  -17.905 8.285   1.00 35.98  ? 67  TRP A CH2 1 
ATOM   535 N N   . GLU A 1 68 ? -3.201  -15.363 0.956   1.00 41.58  ? 68  GLU A N   1 
ATOM   536 C CA  . GLU A 1 68 ? -2.201  -14.950 -0.015  1.00 42.75  ? 68  GLU A CA  1 
ATOM   537 C C   . GLU A 1 68 ? -1.935  -13.443 0.020   1.00 42.56  ? 68  GLU A C   1 
ATOM   538 O O   . GLU A 1 68 ? -0.994  -12.964 -0.604  1.00 47.68  ? 68  GLU A O   1 
ATOM   539 C CB  . GLU A 1 68 ? -2.614  -15.400 -1.419  1.00 52.13  ? 68  GLU A CB  1 
ATOM   540 C CG  . GLU A 1 68 ? -1.453  -15.884 -2.298  1.00 68.21  ? 68  GLU A CG  1 
ATOM   541 C CD  . GLU A 1 68 ? -0.919  -14.809 -3.240  1.00 63.16  ? 68  GLU A CD  1 
ATOM   542 O OE1 . GLU A 1 68 ? 0.230   -14.951 -3.719  1.00 56.99  ? 68  GLU A OE1 1 
ATOM   543 O OE2 . GLU A 1 68 ? -1.647  -13.825 -3.502  1.00 64.18  ? 68  GLU A OE2 1 
ATOM   544 N N   . HIS A 1 69 ? -2.755  -12.700 0.758   1.00 39.18  ? 69  HIS A N   1 
ATOM   545 C CA  . HIS A 1 69 ? -2.563  -11.256 0.890   1.00 36.73  ? 69  HIS A CA  1 
ATOM   546 C C   . HIS A 1 69 ? -1.442  -10.887 1.862   1.00 38.57  ? 69  HIS A C   1 
ATOM   547 O O   . HIS A 1 69 ? -0.845  -9.813  1.761   1.00 37.24  ? 69  HIS A O   1 
ATOM   548 C CB  . HIS A 1 69 ? -3.853  -10.583 1.345   1.00 33.74  ? 69  HIS A CB  1 
ATOM   549 C CG  . HIS A 1 69 ? -4.878  -10.456 0.268   1.00 34.44  ? 69  HIS A CG  1 
ATOM   550 N ND1 . HIS A 1 69 ? -5.065  -9.292  -0.447  1.00 37.89  ? 69  HIS A ND1 1 
ATOM   551 C CD2 . HIS A 1 69 ? -5.775  -11.343 -0.219  1.00 37.54  ? 69  HIS A CD2 1 
ATOM   552 C CE1 . HIS A 1 69 ? -6.033  -9.467  -1.326  1.00 35.09  ? 69  HIS A CE1 1 
ATOM   553 N NE2 . HIS A 1 69 ? -6.481  -10.705 -1.208  1.00 35.97  ? 69  HIS A NE2 1 
ATOM   554 N N   . ALA A 1 70 ? -1.175  -11.773 2.814   1.00 39.91  ? 70  ALA A N   1 
ATOM   555 C CA  . ALA A 1 70 ? -0.157  -11.517 3.823   1.00 37.36  ? 70  ALA A CA  1 
ATOM   556 C C   . ALA A 1 70 ? 1.203   -11.279 3.178   1.00 38.20  ? 70  ALA A C   1 
ATOM   557 O O   . ALA A 1 70 ? 1.532   -11.887 2.156   1.00 37.75  ? 70  ALA A O   1 
ATOM   558 C CB  . ALA A 1 70 ? -0.086  -12.675 4.796   1.00 35.90  ? 70  ALA A CB  1 
ATOM   559 N N   . GLY A 1 71 ? 1.989   -10.388 3.773   1.00 36.87  ? 71  GLY A N   1 
ATOM   560 C CA  . GLY A 1 71 ? 3.327   -10.122 3.277   1.00 37.40  ? 71  GLY A CA  1 
ATOM   561 C C   . GLY A 1 71 ? 3.870   -8.772  3.698   1.00 38.44  ? 71  GLY A C   1 
ATOM   562 O O   . GLY A 1 71 ? 3.247   -8.052  4.476   1.00 41.46  ? 71  GLY A O   1 
ATOM   563 N N   . ARG A 1 72 ? 5.037   -8.426  3.166   1.00 38.86  ? 72  ARG A N   1 
ATOM   564 C CA  . ARG A 1 72 ? 5.696   -7.172  3.503   1.00 37.80  ? 72  ARG A CA  1 
ATOM   565 C C   . ARG A 1 72 ? 5.478   -6.161  2.389   1.00 33.74  ? 72  ARG A C   1 
ATOM   566 O O   . ARG A 1 72 ? 5.892   -6.383  1.251   1.00 34.13  ? 72  ARG A O   1 
ATOM   567 C CB  . ARG A 1 72 ? 7.190   -7.413  3.712   1.00 40.54  ? 72  ARG A CB  1 
ATOM   568 C CG  . ARG A 1 72 ? 7.823   -6.557  4.792   1.00 40.52  ? 72  ARG A CG  1 
ATOM   569 C CD  . ARG A 1 72 ? 8.752   -7.397  5.656   1.00 47.94  ? 72  ARG A CD  1 
ATOM   570 N NE  . ARG A 1 72 ? 9.855   -6.615  6.209   1.00 54.34  ? 72  ARG A NE  1 
ATOM   571 C CZ  . ARG A 1 72 ? 11.067  -6.546  5.663   1.00 56.83  ? 72  ARG A CZ  1 
ATOM   572 N NH1 . ARG A 1 72 ? 11.335  -7.216  4.550   1.00 57.72  ? 72  ARG A NH1 1 
ATOM   573 N NH2 . ARG A 1 72 ? 12.013  -5.810  6.228   1.00 53.13  ? 72  ARG A NH2 1 
ATOM   574 N N   . TYR A 1 73 ? 4.824   -5.054  2.721   1.00 28.13  ? 73  TYR A N   1 
ATOM   575 C CA  . TYR A 1 73 ? 4.468   -4.047  1.729   1.00 25.32  ? 73  TYR A CA  1 
ATOM   576 C C   . TYR A 1 73 ? 5.240   -2.752  1.931   1.00 25.96  ? 73  TYR A C   1 
ATOM   577 O O   . TYR A 1 73 ? 5.473   -2.327  3.055   1.00 27.92  ? 73  TYR A O   1 
ATOM   578 C CB  . TYR A 1 73 ? 2.958   -3.781  1.761   1.00 25.12  ? 73  TYR A CB  1 
ATOM   579 C CG  . TYR A 1 73 ? 2.133   -4.939  1.246   1.00 23.95  ? 73  TYR A CG  1 
ATOM   580 C CD1 . TYR A 1 73 ? 1.895   -6.055  2.034   1.00 25.91  ? 73  TYR A CD1 1 
ATOM   581 C CD2 . TYR A 1 73 ? 1.602   -4.920  -0.035  1.00 29.58  ? 73  TYR A CD2 1 
ATOM   582 C CE1 . TYR A 1 73 ? 1.148   -7.118  1.560   1.00 27.20  ? 73  TYR A CE1 1 
ATOM   583 C CE2 . TYR A 1 73 ? 0.851   -5.977  -0.516  1.00 26.21  ? 73  TYR A CE2 1 
ATOM   584 C CZ  . TYR A 1 73 ? 0.629   -7.070  0.283   1.00 24.65  ? 73  TYR A CZ  1 
ATOM   585 O OH  . TYR A 1 73 ? -0.113  -8.120  -0.199  1.00 26.73  ? 73  TYR A OH  1 
ATOM   586 N N   . CYS A 1 74 ? 5.649   -2.137  0.829   1.00 31.80  ? 74  CYS A N   1 
ATOM   587 C CA  . CYS A 1 74 ? 6.302   -0.836  0.855   1.00 31.81  ? 74  CYS A CA  1 
ATOM   588 C C   . CYS A 1 74 ? 5.669   0.013   -0.223  1.00 32.31  ? 74  CYS A C   1 
ATOM   589 O O   . CYS A 1 74 ? 5.012   -0.502  -1.125  1.00 34.13  ? 74  CYS A O   1 
ATOM   590 C CB  . CYS A 1 74 ? 7.796   -0.967  0.568   1.00 33.70  ? 74  CYS A CB  1 
ATOM   591 S SG  . CYS A 1 74 ? 8.759   -1.838  1.823   1.00 40.44  ? 74  CYS A SG  1 
ATOM   592 N N   . CYS A 1 75 ? 5.864   1.317   -0.146  1.00 34.86  ? 75  CYS A N   1 
ATOM   593 C CA  . CYS A 1 75 ? 5.346   2.168   -1.194  1.00 37.27  ? 75  CYS A CA  1 
ATOM   594 C C   . CYS A 1 75 ? 6.189   3.420   -1.370  1.00 40.95  ? 75  CYS A C   1 
ATOM   595 O O   . CYS A 1 75 ? 6.857   3.873   -0.440  1.00 39.36  ? 75  CYS A O   1 
ATOM   596 C CB  . CYS A 1 75 ? 3.891   2.528   -0.918  1.00 40.04  ? 75  CYS A CB  1 
ATOM   597 S SG  . CYS A 1 75 ? 3.659   4.135   -0.153  1.00 47.01  ? 75  CYS A SG  1 
ATOM   598 N N   . ILE A 1 76 ? 6.162   3.957   -2.584  1.00 42.12  ? 76  ILE A N   1 
ATOM   599 C CA  . ILE A 1 76 ? 6.839   5.204   -2.889  1.00 43.71  ? 76  ILE A CA  1 
ATOM   600 C C   . ILE A 1 76 ? 5.913   6.070   -3.722  1.00 47.65  ? 76  ILE A C   1 
ATOM   601 O O   . ILE A 1 76 ? 5.065   5.567   -4.455  1.00 49.04  ? 76  ILE A O   1 
ATOM   602 C CB  . ILE A 1 76 ? 8.126   4.975   -3.687  1.00 42.71  ? 76  ILE A CB  1 
ATOM   603 C CG1 . ILE A 1 76 ? 7.821   4.947   -5.179  1.00 44.03  ? 76  ILE A CG1 1 
ATOM   604 C CG2 . ILE A 1 76 ? 8.803   3.684   -3.258  1.00 46.65  ? 76  ILE A CG2 1 
ATOM   605 C CD1 . ILE A 1 76 ? 8.926   4.347   -6.000  1.00 52.25  ? 76  ILE A CD1 1 
ATOM   606 N N   . TYR A 1 77 ? 6.072   7.379   -3.595  1.00 46.86  ? 77  TYR A N   1 
ATOM   607 C CA  . TYR A 1 77 ? 5.336   8.308   -4.424  1.00 47.29  ? 77  TYR A CA  1 
ATOM   608 C C   . TYR A 1 77 ? 6.331   9.082   -5.274  1.00 53.70  ? 77  TYR A C   1 
ATOM   609 O O   . TYR A 1 77 ? 7.519   8.771   -5.275  1.00 55.80  ? 77  TYR A O   1 
ATOM   610 C CB  . TYR A 1 77 ? 4.517   9.259   -3.552  1.00 52.16  ? 77  TYR A CB  1 
ATOM   611 C CG  . TYR A 1 77 ? 5.345   10.037  -2.566  1.00 49.48  ? 77  TYR A CG  1 
ATOM   612 C CD1 . TYR A 1 77 ? 5.794   11.313  -2.864  1.00 55.78  ? 77  TYR A CD1 1 
ATOM   613 C CD2 . TYR A 1 77 ? 5.685   9.495   -1.340  1.00 54.64  ? 77  TYR A CD2 1 
ATOM   614 C CE1 . TYR A 1 77 ? 6.558   12.032  -1.965  1.00 62.58  ? 77  TYR A CE1 1 
ATOM   615 C CE2 . TYR A 1 77 ? 6.451   10.205  -0.432  1.00 62.30  ? 77  TYR A CE2 1 
ATOM   616 C CZ  . TYR A 1 77 ? 6.885   11.474  -0.750  1.00 64.82  ? 77  TYR A CZ  1 
ATOM   617 O OH  . TYR A 1 77 ? 7.650   12.187  0.151   1.00 68.03  ? 77  TYR A OH  1 
ATOM   618 N N   . GLY A 1 78 ? 5.852   10.084  -6.002  1.00 49.20  ? 78  GLY A N   1 
ATOM   619 C CA  . GLY A 1 78 ? 6.745   10.934  -6.766  1.00 50.24  ? 78  GLY A CA  1 
ATOM   620 C C   . GLY A 1 78 ? 6.313   11.185  -8.195  1.00 58.52  ? 78  GLY A C   1 
ATOM   621 O O   . GLY A 1 78 ? 5.847   10.279  -8.890  1.00 60.15  ? 78  GLY A O   1 
ATOM   622 N N   . SER A 1 79 ? 6.471   12.435  -8.626  1.00 73.48  ? 79  SER A N   1 
ATOM   623 C CA  . SER A 1 79 ? 6.139   12.864  -9.981  1.00 73.56  ? 79  SER A CA  1 
ATOM   624 C C   . SER A 1 79 ? 7.381   12.751  -10.866 1.00 74.18  ? 79  SER A C   1 
ATOM   625 O O   . SER A 1 79 ? 8.492   12.943  -10.379 1.00 78.84  ? 79  SER A O   1 
ATOM   626 C CB  . SER A 1 79 ? 5.645   14.315  -9.952  1.00 76.10  ? 79  SER A CB  1 
ATOM   627 O OG  . SER A 1 79 ? 5.052   14.639  -8.702  1.00 72.14  ? 79  SER A OG  1 
ATOM   628 N N   . HIS A 1 80 ? 7.208   12.422  -12.147 1.00 103.99 ? 80  HIS A N   1 
ATOM   629 C CA  . HIS A 1 80 ? 8.353   12.291  -13.061 1.00 116.24 ? 80  HIS A CA  1 
ATOM   630 C C   . HIS A 1 80 ? 9.461   13.244  -12.623 1.00 118.52 ? 80  HIS A C   1 
ATOM   631 O O   . HIS A 1 80 ? 10.555  12.823  -12.245 1.00 109.53 ? 80  HIS A O   1 
ATOM   632 C CB  . HIS A 1 80 ? 7.930   12.604  -14.498 1.00 120.57 ? 80  HIS A CB  1 
ATOM   633 C CG  . HIS A 1 80 ? 9.066   12.623  -15.481 1.00 121.19 ? 80  HIS A CG  1 
ATOM   634 N ND1 . HIS A 1 80 ? 9.543   11.485  -16.094 1.00 116.92 ? 80  HIS A ND1 1 
ATOM   635 C CD2 . HIS A 1 80 ? 9.807   13.650  -15.967 1.00 115.86 ? 80  HIS A CD2 1 
ATOM   636 C CE1 . HIS A 1 80 ? 10.536  11.803  -16.904 1.00 109.35 ? 80  HIS A CE1 1 
ATOM   637 N NE2 . HIS A 1 80 ? 10.719  13.112  -16.845 1.00 110.01 ? 80  HIS A NE2 1 
ATOM   638 N N   . THR A 1 81 ? 9.170   14.537  -12.719 1.00 130.09 ? 81  THR A N   1 
ATOM   639 C CA  . THR A 1 81 ? 9.820   15.539  -11.886 1.00 125.15 ? 81  THR A CA  1 
ATOM   640 C C   . THR A 1 81 ? 8.678   15.906  -10.955 1.00 122.99 ? 81  THR A C   1 
ATOM   641 O O   . THR A 1 81 ? 7.537   16.046  -11.415 1.00 122.32 ? 81  THR A O   1 
ATOM   642 C CB  . THR A 1 81 ? 10.261  16.776  -12.686 1.00 121.33 ? 81  THR A CB  1 
ATOM   643 O OG1 . THR A 1 81 ? 9.112   17.402  -13.274 1.00 127.79 ? 81  THR A OG1 1 
ATOM   644 C CG2 . THR A 1 81 ? 11.259  16.395  -13.783 1.00 114.98 ? 81  THR A CG2 1 
ATOM   645 N N   . VAL A 1 82 ? 8.949   16.094  -9.667  1.00 57.29  ? 82  VAL A N   1 
ATOM   646 C CA  . VAL A 1 82 ? 10.276  16.347  -9.124  1.00 45.52  ? 82  VAL A CA  1 
ATOM   647 C C   . VAL A 1 82 ? 11.075  15.107  -8.703  1.00 48.78  ? 82  VAL A C   1 
ATOM   648 O O   . VAL A 1 82 ? 12.110  15.214  -8.034  1.00 43.92  ? 82  VAL A O   1 
ATOM   649 C CB  . VAL A 1 82 ? 10.110  17.220  -7.889  1.00 45.57  ? 82  VAL A CB  1 
ATOM   650 C CG1 . VAL A 1 82 ? 9.006   18.230  -8.124  1.00 43.29  ? 82  VAL A CG1 1 
ATOM   651 C CG2 . VAL A 1 82 ? 9.748   16.354  -6.696  1.00 54.32  ? 82  VAL A CG2 1 
ATOM   652 N N   . GLY A 1 83 ? 10.594  13.926  -9.063  1.00 58.23  ? 83  GLY A N   1 
ATOM   653 C CA  . GLY A 1 83 ? 11.354  12.717  -8.796  1.00 53.76  ? 83  GLY A CA  1 
ATOM   654 C C   . GLY A 1 83 ? 10.689  11.704  -7.888  1.00 44.94  ? 83  GLY A C   1 
ATOM   655 O O   . GLY A 1 83 ? 9.691   11.996  -7.229  1.00 45.93  ? 83  GLY A O   1 
ATOM   656 N N   . LEU A 1 84 ? 11.261  10.503  -7.857  1.00 48.66  ? 84  LEU A N   1 
ATOM   657 C CA  . LEU A 1 84 ? 10.746  9.401   -7.045  1.00 57.60  ? 84  LEU A CA  1 
ATOM   658 C C   . LEU A 1 84 ? 11.280  9.453   -5.613  1.00 54.98  ? 84  LEU A C   1 
ATOM   659 O O   . LEU A 1 84 ? 12.390  9.926   -5.382  1.00 56.71  ? 84  LEU A O   1 
ATOM   660 C CB  . LEU A 1 84 ? 11.124  8.064   -7.691  1.00 52.93  ? 84  LEU A CB  1 
ATOM   661 C CG  . LEU A 1 84 ? 10.018  7.017   -7.826  1.00 46.66  ? 84  LEU A CG  1 
ATOM   662 C CD1 . LEU A 1 84 ? 8.754   7.626   -8.419  1.00 49.27  ? 84  LEU A CD1 1 
ATOM   663 C CD2 . LEU A 1 84 ? 10.507  5.864   -8.676  1.00 48.73  ? 84  LEU A CD2 1 
ATOM   664 N N   . SER A 1 85 ? 10.488  8.960   -4.662  1.00 55.54  ? 85  SER A N   1 
ATOM   665 C CA  . SER A 1 85 ? 10.860  8.982   -3.247  1.00 53.87  ? 85  SER A CA  1 
ATOM   666 C C   . SER A 1 85 ? 11.484  7.669   -2.818  1.00 50.23  ? 85  SER A C   1 
ATOM   667 O O   . SER A 1 85 ? 11.537  6.713   -3.585  1.00 53.14  ? 85  SER A O   1 
ATOM   668 C CB  . SER A 1 85 ? 9.634   9.201   -2.374  1.00 47.23  ? 85  SER A CB  1 
ATOM   669 O OG  . SER A 1 85 ? 9.095   7.947   -2.003  1.00 42.03  ? 85  SER A OG  1 
ATOM   670 N N   . GLU A 1 86 ? 11.939  7.627   -1.573  1.00 58.44  ? 86  GLU A N   1 
ATOM   671 C CA  . GLU A 1 86 ? 12.464  6.402   -1.001  1.00 55.14  ? 86  GLU A CA  1 
ATOM   672 C C   . GLU A 1 86 ? 11.306  5.510   -0.600  1.00 49.04  ? 86  GLU A C   1 
ATOM   673 O O   . GLU A 1 86 ? 10.193  5.992   -0.384  1.00 48.79  ? 86  GLU A O   1 
ATOM   674 C CB  . GLU A 1 86 ? 13.315  6.711   0.227   1.00 57.61  ? 86  GLU A CB  1 
ATOM   675 C CG  . GLU A 1 86 ? 14.459  7.661   -0.051  1.00 73.83  ? 86  GLU A CG  1 
ATOM   676 C CD  . GLU A 1 86 ? 15.433  7.744   1.103   1.00 88.89  ? 86  GLU A CD  1 
ATOM   677 O OE1 . GLU A 1 86 ? 15.072  7.307   2.219   1.00 77.70  ? 86  GLU A OE1 1 
ATOM   678 O OE2 . GLU A 1 86 ? 16.560  8.247   0.890   1.00 91.95  ? 86  GLU A OE2 1 
ATOM   679 N N   . SER A 1 87 ? 11.571  4.210   -0.512  1.00 50.94  ? 87  SER A N   1 
ATOM   680 C CA  . SER A 1 87 ? 10.599  3.261   0.011   1.00 44.97  ? 87  SER A CA  1 
ATOM   681 C C   . SER A 1 87 ? 10.226  3.629   1.439   1.00 47.20  ? 87  SER A C   1 
ATOM   682 O O   . SER A 1 87 ? 11.095  3.938   2.255   1.00 51.59  ? 87  SER A O   1 
ATOM   683 C CB  . SER A 1 87 ? 11.171  1.840   0.004   1.00 42.81  ? 87  SER A CB  1 
ATOM   684 O OG  . SER A 1 87 ? 11.185  1.288   -1.299  1.00 47.04  ? 87  SER A OG  1 
ATOM   685 N N   . SER A 1 88 ? 8.934   3.594   1.741   1.00 42.29  ? 88  SER A N   1 
ATOM   686 C CA  . SER A 1 88 ? 8.489   3.740   3.118   1.00 43.21  ? 88  SER A CA  1 
ATOM   687 C C   . SER A 1 88 ? 8.999   2.542   3.920   1.00 38.04  ? 88  SER A C   1 
ATOM   688 O O   . SER A 1 88 ? 9.502   1.575   3.344   1.00 34.95  ? 88  SER A O   1 
ATOM   689 C CB  . SER A 1 88 ? 6.963   3.807   3.173   1.00 38.75  ? 88  SER A CB  1 
ATOM   690 O OG  . SER A 1 88 ? 6.387   2.614   2.668   1.00 36.30  ? 88  SER A OG  1 
ATOM   691 N N   . ASP A 1 89 ? 8.885   2.601   5.243   1.00 39.49  ? 89  ASP A N   1 
ATOM   692 C CA  . ASP A 1 89 ? 9.192   1.428   6.058   1.00 39.14  ? 89  ASP A CA  1 
ATOM   693 C C   . ASP A 1 89 ? 8.192   0.323   5.734   1.00 38.82  ? 89  ASP A C   1 
ATOM   694 O O   . ASP A 1 89 ? 7.036   0.598   5.400   1.00 36.94  ? 89  ASP A O   1 
ATOM   695 C CB  . ASP A 1 89 ? 9.149   1.757   7.551   1.00 36.31  ? 89  ASP A CB  1 
ATOM   696 C CG  . ASP A 1 89 ? 10.242  2.703   7.964   1.00 37.66  ? 89  ASP A CG  1 
ATOM   697 O OD1 . ASP A 1 89 ? 11.316  2.676   7.332   1.00 38.70  ? 89  ASP A OD1 1 
ATOM   698 O OD2 . ASP A 1 89 ? 10.029  3.476   8.918   1.00 38.00  ? 89  ASP A OD2 1 
ATOM   699 N N   . PRO A 1 90 ? 8.632   -0.938  5.833   1.00 32.29  ? 90  PRO A N   1 
ATOM   700 C CA  . PRO A 1 90 ? 7.769   -2.064  5.474   1.00 29.31  ? 90  PRO A CA  1 
ATOM   701 C C   . PRO A 1 90 ? 6.535   -2.143  6.365   1.00 28.92  ? 90  PRO A C   1 
ATOM   702 O O   . PRO A 1 90 ? 6.587   -1.740  7.527   1.00 28.18  ? 90  PRO A O   1 
ATOM   703 C CB  . PRO A 1 90 ? 8.669   -3.279  5.713   1.00 30.64  ? 90  PRO A CB  1 
ATOM   704 C CG  . PRO A 1 90 ? 9.666   -2.810  6.710   1.00 35.16  ? 90  PRO A CG  1 
ATOM   705 C CD  . PRO A 1 90 ? 9.938   -1.389  6.334   1.00 30.40  ? 90  PRO A CD  1 
ATOM   706 N N   . LEU A 1 91 ? 5.438   -2.645  5.807   1.00 31.08  ? 91  LEU A N   1 
ATOM   707 C CA  . LEU A 1 91 ? 4.243   -2.954  6.576   1.00 24.92  ? 91  LEU A CA  1 
ATOM   708 C C   . LEU A 1 91 ? 4.067   -4.465  6.582   1.00 29.78  ? 91  LEU A C   1 
ATOM   709 O O   . LEU A 1 91 ? 4.022   -5.100  5.528   1.00 31.07  ? 91  LEU A O   1 
ATOM   710 C CB  . LEU A 1 91 ? 3.005   -2.288  5.964   1.00 26.42  ? 91  LEU A CB  1 
ATOM   711 C CG  . LEU A 1 91 ? 1.684   -2.516  6.706   1.00 24.00  ? 91  LEU A CG  1 
ATOM   712 C CD1 . LEU A 1 91 ? 1.448   -1.431  7.743   1.00 23.69  ? 91  LEU A CD1 1 
ATOM   713 C CD2 . LEU A 1 91 ? 0.524   -2.582  5.744   1.00 22.19  ? 91  LEU A CD2 1 
ATOM   714 N N   . GLU A 1 92 ? 3.988   -5.041  7.773   1.00 37.96  ? 92  GLU A N   1 
ATOM   715 C CA  . GLU A 1 92 ? 3.752   -6.464  7.909   1.00 38.42  ? 92  GLU A CA  1 
ATOM   716 C C   . GLU A 1 92 ? 2.255   -6.683  7.909   1.00 40.00  ? 92  GLU A C   1 
ATOM   717 O O   . GLU A 1 92 ? 1.590   -6.432  8.913   1.00 41.00  ? 92  GLU A O   1 
ATOM   718 C CB  . GLU A 1 92 ? 4.334   -6.962  9.225   1.00 48.95  ? 92  GLU A CB  1 
ATOM   719 C CG  . GLU A 1 92 ? 5.696   -6.383  9.558   1.00 52.29  ? 92  GLU A CG  1 
ATOM   720 C CD  . GLU A 1 92 ? 6.805   -7.030  8.768   1.00 56.64  ? 92  GLU A CD  1 
ATOM   721 O OE1 . GLU A 1 92 ? 6.877   -8.277  8.768   1.00 62.63  ? 92  GLU A OE1 1 
ATOM   722 O OE2 . GLU A 1 92 ? 7.609   -6.295  8.155   1.00 54.66  ? 92  GLU A OE2 1 
ATOM   723 N N   . LEU A 1 93 ? 1.722   -7.129  6.778   1.00 36.18  ? 93  LEU A N   1 
ATOM   724 C CA  . LEU A 1 93 ? 0.294   -7.392  6.661   1.00 33.65  ? 93  LEU A CA  1 
ATOM   725 C C   . LEU A 1 93 ? 0.009   -8.836  7.019   1.00 35.15  ? 93  LEU A C   1 
ATOM   726 O O   . LEU A 1 93 ? 0.307   -9.753  6.247   1.00 32.89  ? 93  LEU A O   1 
ATOM   727 C CB  . LEU A 1 93 ? -0.203  -7.091  5.249   1.00 36.49  ? 93  LEU A CB  1 
ATOM   728 C CG  . LEU A 1 93 ? -1.690  -7.335  4.982   1.00 36.82  ? 93  LEU A CG  1 
ATOM   729 C CD1 . LEU A 1 93 ? -2.549  -6.674  6.055   1.00 33.05  ? 93  LEU A CD1 1 
ATOM   730 C CD2 . LEU A 1 93 ? -2.082  -6.847  3.585   1.00 32.63  ? 93  LEU A CD2 1 
ATOM   731 N N   . VAL A 1 94 ? -0.581  -9.020  8.197   1.00 37.25  ? 94  VAL A N   1 
ATOM   732 C CA  . VAL A 1 94 ? -0.816  -10.340 8.764   1.00 37.33  ? 94  VAL A CA  1 
ATOM   733 C C   . VAL A 1 94 ? -2.280  -10.740 8.685   1.00 34.97  ? 94  VAL A C   1 
ATOM   734 O O   . VAL A 1 94 ? -3.161  -9.919  8.907   1.00 37.57  ? 94  VAL A O   1 
ATOM   735 C CB  . VAL A 1 94 ? -0.406  -10.370 10.239  1.00 40.14  ? 94  VAL A CB  1 
ATOM   736 C CG1 . VAL A 1 94 ? -0.613  -11.764 10.818  1.00 41.17  ? 94  VAL A CG1 1 
ATOM   737 C CG2 . VAL A 1 94 ? 1.038   -9.904  10.398  1.00 38.15  ? 94  VAL A CG2 1 
ATOM   738 N N   . VAL A 1 95 ? -2.529  -12.009 8.376   1.00 34.95  ? 95  VAL A N   1 
ATOM   739 C CA  . VAL A 1 95 ? -3.885  -12.546 8.320   1.00 35.21  ? 95  VAL A CA  1 
ATOM   740 C C   . VAL A 1 95 ? -4.037  -13.694 9.329   1.00 36.88  ? 95  VAL A C   1 
ATOM   741 O O   . VAL A 1 95 ? -3.157  -14.553 9.432   1.00 35.18  ? 95  VAL A O   1 
ATOM   742 C CB  . VAL A 1 95 ? -4.221  -13.052 6.903   1.00 29.19  ? 95  VAL A CB  1 
ATOM   743 C CG1 . VAL A 1 95 ? -5.714  -13.242 6.754   1.00 34.06  ? 95  VAL A CG1 1 
ATOM   744 C CG2 . VAL A 1 95 ? -3.702  -12.079 5.855   1.00 25.66  ? 95  VAL A CG2 1 
ATOM   745 N N   . THR A 1 96 ? -5.147  -13.704 10.067  1.00 41.08  ? 96  THR A N   1 
ATOM   746 C CA  . THR A 1 96 ? -5.379  -14.699 11.120  1.00 40.20  ? 96  THR A CA  1 
ATOM   747 C C   . THR A 1 96 ? -6.760  -15.352 11.043  1.00 44.24  ? 96  THR A C   1 
ATOM   748 O O   . THR A 1 96 ? -7.434  -15.296 10.013  1.00 45.67  ? 96  THR A O   1 
ATOM   749 C CB  . THR A 1 96 ? -5.237  -14.072 12.521  1.00 42.10  ? 96  THR A CB  1 
ATOM   750 O OG1 . THR A 1 96 ? -6.358  -13.218 12.782  1.00 46.55  ? 96  THR A OG1 1 
ATOM   751 C CG2 . THR A 1 96 ? -3.949  -13.265 12.621  1.00 43.81  ? 96  THR A CG2 1 
ATOM   752 N N   . GLY A 1 97 ? -7.171  -15.971 12.147  1.00 52.75  ? 97  GLY A N   1 
ATOM   753 C CA  . GLY A 1 97 ? -8.502  -16.545 12.266  1.00 49.86  ? 97  GLY A CA  1 
ATOM   754 C C   . GLY A 1 97 ? -8.802  -17.601 11.220  1.00 54.81  ? 97  GLY A C   1 
ATOM   755 O O   . GLY A 1 97 ? -9.965  -17.924 10.963  1.00 56.04  ? 97  GLY A O   1 
HETATM 756 O O   . HOH B 2 .  ? 6.485   -10.654 1.616   1.00 28.07  ? 98  HOH A O   1 
HETATM 757 O O   . HOH B 2 .  ? 5.273   1.919   6.870   1.00 28.15  ? 99  HOH A O   1 
HETATM 758 O O   . HOH B 2 .  ? 5.195   17.118  -12.306 1.00 41.99  ? 100 HOH A O   1 
HETATM 759 O O   . HOH B 2 .  ? -7.782  -5.797  -5.989  1.00 28.48  ? 101 HOH A O   1 
HETATM 760 O O   . HOH B 2 .  ? 6.666   -12.931 -7.677  1.00 27.25  ? 102 HOH A O   1 
HETATM 761 O O   . HOH B 2 .  ? 2.005   13.936  -5.159  1.00 78.95  ? 103 HOH A O   1 
HETATM 762 O O   . HOH B 2 .  ? 7.731   5.082   6.201   1.00 28.00  ? 104 HOH A O   1 
HETATM 763 O O   . HOH B 2 .  ? 7.868   3.145   10.219  1.00 24.94  ? 105 HOH A O   1 
HETATM 764 O O   . HOH B 2 .  ? -7.344  12.309  -13.757 1.00 43.47  ? 106 HOH A O   1 
HETATM 765 O O   . HOH B 2 .  ? -10.924 -6.612  -2.804  1.00 30.59  ? 107 HOH A O   1 
HETATM 766 O O   . HOH B 2 .  ? -8.591  -5.401  -3.453  1.00 39.16  ? 108 HOH A O   1 
HETATM 767 O O   . HOH B 2 .  ? -5.546  -17.828 0.157   1.00 34.93  ? 109 HOH A O   1 
HETATM 768 O O   . HOH B 2 .  ? 4.776   -9.523  7.297   1.00 47.33  ? 110 HOH A O   1 
HETATM 769 O O   . HOH B 2 .  ? -7.621  -18.085 1.528   1.00 41.21  ? 111 HOH A O   1 
HETATM 770 O O   . HOH B 2 .  ? 5.127   11.454  5.666   1.00 45.37  ? 112 HOH A O   1 
HETATM 771 O O   . HOH B 2 .  ? 13.217  1.861   5.656   1.00 41.35  ? 113 HOH A O   1 
HETATM 772 O O   . HOH B 2 .  ? 7.425   -9.330  -0.285  1.00 32.70  ? 114 HOH A O   1 
HETATM 773 O O   . HOH B 2 .  ? -3.764  7.389   1.833   1.00 44.80  ? 115 HOH A O   1 
HETATM 774 O O   . HOH B 2 .  ? -7.972  -8.010  14.253  1.00 42.66  ? 116 HOH A O   1 
HETATM 775 O O   . HOH B 2 .  ? 13.889  9.870   -3.560  1.00 66.87  ? 117 HOH A O   1 
HETATM 776 O O   . HOH B 2 .  ? 1.391   12.108  -6.240  1.00 49.63  ? 118 HOH A O   1 
HETATM 777 O O   . HOH B 2 .  ? 1.845   -19.320 -3.692  1.00 54.87  ? 119 HOH A O   1 
HETATM 778 O O   . HOH B 2 .  ? -10.871 2.005   2.443   1.00 45.49  ? 120 HOH A O   1 
HETATM 779 O O   . HOH B 2 .  ? 10.641  -8.525  7.747   1.00 42.31  ? 121 HOH A O   1 
HETATM 780 O O   . HOH B 2 .  ? 0.175   10.557  -11.872 1.00 45.31  ? 122 HOH A O   1 
HETATM 781 O O   . HOH B 2 .  ? 5.149   7.516   -10.400 1.00 51.27  ? 123 HOH A O   1 
HETATM 782 O O   . HOH B 2 .  ? 2.271   14.477  -7.779  1.00 56.02  ? 124 HOH A O   1 
HETATM 783 O O   . HOH B 2 .  ? -2.309  11.939  -0.309  1.00 36.45  ? 125 HOH A O   1 
HETATM 784 O O   . HOH B 2 .  ? 2.806   13.612  4.726   1.00 45.23  ? 126 HOH A O   1 
HETATM 785 O O   . HOH B 2 .  ? -7.375  7.886   6.458   1.00 50.79  ? 127 HOH A O   1 
HETATM 786 O O   . HOH B 2 .  ? 5.050   5.779   -8.409  1.00 33.01  ? 128 HOH A O   1 
HETATM 787 O O   . HOH B 2 .  ? -4.413  13.164  -9.694  1.00 47.07  ? 129 HOH A O   1 
# 
loop_
_atom_site_anisotrop.id 
_atom_site_anisotrop.type_symbol 
_atom_site_anisotrop.pdbx_label_atom_id 
_atom_site_anisotrop.pdbx_label_alt_id 
_atom_site_anisotrop.pdbx_label_comp_id 
_atom_site_anisotrop.pdbx_label_asym_id 
_atom_site_anisotrop.pdbx_label_seq_id 
_atom_site_anisotrop.pdbx_PDB_ins_code 
_atom_site_anisotrop.U[1][1] 
_atom_site_anisotrop.U[2][2] 
_atom_site_anisotrop.U[3][3] 
_atom_site_anisotrop.U[1][2] 
_atom_site_anisotrop.U[1][3] 
_atom_site_anisotrop.U[2][3] 
_atom_site_anisotrop.pdbx_auth_seq_id 
_atom_site_anisotrop.pdbx_auth_comp_id 
_atom_site_anisotrop.pdbx_auth_asym_id 
_atom_site_anisotrop.pdbx_auth_atom_id 
1   N N   . PRO A 2  ? 1.3819 1.3750 1.2944 -0.1420 0.0033  -0.0120 2   PRO A N   
2   C CA  . PRO A 2  ? 1.3321 1.3388 1.2530 -0.1311 0.0018  -0.0167 2   PRO A CA  
3   C C   . PRO A 2  ? 1.3521 1.3403 1.2704 -0.1246 -0.0016 -0.0187 2   PRO A C   
4   O O   . PRO A 2  ? 1.4343 1.4271 1.3557 -0.1250 -0.0028 -0.0247 2   PRO A O   
5   C CB  . PRO A 2  ? 1.3572 1.3860 1.2847 -0.1384 0.0031  -0.0227 2   PRO A CB  
6   C CG  . PRO A 2  ? 1.3354 1.3584 1.2573 -0.1542 0.0049  -0.0221 2   PRO A CG  
7   C CD  . PRO A 2  ? 1.3945 1.4028 1.3089 -0.1555 0.0061  -0.0144 2   PRO A CD  
8   N N   . LEU A 3  ? 1.0040 0.9726 0.9164 -0.1182 -0.0031 -0.0142 3   LEU A N   
9   C CA  . LEU A 3  ? 1.0304 0.9811 0.9401 -0.1111 -0.0062 -0.0159 3   LEU A CA  
10  C C   . LEU A 3  ? 1.0556 1.0205 0.9732 -0.1016 -0.0073 -0.0208 3   LEU A C   
11  O O   . LEU A 3  ? 1.0083 0.9938 0.9331 -0.0971 -0.0060 -0.0206 3   LEU A O   
12  C CB  . LEU A 3  ? 1.0491 0.9825 0.9532 -0.1039 -0.0076 -0.0099 3   LEU A CB  
13  C CG  . LEU A 3  ? 1.0764 0.9910 0.9706 -0.1114 -0.0072 -0.0038 3   LEU A CG  
14  C CD1 . LEU A 3  ? 1.0594 0.9890 0.9541 -0.1192 -0.0038 -0.0003 3   LEU A CD1 
15  C CD2 . LEU A 3  ? 0.9165 0.8139 0.8054 -0.1021 -0.0096 0.0010  3   LEU A CD2 
16  N N   . PRO A 4  ? 1.2876 1.2418 1.2036 -0.0984 -0.0098 -0.0251 4   PRO A N   
17  C CA  . PRO A 4  ? 1.2887 1.2557 1.2109 -0.0895 -0.0109 -0.0294 4   PRO A CA  
18  C C   . PRO A 4  ? 1.2299 1.2036 1.1563 -0.0779 -0.0106 -0.0253 4   PRO A C   
19  O O   . PRO A 4  ? 1.2328 1.1937 1.1556 -0.0745 -0.0110 -0.0205 4   PRO A O   
20  C CB  . PRO A 4  ? 1.2936 1.2415 1.2109 -0.0874 -0.0136 -0.0335 4   PRO A CB  
21  C CG  . PRO A 4  ? 1.2311 1.1609 1.1413 -0.0987 -0.0137 -0.0337 4   PRO A CG  
22  C CD  . PRO A 4  ? 1.2289 1.1576 1.1367 -0.1029 -0.0116 -0.0262 4   PRO A CD  
23  N N   . LYS A 5  ? 0.7748 0.7681 0.7085 -0.0722 -0.0102 -0.0269 5   LYS A N   
24  C CA  . LYS A 5  ? 0.6985 0.6976 0.6367 -0.0619 -0.0099 -0.0231 5   LYS A CA  
25  C C   . LYS A 5  ? 0.6792 0.6658 0.6153 -0.0538 -0.0120 -0.0237 5   LYS A C   
26  O O   . LYS A 5  ? 0.7149 0.6968 0.6489 -0.0538 -0.0135 -0.0284 5   LYS A O   
27  C CB  . LYS A 5  ? 0.6826 0.7049 0.6290 -0.0582 -0.0088 -0.0240 5   LYS A CB  
28  C CG  . LYS A 5  ? 0.6322 0.6629 0.5805 -0.0559 -0.0101 -0.0289 5   LYS A CG  
29  C CD  . LYS A 5  ? 0.5381 0.5926 0.4936 -0.0532 -0.0091 -0.0289 5   LYS A CD  
30  C CE  . LYS A 5  ? 0.6334 0.6978 0.5901 -0.0505 -0.0105 -0.0333 5   LYS A CE  
31  N NZ  . LYS A 5  ? 0.6303 0.7177 0.5939 -0.0465 -0.0099 -0.0323 5   LYS A NZ  
32  N N   . PRO A 6  ? 0.6084 0.5907 0.5451 -0.0469 -0.0120 -0.0193 6   PRO A N   
33  C CA  . PRO A 6  ? 0.5747 0.5460 0.5097 -0.0392 -0.0138 -0.0196 6   PRO A CA  
34  C C   . PRO A 6  ? 0.5359 0.5203 0.4765 -0.0321 -0.0138 -0.0217 6   PRO A C   
35  O O   . PRO A 6  ? 0.5500 0.5510 0.4956 -0.0331 -0.0126 -0.0225 6   PRO A O   
36  C CB  . PRO A 6  ? 0.5687 0.5362 0.5041 -0.0350 -0.0134 -0.0143 6   PRO A CB  
37  C CG  . PRO A 6  ? 0.5990 0.5740 0.5355 -0.0412 -0.0114 -0.0116 6   PRO A CG  
38  C CD  . PRO A 6  ? 0.5708 0.5602 0.5109 -0.0459 -0.0102 -0.0148 6   PRO A CD  
39  N N   . THR A 7  ? 0.5642 0.5422 0.5042 -0.0251 -0.0151 -0.0223 7   THR A N   
40  C CA  . THR A 7  ? 0.4997 0.4901 0.4444 -0.0184 -0.0148 -0.0236 7   THR A CA  
41  C C   . THR A 7  ? 0.4479 0.4401 0.3967 -0.0116 -0.0141 -0.0191 7   THR A C   
42  O O   . THR A 7  ? 0.5515 0.5320 0.4977 -0.0084 -0.0154 -0.0184 7   THR A O   
43  C CB  . THR A 7  ? 0.5838 0.5680 0.5251 -0.0158 -0.0166 -0.0292 7   THR A CB  
44  O OG1 . THR A 7  ? 0.6858 0.6635 0.6225 -0.0232 -0.0176 -0.0339 7   THR A OG1 
45  C CG2 . THR A 7  ? 0.4733 0.4742 0.4191 -0.0105 -0.0160 -0.0308 7   THR A CG2 
46  N N   . LEU A 8  ? 0.3456 0.3523 0.3007 -0.0094 -0.0123 -0.0162 8   LEU A N   
47  C CA  . LEU A 8  ? 0.3531 0.3623 0.3128 -0.0039 -0.0114 -0.0121 8   LEU A CA  
48  C C   . LEU A 8  ? 0.3803 0.4004 0.3441 0.0017  -0.0107 -0.0119 8   LEU A C   
49  O O   . LEU A 8  ? 0.3718 0.4040 0.3377 0.0016  -0.0100 -0.0123 8   LEU A O   
50  C CB  . LEU A 8  ? 0.3252 0.3408 0.2892 -0.0061 -0.0097 -0.0085 8   LEU A CB  
51  C CG  . LEU A 8  ? 0.2648 0.2848 0.2350 -0.0016 -0.0082 -0.0047 8   LEU A CG  
52  C CD1 . LEU A 8  ? 0.2394 0.2490 0.2082 0.0003  -0.0092 -0.0037 8   LEU A CD1 
53  C CD2 . LEU A 8  ? 0.3348 0.3624 0.3089 -0.0039 -0.0067 -0.0028 8   LEU A CD2 
54  N N   . TRP A 9  ? 0.3764 0.3934 0.3414 0.0068  -0.0110 -0.0113 9   TRP A N   
55  C CA  . TRP A 9  ? 0.3695 0.3974 0.3383 0.0117  -0.0099 -0.0105 9   TRP A CA  
56  C C   . TRP A 9  ? 0.3928 0.4205 0.3660 0.0158  -0.0091 -0.0073 9   TRP A C   
57  O O   . TRP A 9  ? 0.3750 0.3939 0.3478 0.0152  -0.0097 -0.0063 9   TRP A O   
58  C CB  . TRP A 9  ? 0.3860 0.4141 0.3507 0.0136  -0.0112 -0.0157 9   TRP A CB  
59  C CG  . TRP A 9  ? 0.4323 0.4484 0.3938 0.0165  -0.0130 -0.0187 9   TRP A CG  
60  C CD1 . TRP A 9  ? 0.3908 0.4098 0.3539 0.0223  -0.0131 -0.0194 9   TRP A CD1 
61  C CD2 . TRP A 9  ? 0.4332 0.4330 0.3888 0.0141  -0.0153 -0.0211 9   TRP A CD2 
62  N NE1 . TRP A 9  ? 0.4526 0.4584 0.4118 0.0244  -0.0153 -0.0225 9   TRP A NE1 
63  C CE2 . TRP A 9  ? 0.4446 0.4375 0.3989 0.0196  -0.0168 -0.0232 9   TRP A CE2 
64  C CE3 . TRP A 9  ? 0.4251 0.4156 0.3766 0.0078  -0.0160 -0.0213 9   TRP A CE3 
65  C CZ2 . TRP A 9  ? 0.4752 0.4511 0.4237 0.0197  -0.0193 -0.0251 9   TRP A CZ2 
66  C CZ3 . TRP A 9  ? 0.4781 0.4515 0.4236 0.0068  -0.0182 -0.0229 9   TRP A CZ3 
67  C CH2 . TRP A 9  ? 0.4880 0.4535 0.4318 0.0130  -0.0200 -0.0245 9   TRP A CH2 
68  N N   . ALA A 10 ? 0.4128 0.4509 0.3898 0.0194  -0.0076 -0.0055 10  ALA A N   
69  C CA  . ALA A 10 ? 0.3934 0.4331 0.3754 0.0224  -0.0065 -0.0025 10  ALA A CA  
70  C C   . ALA A 10 ? 0.4743 0.5190 0.4564 0.0267  -0.0065 -0.0048 10  ALA A C   
71  O O   . ALA A 10 ? 0.4943 0.5467 0.4745 0.0279  -0.0062 -0.0067 10  ALA A O   
72  C CB  . ALA A 10 ? 0.4497 0.4977 0.4378 0.0221  -0.0040 0.0028  10  ALA A CB  
73  N N   . GLU A 11 ? 0.4797 0.5214 0.4638 0.0291  -0.0069 -0.0050 11  GLU A N   
74  C CA  . GLU A 11 ? 0.4775 0.5256 0.4625 0.0336  -0.0067 -0.0071 11  GLU A CA  
75  C C   . GLU A 11 ? 0.4933 0.5487 0.4856 0.0341  -0.0045 -0.0030 11  GLU A C   
76  O O   . GLU A 11 ? 0.5391 0.5890 0.5340 0.0330  -0.0049 -0.0016 11  GLU A O   
77  C CB  . GLU A 11 ? 0.4759 0.5139 0.4568 0.0364  -0.0097 -0.0121 11  GLU A CB  
78  C CG  . GLU A 11 ? 0.5778 0.6059 0.5513 0.0351  -0.0119 -0.0164 11  GLU A CG  
79  C CD  . GLU A 11 ? 0.6228 0.6393 0.5918 0.0388  -0.0150 -0.0208 11  GLU A CD  
80  O OE1 . GLU A 11 ? 0.6256 0.6393 0.5966 0.0413  -0.0159 -0.0197 11  GLU A OE1 
81  O OE2 . GLU A 11 ? 0.6293 0.6393 0.5928 0.0392  -0.0166 -0.0256 11  GLU A OE2 
82  N N   . PRO A 12 ? 0.4112 0.4797 0.4067 0.0356  -0.0021 -0.0011 12  PRO A N   
83  C CA  . PRO A 12 ? 0.4558 0.5335 0.4480 0.0375  -0.0016 -0.0032 12  PRO A CA  
84  C C   . PRO A 12 ? 0.4700 0.5499 0.4598 0.0348  -0.0011 -0.0008 12  PRO A C   
85  O O   . PRO A 12 ? 0.5093 0.5940 0.4947 0.0358  -0.0017 -0.0042 12  PRO A O   
86  C CB  . PRO A 12 ? 0.4636 0.5554 0.4607 0.0388  0.0014  0.0001  12  PRO A CB  
87  C CG  . PRO A 12 ? 0.4871 0.5757 0.4901 0.0381  0.0019  0.0021  12  PRO A CG  
88  C CD  . PRO A 12 ? 0.4028 0.4784 0.4053 0.0351  0.0004  0.0032  12  PRO A CD  
89  N N   . GLY A 13 ? 0.3393 0.4163 0.3322 0.0319  -0.0001 0.0043  13  GLY A N   
90  C CA  . GLY A 13 ? 0.2852 0.3658 0.2769 0.0300  0.0002  0.0067  13  GLY A CA  
91  C C   . GLY A 13 ? 0.2826 0.3580 0.2783 0.0276  0.0010  0.0114  13  GLY A C   
92  O O   . GLY A 13 ? 0.3046 0.3737 0.3040 0.0269  0.0012  0.0124  13  GLY A O   
93  N N   . SER A 14 ? 0.3993 0.4785 0.3945 0.0265  0.0012  0.0135  14  SER A N   
94  C CA  . SER A 14 ? 0.4211 0.4961 0.4198 0.0249  0.0016  0.0169  14  SER A CA  
95  C C   . SER A 14 ? 0.4272 0.5063 0.4320 0.0262  0.0041  0.0240  14  SER A C   
96  O O   . SER A 14 ? 0.4541 0.5283 0.4631 0.0255  0.0048  0.0266  14  SER A O   
97  C CB  . SER A 14 ? 0.4573 0.5354 0.4534 0.0235  0.0006  0.0157  14  SER A CB  
98  O OG  . SER A 14 ? 0.5458 0.6361 0.5405 0.0254  0.0009  0.0176  14  SER A OG  
99  N N   . VAL A 15 ? 0.3181 0.4061 0.3233 0.0280  0.0056  0.0271  15  VAL A N   
100 C CA  . VAL A 15 ? 0.3061 0.3963 0.3166 0.0286  0.0082  0.0344  15  VAL A CA  
101 C C   . VAL A 15 ? 0.3864 0.4761 0.3996 0.0281  0.0095  0.0338  15  VAL A C   
102 O O   . VAL A 15 ? 0.4841 0.5823 0.4950 0.0293  0.0100  0.0327  15  VAL A O   
103 C CB  . VAL A 15 ? 0.3451 0.4474 0.3542 0.0307  0.0096  0.0401  15  VAL A CB  
104 C CG1 . VAL A 15 ? 0.3307 0.4322 0.3454 0.0308  0.0122  0.0487  15  VAL A CG1 
105 C CG2 . VAL A 15 ? 0.3523 0.4587 0.3582 0.0317  0.0079  0.0394  15  VAL A CG2 
106 N N   . ILE A 16 ? 0.3791 0.4604 0.3974 0.0262  0.0099  0.0339  16  ILE A N   
107 C CA  . ILE A 16 ? 0.4253 0.5076 0.4472 0.0253  0.0111  0.0333  16  ILE A CA  
108 C C   . ILE A 16 ? 0.4306 0.5101 0.4597 0.0231  0.0136  0.0390  16  ILE A C   
109 O O   . ILE A 16 ? 0.3979 0.4689 0.4301 0.0221  0.0135  0.0400  16  ILE A O   
110 C CB  . ILE A 16 ? 0.4228 0.4984 0.4434 0.0252  0.0087  0.0262  16  ILE A CB  
111 C CG1 . ILE A 16 ? 0.4353 0.5008 0.4597 0.0229  0.0082  0.0258  16  ILE A CG1 
112 C CG2 . ILE A 16 ? 0.3164 0.3906 0.3296 0.0268  0.0060  0.0208  16  ILE A CG2 
113 C CD1 . ILE A 16 ? 0.5133 0.5758 0.5394 0.0224  0.0069  0.0213  16  ILE A CD1 
114 N N   . THR A 17 ? 0.4722 0.5589 0.5043 0.0222  0.0161  0.0423  17  THR A N   
115 C CA  . THR A 17 ? 0.4515 0.5353 0.4906 0.0191  0.0188  0.0481  17  THR A CA  
116 C C   . THR A 17 ? 0.4278 0.5020 0.4720 0.0166  0.0180  0.0439  17  THR A C   
117 O O   . THR A 17 ? 0.4804 0.5529 0.5226 0.0172  0.0155  0.0370  17  THR A O   
118 C CB  . THR A 17 ? 0.4227 0.5177 0.4638 0.0175  0.0218  0.0518  17  THR A CB  
119 O OG1 . THR A 17 ? 0.4554 0.5461 0.5041 0.0132  0.0240  0.0545  17  THR A OG1 
120 C CG2 . THR A 17 ? 0.4444 0.5482 0.4827 0.0192  0.0206  0.0451  17  THR A CG2 
121 N N   . GLN A 18 ? 0.4720 0.5396 0.5224 0.0138  0.0198  0.0479  18  GLN A N   
122 C CA  . GLN A 18 ? 0.4655 0.5243 0.5209 0.0113  0.0190  0.0434  18  GLN A CA  
123 C C   . GLN A 18 ? 0.5086 0.5728 0.5673 0.0088  0.0191  0.0394  18  GLN A C   
124 O O   . GLN A 18 ? 0.5392 0.6122 0.6000 0.0072  0.0214  0.0423  18  GLN A O   
125 C CB  . GLN A 18 ? 0.4832 0.5328 0.5448 0.0089  0.0209  0.0480  18  GLN A CB  
126 C CG  . GLN A 18 ? 0.5369 0.5767 0.6018 0.0077  0.0193  0.0422  18  GLN A CG  
127 C CD  . GLN A 18 ? 0.5646 0.5963 0.6379 0.0038  0.0215  0.0443  18  GLN A CD  
128 O OE1 . GLN A 18 ? 0.5664 0.5988 0.6431 0.0015  0.0244  0.0509  18  GLN A OE1 
129 N NE2 . GLN A 18 ? 0.5012 0.5253 0.5775 0.0027  0.0202  0.0385  18  GLN A NE2 
130 N N   . GLY A 19 ? 0.5496 0.6097 0.6088 0.0085  0.0167  0.0325  19  GLY A N   
131 C CA  . GLY A 19 ? 0.4626 0.5285 0.5251 0.0069  0.0161  0.0281  19  GLY A CA  
132 C C   . GLY A 19 ? 0.4719 0.5453 0.5285 0.0109  0.0140  0.0241  19  GLY A C   
133 O O   . GLY A 19 ? 0.5389 0.6155 0.5964 0.0115  0.0121  0.0189  19  GLY A O   
134 N N   . SER A 20 ? 0.4551 0.5311 0.5056 0.0140  0.0140  0.0263  20  SER A N   
135 C CA  . SER A 20 ? 0.4831 0.5647 0.5275 0.0181  0.0118  0.0221  20  SER A CA  
136 C C   . SER A 20 ? 0.4733 0.5456 0.5118 0.0204  0.0082  0.0174  20  SER A C   
137 O O   . SER A 20 ? 0.4680 0.5316 0.5063 0.0189  0.0076  0.0180  20  SER A O   
138 C CB  . SER A 20 ? 0.4820 0.5708 0.5221 0.0202  0.0133  0.0255  20  SER A CB  
139 O OG  . SER A 20 ? 0.5808 0.6797 0.6257 0.0181  0.0168  0.0303  20  SER A OG  
140 N N   . PRO A 21 ? 0.4631 0.5372 0.4970 0.0239  0.0056  0.0126  21  PRO A N   
141 C CA  . PRO A 21 ? 0.4429 0.5076 0.4704 0.0258  0.0022  0.0087  21  PRO A CA  
142 C C   . PRO A 21 ? 0.4454 0.5069 0.4660 0.0271  0.0016  0.0091  21  PRO A C   
143 O O   . PRO A 21 ? 0.4709 0.5394 0.4904 0.0281  0.0031  0.0109  21  PRO A O   
144 C CB  . PRO A 21 ? 0.4607 0.5287 0.4866 0.0295  -0.0001 0.0039  21  PRO A CB  
145 C CG  . PRO A 21 ? 0.4497 0.5304 0.4823 0.0292  0.0023  0.0047  21  PRO A CG  
146 C CD  . PRO A 21 ? 0.4828 0.5678 0.5178 0.0264  0.0059  0.0104  21  PRO A CD  
147 N N   . VAL A 22 ? 0.4020 0.4538 0.4177 0.0266  -0.0007 0.0072  22  VAL A N   
148 C CA  . VAL A 22 ? 0.3980 0.4465 0.4068 0.0274  -0.0019 0.0060  22  VAL A CA  
149 C C   . VAL A 22 ? 0.3655 0.4031 0.3688 0.0270  -0.0048 0.0030  22  VAL A C   
150 O O   . VAL A 22 ? 0.4183 0.4517 0.4234 0.0254  -0.0054 0.0030  22  VAL A O   
151 C CB  . VAL A 22 ? 0.3810 0.4310 0.3905 0.0252  0.0000  0.0099  22  VAL A CB  
152 C CG1 . VAL A 22 ? 0.3624 0.4067 0.3749 0.0225  0.0004  0.0114  22  VAL A CG1 
153 C CG2 . VAL A 22 ? 0.3485 0.3972 0.3512 0.0255  -0.0014 0.0079  22  VAL A CG2 
154 N N   . THR A 23 ? 0.2901 0.3234 0.2866 0.0283  -0.0067 0.0001  23  THR A N   
155 C CA  . THR A 23 ? 0.3272 0.3492 0.3177 0.0274  -0.0094 -0.0018 23  THR A CA  
156 C C   . THR A 23 ? 0.3578 0.3763 0.3435 0.0244  -0.0094 -0.0019 23  THR A C   
157 O O   . THR A 23 ? 0.3942 0.4158 0.3776 0.0252  -0.0092 -0.0034 23  THR A O   
158 C CB  . THR A 23 ? 0.3159 0.3332 0.3019 0.0317  -0.0121 -0.0055 23  THR A CB  
159 O OG1 . THR A 23 ? 0.3653 0.3892 0.3567 0.0347  -0.0120 -0.0058 23  THR A OG1 
160 C CG2 . THR A 23 ? 0.3583 0.3627 0.3378 0.0307  -0.0148 -0.0063 23  THR A CG2 
161 N N   . LEU A 24 ? 0.4942 0.5075 0.4785 0.0208  -0.0095 -0.0008 24  LEU A N   
162 C CA  . LEU A 24 ? 0.5128 0.5233 0.4926 0.0173  -0.0096 -0.0014 24  LEU A CA  
163 C C   . LEU A 24 ? 0.5085 0.5075 0.4804 0.0167  -0.0123 -0.0041 24  LEU A C   
164 O O   . LEU A 24 ? 0.5111 0.5028 0.4806 0.0180  -0.0140 -0.0042 24  LEU A O   
165 C CB  . LEU A 24 ? 0.4842 0.4957 0.4662 0.0136  -0.0083 0.0007  24  LEU A CB  
166 C CG  . LEU A 24 ? 0.4764 0.4970 0.4664 0.0146  -0.0058 0.0036  24  LEU A CG  
167 C CD1 . LEU A 24 ? 0.4591 0.4816 0.4504 0.0116  -0.0047 0.0047  24  LEU A CD1 
168 C CD2 . LEU A 24 ? 0.4731 0.5016 0.4647 0.0168  -0.0049 0.0045  24  LEU A CD2 
169 N N   . ARG A 25 ? 0.4557 0.4530 0.4234 0.0147  -0.0127 -0.0062 25  ARG A N   
170 C CA  . ARG A 25 ? 0.4656 0.4504 0.4256 0.0138  -0.0153 -0.0090 25  ARG A CA  
171 C C   . ARG A 25 ? 0.4616 0.4432 0.4175 0.0075  -0.0150 -0.0097 25  ARG A C   
172 O O   . ARG A 25 ? 0.4677 0.4590 0.4262 0.0054  -0.0135 -0.0100 25  ARG A O   
173 C CB  . ARG A 25 ? 0.5088 0.4939 0.4675 0.0185  -0.0163 -0.0128 25  ARG A CB  
174 C CG  . ARG A 25 ? 0.4721 0.4624 0.4352 0.0247  -0.0163 -0.0126 25  ARG A CG  
175 C CD  . ARG A 25 ? 0.4970 0.4764 0.4570 0.0272  -0.0188 -0.0125 25  ARG A CD  
176 N NE  . ARG A 25 ? 0.5300 0.4949 0.4819 0.0267  -0.0214 -0.0151 25  ARG A NE  
177 C CZ  . ARG A 25 ? 0.6085 0.5683 0.5577 0.0318  -0.0234 -0.0192 25  ARG A CZ  
178 N NH1 . ARG A 25 ? 0.5632 0.5332 0.5171 0.0377  -0.0230 -0.0212 25  ARG A NH1 
179 N NH2 . ARG A 25 ? 0.6230 0.5672 0.5648 0.0309  -0.0257 -0.0212 25  ARG A NH2 
180 N N   . CYS A 26 ? 0.4639 0.4324 0.4133 0.0042  -0.0166 -0.0096 26  CYS A N   
181 C CA  . CYS A 26 ? 0.4382 0.4032 0.3834 -0.0031 -0.0164 -0.0104 26  CYS A CA  
182 C C   . CYS A 26 ? 0.5438 0.4917 0.4808 -0.0048 -0.0188 -0.0123 26  CYS A C   
183 O O   . CYS A 26 ? 0.6231 0.5596 0.5561 -0.0029 -0.0205 -0.0102 26  CYS A O   
184 C CB  . CYS A 26 ? 0.4345 0.4021 0.3805 -0.0076 -0.0149 -0.0069 26  CYS A CB  
185 S SG  . CYS A 26 ? 0.5079 0.4733 0.4493 -0.0175 -0.0142 -0.0075 26  CYS A SG  
186 N N   . GLN A 27 ? 0.7309 0.6766 0.6653 -0.0080 -0.0191 -0.0163 27  GLN A N   
187 C CA  . GLN A 27 ? 0.7740 0.7018 0.7007 -0.0103 -0.0215 -0.0185 27  GLN A CA  
188 C C   . GLN A 27 ? 0.8307 0.7565 0.7544 -0.0200 -0.0207 -0.0201 27  GLN A C   
189 O O   . GLN A 27 ? 0.9265 0.8647 0.8537 -0.0224 -0.0195 -0.0234 27  GLN A O   
190 C CB  . GLN A 27 ? 0.8383 0.7628 0.7645 -0.0039 -0.0231 -0.0238 27  GLN A CB  
191 C CG  . GLN A 27 ? 0.9102 0.8134 0.8286 -0.0043 -0.0259 -0.0265 27  GLN A CG  
192 C CD  . GLN A 27 ? 0.9742 0.8751 0.8927 0.0033  -0.0277 -0.0324 27  GLN A CD  
193 O OE1 . GLN A 27 ? 0.9220 0.8285 0.8438 0.0117  -0.0281 -0.0320 27  GLN A OE1 
194 N NE2 . GLN A 27 ? 1.0452 0.9385 0.9603 0.0005  -0.0286 -0.0385 27  GLN A NE2 
195 N N   . GLY A 28 ? 0.6439 0.5548 0.5610 -0.0257 -0.0214 -0.0177 28  GLY A N   
196 C CA  . GLY A 28 ? 0.6719 0.5821 0.5865 -0.0362 -0.0202 -0.0185 28  GLY A CA  
197 C C   . GLY A 28 ? 0.7921 0.6825 0.6989 -0.0416 -0.0220 -0.0211 28  GLY A C   
198 O O   . GLY A 28 ? 0.8027 0.6951 0.7100 -0.0459 -0.0219 -0.0268 28  GLY A O   
199 N N   . SER A 29 ? 0.9705 0.8417 0.8703 -0.0413 -0.0236 -0.0171 29  SER A N   
200 C CA  . SER A 29 ? 0.9967 0.8459 0.8885 -0.0471 -0.0252 -0.0185 29  SER A CA  
201 C C   . SER A 29 ? 1.1754 1.0029 1.0606 -0.0404 -0.0283 -0.0156 29  SER A C   
202 O O   . SER A 29 ? 1.2250 1.0416 1.1088 -0.0344 -0.0307 -0.0203 29  SER A O   
203 C CB  . SER A 29 ? 0.9548 0.8025 0.8433 -0.0598 -0.0232 -0.0150 29  SER A CB  
204 O OG  . SER A 29 ? 0.9900 0.8126 0.8693 -0.0649 -0.0248 -0.0132 29  SER A OG  
205 N N   . LEU A 30 ? 1.1403 0.9620 1.0213 -0.0411 -0.0283 -0.0079 30  LEU A N   
206 C CA  . LEU A 30 ? 1.2262 1.0276 1.1000 -0.0348 -0.0315 -0.0040 30  LEU A CA  
207 C C   . LEU A 30 ? 1.4466 1.2543 1.3251 -0.0214 -0.0334 -0.0060 30  LEU A C   
208 O O   . LEU A 30 ? 1.5035 1.3299 1.3903 -0.0179 -0.0320 -0.0102 30  LEU A O   
209 C CB  . LEU A 30 ? 1.1680 0.9654 1.0360 -0.0390 -0.0309 0.0049  30  LEU A CB  
210 C CG  . LEU A 30 ? 1.2047 0.9781 1.0628 -0.0354 -0.0342 0.0106  30  LEU A CG  
211 C CD1 . LEU A 30 ? 1.1962 0.9455 1.0472 -0.0414 -0.0355 0.0091  30  LEU A CD1 
212 C CD2 . LEU A 30 ? 1.1457 0.9213 0.9988 -0.0392 -0.0333 0.0194  30  LEU A CD2 
213 N N   . GLU A 31 ? 2.3176 2.1105 2.1909 -0.0140 -0.0365 -0.0026 31  GLU A N   
214 C CA  . GLU A 31 ? 2.3877 2.1864 2.2652 -0.0012 -0.0386 -0.0048 31  GLU A CA  
215 C C   . GLU A 31 ? 2.3397 2.1602 2.2241 0.0016  -0.0368 -0.0021 31  GLU A C   
216 O O   . GLU A 31 ? 2.3542 2.1906 2.2468 0.0073  -0.0360 -0.0062 31  GLU A O   
217 C CB  . GLU A 31 ? 2.5268 2.3046 2.3968 0.0064  -0.0427 -0.0017 31  GLU A CB  
218 C CG  . GLU A 31 ? 2.6296 2.4121 2.5039 0.0200  -0.0453 -0.0057 31  GLU A CG  
219 C CD  . GLU A 31 ? 2.8566 2.6184 2.7234 0.0283  -0.0497 -0.0025 31  GLU A CD  
220 O OE1 . GLU A 31 ? 2.8592 2.6122 2.7192 0.0262  -0.0508 0.0055  31  GLU A OE1 
221 O OE2 . GLU A 31 ? 2.9122 2.6677 2.7799 0.0375  -0.0522 -0.0081 31  GLU A OE2 
222 N N   . THR A 32 ? 2.4401 2.2618 2.3213 -0.0029 -0.0360 0.0045  32  THR A N   
223 C CA  . THR A 32 ? 2.3447 2.1850 2.2319 -0.0004 -0.0346 0.0067  32  THR A CA  
224 C C   . THR A 32 ? 2.1990 2.0427 2.0830 -0.0086 -0.0326 0.0124  32  THR A C   
225 O O   . THR A 32 ? 2.1192 1.9537 1.9971 -0.0176 -0.0316 0.0145  32  THR A O   
226 C CB  . THR A 32 ? 2.3045 2.1437 2.1917 0.0105  -0.0377 0.0081  32  THR A CB  
227 O OG1 . THR A 32 ? 2.4858 2.3044 2.3627 0.0120  -0.0410 0.0127  32  THR A OG1 
228 C CG2 . THR A 32 ? 2.1523 1.9968 2.0458 0.0195  -0.0388 0.0020  32  THR A CG2 
229 N N   . GLN A 33 ? 1.9859 1.8440 1.8742 -0.0059 -0.0318 0.0142  33  GLN A N   
230 C CA  . GLN A 33 ? 2.0054 1.8648 1.8889 -0.0098 -0.0313 0.0200  33  GLN A CA  
231 C C   . GLN A 33 ? 1.9671 1.8403 1.8531 -0.0185 -0.0274 0.0207  33  GLN A C   
232 O O   . GLN A 33 ? 2.0588 1.9366 1.9420 -0.0203 -0.0270 0.0246  33  GLN A O   
233 C CB  . GLN A 33 ? 2.0499 1.8883 1.9211 -0.0117 -0.0339 0.0256  33  GLN A CB  
234 C CG  . GLN A 33 ? 2.1650 1.9965 2.0297 -0.0237 -0.0316 0.0288  33  GLN A CG  
235 C CD  . GLN A 33 ? 2.2575 2.0717 2.1100 -0.0258 -0.0336 0.0365  33  GLN A CD  
236 O OE1 . GLN A 33 ? 2.2893 2.1010 2.1383 -0.0183 -0.0364 0.0400  33  GLN A OE1 
237 N NE2 . GLN A 33 ? 2.2352 2.0377 2.0807 -0.0360 -0.0322 0.0395  33  GLN A NE2 
238 N N   . GLU A 34 ? 0.9809 0.8614 0.8721 -0.0236 -0.0248 0.0170  34  GLU A N   
239 C CA  . GLU A 34 ? 0.8777 0.7723 0.7720 -0.0310 -0.0212 0.0173  34  GLU A CA  
240 C C   . GLU A 34 ? 0.7292 0.6393 0.6336 -0.0309 -0.0188 0.0122  34  GLU A C   
241 O O   . GLU A 34 ? 0.7491 0.6626 0.6544 -0.0375 -0.0171 0.0105  34  GLU A O   
242 C CB  . GLU A 34 ? 0.9927 0.8785 0.8786 -0.0415 -0.0201 0.0204  34  GLU A CB  
243 C CG  . GLU A 34 ? 1.1184 0.9975 0.9954 -0.0439 -0.0207 0.0270  34  GLU A CG  
244 C CD  . GLU A 34 ? 1.1535 1.0509 1.0337 -0.0462 -0.0181 0.0277  34  GLU A CD  
245 O OE1 . GLU A 34 ? 1.0661 0.9755 0.9536 -0.0393 -0.0182 0.0252  34  GLU A OE1 
246 O OE2 . GLU A 34 ? 1.1195 1.0194 0.9950 -0.0549 -0.0158 0.0306  34  GLU A OE2 
247 N N   . TYR A 35 ? 0.6581 0.5782 0.5701 -0.0235 -0.0190 0.0102  35  TYR A N   
248 C CA  . TYR A 35 ? 0.5900 0.5250 0.5116 -0.0226 -0.0168 0.0065  35  TYR A CA  
249 C C   . TYR A 35 ? 0.5751 0.5243 0.5028 -0.0219 -0.0148 0.0070  35  TYR A C   
250 O O   . TYR A 35 ? 0.6342 0.5828 0.5605 -0.0194 -0.0157 0.0089  35  TYR A O   
251 C CB  . TYR A 35 ? 0.5985 0.5336 0.5246 -0.0150 -0.0182 0.0037  35  TYR A CB  
252 C CG  . TYR A 35 ? 0.6399 0.5624 0.5612 -0.0149 -0.0201 0.0017  35  TYR A CG  
253 C CD1 . TYR A 35 ? 0.6545 0.5628 0.5703 -0.0101 -0.0232 0.0023  35  TYR A CD1 
254 C CD2 . TYR A 35 ? 0.6161 0.5413 0.5384 -0.0193 -0.0189 -0.0015 35  TYR A CD2 
255 C CE1 . TYR A 35 ? 0.7320 0.6277 0.6435 -0.0097 -0.0250 -0.0003 35  TYR A CE1 
256 C CE2 . TYR A 35 ? 0.6765 0.5902 0.5945 -0.0196 -0.0207 -0.0044 35  TYR A CE2 
257 C CZ  . TYR A 35 ? 0.7431 0.6412 0.6556 -0.0147 -0.0236 -0.0040 35  TYR A CZ  
258 O OH  . TYR A 35 ? 0.8754 0.7610 0.7837 -0.0145 -0.0254 -0.0076 35  TYR A OH  
259 N N   . HIS A 36 ? 0.6268 0.5888 0.5611 -0.0239 -0.0123 0.0050  36  HIS A N   
260 C CA  . HIS A 36 ? 0.5974 0.5724 0.5387 -0.0220 -0.0105 0.0046  36  HIS A CA  
261 C C   . HIS A 36 ? 0.4922 0.4783 0.4426 -0.0193 -0.0089 0.0024  36  HIS A C   
262 O O   . HIS A 36 ? 0.4714 0.4622 0.4228 -0.0224 -0.0079 0.0012  36  HIS A O   
263 C CB  . HIS A 36 ? 0.6530 0.6336 0.5922 -0.0282 -0.0085 0.0055  36  HIS A CB  
264 C CG  . HIS A 36 ? 0.6495 0.6433 0.5962 -0.0260 -0.0065 0.0040  36  HIS A CG  
265 N ND1 . HIS A 36 ? 0.5675 0.5735 0.5191 -0.0287 -0.0041 0.0022  36  HIS A ND1 
266 C CD2 . HIS A 36 ? 0.6989 0.6955 0.6498 -0.0212 -0.0068 0.0033  36  HIS A CD2 
267 C CE1 . HIS A 36 ? 0.5530 0.5675 0.5112 -0.0251 -0.0029 0.0006  36  HIS A CE1 
268 N NE2 . HIS A 36 ? 0.6113 0.6200 0.5691 -0.0210 -0.0044 0.0012  36  HIS A NE2 
269 N N   . LEU A 37 ? 0.4293 0.4198 0.3861 -0.0135 -0.0088 0.0021  37  LEU A N   
270 C CA  . LEU A 37 ? 0.3964 0.3965 0.3615 -0.0104 -0.0074 0.0011  37  LEU A CA  
271 C C   . LEU A 37 ? 0.4323 0.4419 0.4035 -0.0103 -0.0052 0.0008  37  LEU A C   
272 O O   . LEU A 37 ? 0.4830 0.4917 0.4533 -0.0108 -0.0052 0.0006  37  LEU A O   
273 C CB  . LEU A 37 ? 0.3370 0.3353 0.3059 -0.0044 -0.0083 0.0012  37  LEU A CB  
274 C CG  . LEU A 37 ? 0.3886 0.3960 0.3653 -0.0012 -0.0067 0.0014  37  LEU A CG  
275 C CD1 . LEU A 37 ? 0.3607 0.3706 0.3357 -0.0023 -0.0067 0.0008  37  LEU A CD1 
276 C CD2 . LEU A 37 ? 0.3985 0.4053 0.3792 0.0038  -0.0072 0.0018  37  LEU A CD2 
277 N N   . TYR A 38 ? 0.3906 0.4094 0.3679 -0.0093 -0.0037 0.0003  38  TYR A N   
278 C CA  . TYR A 38 ? 0.3767 0.4038 0.3605 -0.0080 -0.0018 -0.0004 38  TYR A CA  
279 C C   . TYR A 38 ? 0.3419 0.3767 0.3333 -0.0041 -0.0007 0.0003  38  TYR A C   
280 O O   . TYR A 38 ? 0.3422 0.3787 0.3327 -0.0038 -0.0011 0.0011  38  TYR A O   
281 C CB  . TYR A 38 ? 0.3744 0.4068 0.3557 -0.0128 -0.0007 -0.0017 38  TYR A CB  
282 C CG  . TYR A 38 ? 0.3891 0.4283 0.3696 -0.0164 -0.0001 -0.0022 38  TYR A CG  
283 C CD1 . TYR A 38 ? 0.4292 0.4805 0.4162 -0.0145 0.0014  -0.0032 38  TYR A CD1 
284 C CD2 . TYR A 38 ? 0.3988 0.4324 0.3719 -0.0214 -0.0011 -0.0020 38  TYR A CD2 
285 C CE1 . TYR A 38 ? 0.3526 0.4124 0.3393 -0.0176 0.0017  -0.0040 38  TYR A CE1 
286 C CE2 . TYR A 38 ? 0.4105 0.4514 0.3832 -0.0254 -0.0006 -0.0031 38  TYR A CE2 
287 C CZ  . TYR A 38 ? 0.4346 0.4896 0.4144 -0.0235 0.0008  -0.0042 38  TYR A CZ  
288 O OH  . TYR A 38 ? 0.4235 0.4879 0.4034 -0.0274 0.0011  -0.0058 38  TYR A OH  
289 N N   . ARG A 39 ? 0.3454 0.3841 0.3436 -0.0009 0.0006  0.0001  39  ARG A N   
290 C CA  . ARG A 39 ? 0.3400 0.3854 0.3451 0.0031  0.0017  0.0015  39  ARG A CA  
291 C C   . ARG A 39 ? 0.3816 0.4358 0.3896 0.0027  0.0030  -0.0004 39  ARG A C   
292 O O   . ARG A 39 ? 0.3864 0.4407 0.3944 0.0013  0.0035  -0.0029 39  ARG A O   
293 C CB  . ARG A 39 ? 0.3265 0.3681 0.3378 0.0072  0.0022  0.0029  39  ARG A CB  
294 C CG  . ARG A 39 ? 0.3461 0.3921 0.3636 0.0115  0.0032  0.0057  39  ARG A CG  
295 C CD  . ARG A 39 ? 0.3618 0.4021 0.3846 0.0143  0.0038  0.0077  39  ARG A CD  
296 N NE  . ARG A 39 ? 0.3850 0.4218 0.4115 0.0142  0.0044  0.0047  39  ARG A NE  
297 C CZ  . ARG A 39 ? 0.3907 0.4226 0.4230 0.0159  0.0051  0.0053  39  ARG A CZ  
298 N NH1 . ARG A 39 ? 0.3578 0.3883 0.3927 0.0176  0.0056  0.0096  39  ARG A NH1 
299 N NH2 . ARG A 39 ? 0.3942 0.4235 0.4298 0.0155  0.0055  0.0015  39  ARG A NH2 
300 N N   . GLU A 40 ? 0.5650 0.6280 0.5758 0.0044  0.0033  0.0004  40  GLU A N   
301 C CA  . GLU A 40 ? 0.6687 0.7425 0.6808 0.0029  0.0042  -0.0019 40  GLU A CA  
302 C C   . GLU A 40 ? 0.7242 0.8042 0.7436 0.0076  0.0055  -0.0034 40  GLU A C   
303 O O   . GLU A 40 ? 0.8045 0.8913 0.8240 0.0055  0.0064  -0.0068 40  GLU A O   
304 C CB  . GLU A 40 ? 0.7272 0.8096 0.7373 0.0011  0.0036  -0.0015 40  GLU A CB  
305 C CG  . GLU A 40 ? 0.6366 0.7223 0.6504 0.0064  0.0031  0.0018  40  GLU A CG  
306 C CD  . GLU A 40 ? 0.7075 0.8032 0.7189 0.0042  0.0023  0.0012  40  GLU A CD  
307 O OE1 . GLU A 40 ? 0.6833 0.7908 0.6992 0.0079  0.0024  0.0019  40  GLU A OE1 
308 O OE2 . GLU A 40 ? 0.7024 0.7941 0.7075 -0.0011 0.0014  0.0000  40  GLU A OE2 
309 N N   . LYS A 41 ? 0.4213 0.4993 0.4469 0.0137  0.0057  -0.0010 41  LYS A N   
310 C CA  . LYS A 41 ? 0.3982 0.4798 0.4312 0.0188  0.0068  -0.0025 41  LYS A CA  
311 C C   . LYS A 41 ? 0.3870 0.4588 0.4223 0.0194  0.0073  -0.0045 41  LYS A C   
312 O O   . LYS A 41 ? 0.3551 0.4285 0.3956 0.0225  0.0082  -0.0077 41  LYS A O   
313 C CB  . LYS A 41 ? 0.4460 0.5300 0.4845 0.0255  0.0066  0.0017  41  LYS A CB  
314 C CG  . LYS A 41 ? 0.4226 0.5183 0.4594 0.0257  0.0057  0.0035  41  LYS A CG  
315 C CD  . LYS A 41 ? 0.5017 0.6112 0.5399 0.0250  0.0062  -0.0007 41  LYS A CD  
316 C CE  . LYS A 41 ? 0.5864 0.7092 0.6232 0.0247  0.0052  0.0004  41  LYS A CE  
317 N NZ  . LYS A 41 ? 0.6945 0.8204 0.7358 0.0325  0.0044  0.0051  41  LYS A NZ  
318 N N   . LYS A 42 ? 0.3723 0.4350 0.4037 0.0164  0.0066  -0.0033 42  LYS A N   
319 C CA  . LYS A 42 ? 0.3907 0.4448 0.4241 0.0165  0.0069  -0.0053 42  LYS A CA  
320 C C   . LYS A 42 ? 0.4536 0.5020 0.4803 0.0119  0.0057  -0.0053 42  LYS A C   
321 O O   . LYS A 42 ? 0.4777 0.5229 0.5012 0.0112  0.0049  -0.0019 42  LYS A O   
322 C CB  . LYS A 42 ? 0.4543 0.5021 0.4946 0.0211  0.0073  -0.0021 42  LYS A CB  
323 C CG  . LYS A 42 ? 0.4840 0.5238 0.5284 0.0213  0.0078  -0.0051 42  LYS A CG  
324 C CD  . LYS A 42 ? 0.4253 0.4583 0.4768 0.0250  0.0085  -0.0015 42  LYS A CD  
325 C CE  . LYS A 42 ? 0.5694 0.5945 0.6252 0.0239  0.0089  -0.0048 42  LYS A CE  
326 N NZ  . LYS A 42 ? 0.6068 0.6238 0.6692 0.0261  0.0098  -0.0008 42  LYS A NZ  
327 N N   . THR A 43 ? 0.6555 0.7032 0.6795 0.0092  0.0057  -0.0091 43  THR A N   
328 C CA  . THR A 43 ? 0.6419 0.6844 0.6586 0.0054  0.0042  -0.0088 43  THR A CA  
329 C C   . THR A 43 ? 0.5646 0.5995 0.5834 0.0069  0.0034  -0.0069 43  THR A C   
330 O O   . THR A 43 ? 0.5885 0.6212 0.6143 0.0094  0.0041  -0.0078 43  THR A O   
331 C CB  . THR A 43 ? 0.6952 0.7393 0.7087 0.0028  0.0042  -0.0130 43  THR A CB  
332 O OG1 . THR A 43 ? 0.8141 0.8570 0.8343 0.0053  0.0048  -0.0164 43  THR A OG1 
333 C CG2 . THR A 43 ? 0.7347 0.7877 0.7455 0.0003  0.0054  -0.0148 43  THR A CG2 
334 N N   . ALA A 44 ? 0.4580 0.4892 0.4711 0.0053  0.0019  -0.0046 44  ALA A N   
335 C CA  . ALA A 44 ? 0.4181 0.4442 0.4329 0.0068  0.0011  -0.0031 44  ALA A CA  
336 C C   . ALA A 44 ? 0.4819 0.5048 0.4931 0.0052  -0.0004 -0.0053 44  ALA A C   
337 O O   . ALA A 44 ? 0.5160 0.5362 0.5199 0.0037  -0.0021 -0.0045 44  ALA A O   
338 C CB  . ALA A 44 ? 0.4103 0.4355 0.4215 0.0071  0.0004  0.0002  44  ALA A CB  
339 N N   . LEU A 45 ? 0.5650 0.5882 0.5815 0.0058  0.0000  -0.0083 45  LEU A N   
340 C CA  . LEU A 45 ? 0.5382 0.5606 0.5517 0.0044  -0.0016 -0.0111 45  LEU A CA  
341 C C   . LEU A 45 ? 0.5387 0.5577 0.5484 0.0050  -0.0037 -0.0092 45  LEU A C   
342 O O   . LEU A 45 ? 0.5874 0.6057 0.5910 0.0042  -0.0057 -0.0101 45  LEU A O   
343 C CB  . LEU A 45 ? 0.5762 0.5996 0.5974 0.0051  -0.0007 -0.0152 45  LEU A CB  
344 C CG  . LEU A 45 ? 0.5458 0.5722 0.5710 0.0055  0.0012  -0.0182 45  LEU A CG  
345 C CD1 . LEU A 45 ? 0.6128 0.6368 0.6481 0.0073  0.0026  -0.0203 45  LEU A CD1 
346 C CD2 . LEU A 45 ? 0.5236 0.5545 0.5437 0.0036  0.0007  -0.0223 45  LEU A CD2 
347 N N   . TRP A 46 ? 0.4471 0.4650 0.4604 0.0067  -0.0033 -0.0067 46  TRP A N   
348 C CA  . TRP A 46 ? 0.4715 0.4881 0.4829 0.0079  -0.0051 -0.0057 46  TRP A CA  
349 C C   . TRP A 46 ? 0.4729 0.4858 0.4745 0.0079  -0.0072 -0.0043 46  TRP A C   
350 O O   . TRP A 46 ? 0.5194 0.5304 0.5176 0.0094  -0.0094 -0.0042 46  TRP A O   
351 C CB  . TRP A 46 ? 0.4891 0.5067 0.5060 0.0096  -0.0038 -0.0031 46  TRP A CB  
352 C CG  . TRP A 46 ? 0.4769 0.4943 0.4911 0.0103  -0.0030 0.0000  46  TRP A CG  
353 C CD1 . TRP A 46 ? 0.4235 0.4428 0.4411 0.0104  -0.0010 0.0017  46  TRP A CD1 
354 C CD2 . TRP A 46 ? 0.4503 0.4662 0.4579 0.0110  -0.0044 0.0012  46  TRP A CD2 
355 N NE1 . TRP A 46 ? 0.3957 0.4162 0.4093 0.0108  -0.0012 0.0038  46  TRP A NE1 
356 C CE2 . TRP A 46 ? 0.4126 0.4303 0.4199 0.0109  -0.0032 0.0032  46  TRP A CE2 
357 C CE3 . TRP A 46 ? 0.4628 0.4754 0.4645 0.0120  -0.0069 0.0005  46  TRP A CE3 
358 C CZ2 . TRP A 46 ? 0.3882 0.4050 0.3898 0.0112  -0.0041 0.0039  46  TRP A CZ2 
359 C CZ3 . TRP A 46 ? 0.4354 0.4455 0.4316 0.0128  -0.0078 0.0014  46  TRP A CZ3 
360 C CH2 . TRP A 46 ? 0.3964 0.4088 0.3927 0.0120  -0.0063 0.0027  46  TRP A CH2 
361 N N   . ILE A 47 ? 0.3870 0.3990 0.3840 0.0060  -0.0066 -0.0033 47  ILE A N   
362 C CA  . ILE A 47 ? 0.3986 0.4055 0.3863 0.0048  -0.0082 -0.0019 47  ILE A CA  
363 C C   . ILE A 47 ? 0.4407 0.4452 0.4220 0.0035  -0.0101 -0.0026 47  ILE A C   
364 O O   . ILE A 47 ? 0.4662 0.4647 0.4403 0.0040  -0.0125 -0.0012 47  ILE A O   
365 C CB  . ILE A 47 ? 0.4198 0.4277 0.4051 0.0019  -0.0069 -0.0009 47  ILE A CB  
366 C CG1 . ILE A 47 ? 0.3686 0.3803 0.3598 0.0037  -0.0053 0.0001  47  ILE A CG1 
367 C CG2 . ILE A 47 ? 0.3693 0.3705 0.3449 -0.0003 -0.0086 0.0004  47  ILE A CG2 
368 C CD1 . ILE A 47 ? 0.3253 0.3397 0.3143 0.0014  -0.0043 0.0007  47  ILE A CD1 
369 N N   . THR A 48 ? 0.5894 0.5986 0.5732 0.0022  -0.0092 -0.0048 48  THR A N   
370 C CA  . THR A 48 ? 0.5904 0.5994 0.5678 0.0007  -0.0107 -0.0056 48  THR A CA  
371 C C   . THR A 48 ? 0.5431 0.5514 0.5201 0.0036  -0.0134 -0.0063 48  THR A C   
372 O O   . THR A 48 ? 0.5252 0.5347 0.4972 0.0032  -0.0150 -0.0069 48  THR A O   
373 C CB  . THR A 48 ? 0.6120 0.6280 0.5926 -0.0013 -0.0089 -0.0089 48  THR A CB  
374 O OG1 . THR A 48 ? 0.6792 0.6989 0.6685 0.0008  -0.0085 -0.0124 48  THR A OG1 
375 C CG2 . THR A 48 ? 0.5903 0.6093 0.5734 -0.0031 -0.0062 -0.0089 48  THR A CG2 
376 N N   . ARG A 49 ? 0.5417 0.5498 0.5240 0.0067  -0.0138 -0.0062 49  ARG A N   
377 C CA  . ARG A 49 ? 0.5456 0.5553 0.5289 0.0097  -0.0162 -0.0075 49  ARG A CA  
378 C C   . ARG A 49 ? 0.5514 0.5560 0.5306 0.0132  -0.0184 -0.0051 49  ARG A C   
379 O O   . ARG A 49 ? 0.5918 0.5984 0.5715 0.0165  -0.0208 -0.0060 49  ARG A O   
380 C CB  . ARG A 49 ? 0.5775 0.5938 0.5721 0.0101  -0.0147 -0.0104 49  ARG A CB  
381 C CG  . ARG A 49 ? 0.5662 0.5868 0.5653 0.0075  -0.0130 -0.0139 49  ARG A CG  
382 C CD  . ARG A 49 ? 0.6025 0.6276 0.6123 0.0075  -0.0119 -0.0171 49  ARG A CD  
383 N NE  . ARG A 49 ? 0.7084 0.7323 0.7254 0.0066  -0.0086 -0.0166 49  ARG A NE  
384 C CZ  . ARG A 49 ? 0.6493 0.6723 0.6713 0.0075  -0.0072 -0.0139 49  ARG A CZ  
385 N NH1 . ARG A 49 ? 0.5559 0.5797 0.5769 0.0093  -0.0086 -0.0122 49  ARG A NH1 
386 N NH2 . ARG A 49 ? 0.6695 0.6914 0.6974 0.0069  -0.0045 -0.0129 49  ARG A NH2 
387 N N   . ILE A 50 ? 0.4961 0.4945 0.4712 0.0125  -0.0179 -0.0027 50  ILE A N   
388 C CA  . ILE A 50 ? 0.4967 0.4890 0.4674 0.0159  -0.0200 -0.0013 50  ILE A CA  
389 C C   . ILE A 50 ? 0.4907 0.4754 0.4511 0.0170  -0.0233 0.0006  50  ILE A C   
390 O O   . ILE A 50 ? 0.5641 0.5441 0.5176 0.0132  -0.0230 0.0025  50  ILE A O   
391 C CB  . ILE A 50 ? 0.4665 0.4547 0.4360 0.0143  -0.0183 -0.0001 50  ILE A CB  
392 C CG1 . ILE A 50 ? 0.4351 0.4308 0.4139 0.0138  -0.0152 -0.0009 50  ILE A CG1 
393 C CG2 . ILE A 50 ? 0.4608 0.4424 0.4260 0.0182  -0.0205 0.0003  50  ILE A CG2 
394 C CD1 . ILE A 50 ? 0.3952 0.3963 0.3806 0.0175  -0.0152 -0.0018 50  ILE A CD1 
395 N N   . PRO A 51 ? 0.4979 0.4821 0.4572 0.0221  -0.0263 0.0003  51  PRO A N   
396 C CA  . PRO A 51 ? 0.4906 0.4671 0.4398 0.0242  -0.0299 0.0028  51  PRO A CA  
397 C C   . PRO A 51 ? 0.5676 0.5306 0.5078 0.0221  -0.0302 0.0060  51  PRO A C   
398 O O   . PRO A 51 ? 0.6075 0.5670 0.5494 0.0219  -0.0289 0.0052  51  PRO A O   
399 C CB  . PRO A 51 ? 0.5180 0.4965 0.4694 0.0314  -0.0329 0.0015  51  PRO A CB  
400 C CG  . PRO A 51 ? 0.5512 0.5426 0.5146 0.0315  -0.0307 -0.0021 51  PRO A CG  
401 C CD  . PRO A 51 ? 0.4935 0.4850 0.4609 0.0265  -0.0267 -0.0022 51  PRO A CD  
402 N N   . GLN A 52 ? 0.5050 0.4609 0.4356 0.0201  -0.0318 0.0094  52  GLN A N   
403 C CA  . GLN A 52 ? 0.4809 0.4229 0.4022 0.0168  -0.0319 0.0128  52  GLN A CA  
404 C C   . GLN A 52 ? 0.5291 0.4603 0.4482 0.0215  -0.0341 0.0126  52  GLN A C   
405 O O   . GLN A 52 ? 0.5768 0.4981 0.4920 0.0183  -0.0333 0.0132  52  GLN A O   
406 C CB  . GLN A 52 ? 0.5856 0.5214 0.4962 0.0147  -0.0337 0.0174  52  GLN A CB  
407 C CG  . GLN A 52 ? 0.7067 0.6536 0.6183 0.0097  -0.0315 0.0172  52  GLN A CG  
408 C CD  . GLN A 52 ? 0.8164 0.7662 0.7304 0.0023  -0.0273 0.0163  52  GLN A CD  
409 O OE1 . GLN A 52 ? 0.7102 0.6600 0.6299 0.0017  -0.0256 0.0140  52  GLN A OE1 
410 N NE2 . GLN A 52 ? 0.8673 0.8211 0.7769 -0.0031 -0.0258 0.0180  52  GLN A NE2 
411 N N   . GLU A 53 ? 0.6160 0.5492 0.5374 0.0293  -0.0368 0.0112  53  GLU A N   
412 C CA  . GLU A 53 ? 0.6270 0.5506 0.5463 0.0351  -0.0392 0.0101  53  GLU A CA  
413 C C   . GLU A 53 ? 0.6280 0.5541 0.5535 0.0335  -0.0364 0.0066  53  GLU A C   
414 O O   . GLU A 53 ? 0.6539 0.5689 0.5754 0.0343  -0.0371 0.0059  53  GLU A O   
415 C CB  . GLU A 53 ? 0.7099 0.6396 0.6326 0.0441  -0.0423 0.0084  53  GLU A CB  
416 C CG  . GLU A 53 ? 0.7829 0.7085 0.6980 0.0476  -0.0462 0.0122  53  GLU A CG  
417 C CD  . GLU A 53 ? 0.8880 0.8221 0.8026 0.0421  -0.0449 0.0140  53  GLU A CD  
418 O OE1 . GLU A 53 ? 0.7768 0.7250 0.7005 0.0390  -0.0420 0.0106  53  GLU A OE1 
419 O OE2 . GLU A 53 ? 1.0560 0.9826 0.9608 0.0408  -0.0468 0.0188  53  GLU A OE2 
420 N N   . LEU A 54 ? 0.6673 0.6076 0.6022 0.0313  -0.0332 0.0043  54  LEU A N   
421 C CA  . LEU A 54 ? 0.6009 0.5457 0.5414 0.0297  -0.0305 0.0017  54  LEU A CA  
422 C C   . LEU A 54 ? 0.6193 0.5593 0.5563 0.0222  -0.0282 0.0029  54  LEU A C   
423 O O   . LEU A 54 ? 0.6497 0.5834 0.5843 0.0212  -0.0280 0.0016  54  LEU A O   
424 C CB  . LEU A 54 ? 0.5483 0.5092 0.4997 0.0299  -0.0279 -0.0002 54  LEU A CB  
425 C CG  . LEU A 54 ? 0.5782 0.5474 0.5353 0.0364  -0.0293 -0.0023 54  LEU A CG  
426 C CD1 . LEU A 54 ? 0.5245 0.5078 0.4919 0.0344  -0.0266 -0.0034 54  LEU A CD1 
427 C CD2 . LEU A 54 ? 0.5712 0.5392 0.5289 0.0415  -0.0300 -0.0048 54  LEU A CD2 
428 N N   . VAL A 55 ? 0.5297 0.4739 0.4667 0.0170  -0.0266 0.0047  55  VAL A N   
429 C CA  . VAL A 55 ? 0.4996 0.4420 0.4341 0.0096  -0.0243 0.0058  55  VAL A CA  
430 C C   . VAL A 55 ? 0.5383 0.4652 0.4632 0.0072  -0.0259 0.0072  55  VAL A C   
431 O O   . VAL A 55 ? 0.5755 0.5007 0.4997 0.0024  -0.0243 0.0063  55  VAL A O   
432 C CB  . VAL A 55 ? 0.4666 0.4145 0.4005 0.0052  -0.0229 0.0076  55  VAL A CB  
433 C CG1 . VAL A 55 ? 0.4965 0.4421 0.4263 -0.0023 -0.0209 0.0089  55  VAL A CG1 
434 C CG2 . VAL A 55 ? 0.3783 0.3405 0.3225 0.0064  -0.0208 0.0054  55  VAL A CG2 
435 N N   . LYS A 56 ? 0.4767 0.3925 0.3944 0.0105  -0.0291 0.0095  56  LYS A N   
436 C CA  . LYS A 56 ? 0.5338 0.4321 0.4421 0.0085  -0.0309 0.0113  56  LYS A CA  
437 C C   . LYS A 56 ? 0.5676 0.4610 0.4776 0.0115  -0.0315 0.0071  56  LYS A C   
438 O O   . LYS A 56 ? 0.7158 0.5980 0.6208 0.0072  -0.0315 0.0067  56  LYS A O   
439 C CB  . LYS A 56 ? 0.6095 0.4963 0.5097 0.0129  -0.0346 0.0151  56  LYS A CB  
440 C CG  . LYS A 56 ? 0.6721 0.5604 0.5669 0.0083  -0.0342 0.0200  56  LYS A CG  
441 C CD  . LYS A 56 ? 0.8191 0.6958 0.7049 0.0130  -0.0383 0.0246  56  LYS A CD  
442 C CE  . LYS A 56 ? 0.8316 0.7113 0.7112 0.0081  -0.0378 0.0296  56  LYS A CE  
443 N NZ  . LYS A 56 ? 0.8829 0.7533 0.7536 0.0137  -0.0420 0.0347  56  LYS A NZ  
444 N N   . LYS A 57 ? 0.5579 0.4603 0.4751 0.0184  -0.0317 0.0037  57  LYS A N   
445 C CA  . LYS A 57 ? 0.5397 0.4408 0.4591 0.0215  -0.0319 -0.0009 57  LYS A CA  
446 C C   . LYS A 57 ? 0.5131 0.4265 0.4388 0.0169  -0.0284 -0.0032 57  LYS A C   
447 O O   . LYS A 57 ? 0.5093 0.4253 0.4374 0.0187  -0.0281 -0.0072 57  LYS A O   
448 C CB  . LYS A 57 ? 0.6418 0.5483 0.5656 0.0311  -0.0337 -0.0034 57  LYS A CB  
449 C CG  . LYS A 57 ? 0.6563 0.5498 0.5738 0.0376  -0.0379 -0.0020 57  LYS A CG  
450 C CD  . LYS A 57 ? 0.6407 0.5428 0.5637 0.0473  -0.0395 -0.0053 57  LYS A CD  
451 C CE  . LYS A 57 ? 0.5852 0.5057 0.5167 0.0474  -0.0378 -0.0046 57  LYS A CE  
452 N NZ  . LYS A 57 ? 0.5605 0.4921 0.4985 0.0555  -0.0387 -0.0082 57  LYS A NZ  
453 N N   . GLY A 58 ? 0.5350 0.4570 0.4633 0.0113  -0.0260 -0.0009 58  GLY A N   
454 C CA  . GLY A 58 ? 0.4964 0.4306 0.4308 0.0076  -0.0229 -0.0024 58  GLY A CA  
455 C C   . GLY A 58 ? 0.4709 0.4185 0.4141 0.0129  -0.0218 -0.0041 58  GLY A C   
456 O O   . GLY A 58 ? 0.4427 0.3972 0.3894 0.0130  -0.0203 -0.0064 58  GLY A O   
457 N N   . GLN A 59 ? 0.4787 0.4301 0.4251 0.0171  -0.0223 -0.0030 59  GLN A N   
458 C CA  . GLN A 59 ? 0.4267 0.3905 0.3815 0.0214  -0.0211 -0.0041 59  GLN A CA  
459 C C   . GLN A 59 ? 0.4142 0.3870 0.3750 0.0197  -0.0194 -0.0022 59  GLN A C   
460 O O   . GLN A 59 ? 0.4243 0.3943 0.3830 0.0191  -0.0204 -0.0008 59  GLN A O   
461 C CB  . GLN A 59 ? 0.5020 0.4638 0.4566 0.0285  -0.0237 -0.0059 59  GLN A CB  
462 C CG  . GLN A 59 ? 0.5341 0.4852 0.4826 0.0314  -0.0260 -0.0085 59  GLN A CG  
463 C CD  . GLN A 59 ? 0.4539 0.4069 0.4041 0.0396  -0.0280 -0.0110 59  GLN A CD  
464 O OE1 . GLN A 59 ? 0.4137 0.3793 0.3710 0.0425  -0.0269 -0.0114 59  GLN A OE1 
465 N NE2 . GLN A 59 ? 0.5314 0.4720 0.4752 0.0434  -0.0308 -0.0133 59  GLN A NE2 
466 N N   . PHE A 60 ? 0.4081 0.3915 0.3762 0.0191  -0.0165 -0.0022 60  PHE A N   
467 C CA  . PHE A 60 ? 0.3945 0.3855 0.3692 0.0176  -0.0147 -0.0009 60  PHE A CA  
468 C C   . PHE A 60 ? 0.3999 0.4005 0.3827 0.0205  -0.0131 -0.0010 60  PHE A C   
469 O O   . PHE A 60 ? 0.4154 0.4223 0.4025 0.0197  -0.0108 0.0000  60  PHE A O   
470 C CB  . PHE A 60 ? 0.4085 0.4017 0.3837 0.0128  -0.0125 0.0002  60  PHE A CB  
471 C CG  . PHE A 60 ? 0.3716 0.3568 0.3389 0.0088  -0.0136 0.0005  60  PHE A CG  
472 C CD1 . PHE A 60 ? 0.4050 0.3842 0.3665 0.0072  -0.0145 -0.0003 60  PHE A CD1 
473 C CD2 . PHE A 60 ? 0.3584 0.3424 0.3237 0.0060  -0.0137 0.0014  60  PHE A CD2 
474 C CE1 . PHE A 60 ? 0.4203 0.3917 0.3746 0.0024  -0.0152 0.0003  60  PHE A CE1 
475 C CE2 . PHE A 60 ? 0.3976 0.3751 0.3554 0.0016  -0.0142 0.0022  60  PHE A CE2 
476 C CZ  . PHE A 60 ? 0.4289 0.3995 0.3812 -0.0005 -0.0149 0.0020  60  PHE A CZ  
477 N N   . PRO A 61 ? 0.3994 0.4021 0.3847 0.0239  -0.0144 -0.0020 61  PRO A N   
478 C CA  . PRO A 61 ? 0.3930 0.4053 0.3857 0.0262  -0.0129 -0.0021 61  PRO A CA  
479 C C   . PRO A 61 ? 0.4419 0.4602 0.4425 0.0234  -0.0102 -0.0006 61  PRO A C   
480 O O   . PRO A 61 ? 0.5012 0.5170 0.5021 0.0210  -0.0103 -0.0006 61  PRO A O   
481 C CB  . PRO A 61 ? 0.4091 0.4217 0.4015 0.0303  -0.0155 -0.0041 61  PRO A CB  
482 C CG  . PRO A 61 ? 0.3795 0.3809 0.3628 0.0310  -0.0186 -0.0045 61  PRO A CG  
483 C CD  . PRO A 61 ? 0.4262 0.4228 0.4067 0.0258  -0.0174 -0.0027 61  PRO A CD  
484 N N   . ILE A 62 ? 0.4103 0.4362 0.4171 0.0237  -0.0079 0.0008  62  ILE A N   
485 C CA  . ILE A 62 ? 0.4190 0.4497 0.4340 0.0215  -0.0054 0.0024  62  ILE A CA  
486 C C   . ILE A 62 ? 0.4301 0.4694 0.4507 0.0230  -0.0044 0.0024  62  ILE A C   
487 O O   . ILE A 62 ? 0.4641 0.5084 0.4850 0.0243  -0.0030 0.0040  62  ILE A O   
488 C CB  . ILE A 62 ? 0.3814 0.4126 0.3986 0.0194  -0.0029 0.0056  62  ILE A CB  
489 C CG1 . ILE A 62 ? 0.3791 0.4042 0.3915 0.0177  -0.0037 0.0050  62  ILE A CG1 
490 C CG2 . ILE A 62 ? 0.3284 0.3626 0.3541 0.0175  -0.0004 0.0075  62  ILE A CG2 
491 C CD1 . ILE A 62 ? 0.3143 0.3410 0.3264 0.0170  -0.0021 0.0075  62  ILE A CD1 
492 N N   . LEU A 63 ? 0.4024 0.4446 0.4273 0.0228  -0.0052 0.0004  63  LEU A N   
493 C CA  . LEU A 63 ? 0.4015 0.4535 0.4319 0.0239  -0.0043 -0.0002 63  LEU A CA  
494 C C   . LEU A 63 ? 0.4001 0.4571 0.4379 0.0205  -0.0004 0.0034  63  LEU A C   
495 O O   . LEU A 63 ? 0.4522 0.5173 0.4922 0.0214  0.0014  0.0050  63  LEU A O   
496 C CB  . LEU A 63 ? 0.4411 0.4960 0.4743 0.0243  -0.0064 -0.0038 63  LEU A CB  
497 C CG  . LEU A 63 ? 0.4188 0.4735 0.4461 0.0296  -0.0102 -0.0068 63  LEU A CG  
498 C CD1 . LEU A 63 ? 0.4195 0.4630 0.4369 0.0314  -0.0121 -0.0062 63  LEU A CD1 
499 C CD2 . LEU A 63 ? 0.4062 0.4632 0.4353 0.0299  -0.0128 -0.0099 63  LEU A CD2 
500 N N   . SER A 64 ? 0.4729 0.5252 0.5144 0.0169  0.0010  0.0048  64  SER A N   
501 C CA  . SER A 64 ? 0.4628 0.5173 0.5114 0.0137  0.0046  0.0089  64  SER A CA  
502 C C   . SER A 64 ? 0.4229 0.4694 0.4704 0.0126  0.0057  0.0117  64  SER A C   
503 O O   . SER A 64 ? 0.4284 0.4694 0.4785 0.0106  0.0055  0.0101  64  SER A O   
504 C CB  . SER A 64 ? 0.4372 0.4947 0.4940 0.0100  0.0054  0.0071  64  SER A CB  
505 O OG  . SER A 64 ? 0.4762 0.5329 0.5395 0.0063  0.0089  0.0114  64  SER A OG  
506 N N   . ILE A 65 ? 0.3853 0.4326 0.4292 0.0142  0.0066  0.0154  65  ILE A N   
507 C CA  . ILE A 65 ? 0.3976 0.4395 0.4404 0.0143  0.0072  0.0178  65  ILE A CA  
508 C C   . ILE A 65 ? 0.4463 0.4851 0.4964 0.0120  0.0098  0.0213  65  ILE A C   
509 O O   . ILE A 65 ? 0.4437 0.4859 0.4984 0.0105  0.0121  0.0252  65  ILE A O   
510 C CB  . ILE A 65 ? 0.3839 0.4291 0.4210 0.0167  0.0073  0.0206  65  ILE A CB  
511 C CG1 . ILE A 65 ? 0.3857 0.4259 0.4189 0.0173  0.0062  0.0200  65  ILE A CG1 
512 C CG2 . ILE A 65 ? 0.3973 0.4477 0.4379 0.0166  0.0102  0.0267  65  ILE A CG2 
513 C CD1 . ILE A 65 ? 0.3870 0.4315 0.4150 0.0192  0.0061  0.0218  65  ILE A CD1 
514 N N   . THR A 66 ? 0.4517 0.4837 0.5029 0.0117  0.0094  0.0200  66  THR A N   
515 C CA  . THR A 66 ? 0.4054 0.4321 0.4633 0.0103  0.0115  0.0227  66  THR A CA  
516 C C   . THR A 66 ? 0.4111 0.4360 0.4667 0.0132  0.0120  0.0263  66  THR A C   
517 O O   . THR A 66 ? 0.4024 0.4309 0.4518 0.0153  0.0106  0.0260  66  THR A O   
518 C CB  . THR A 66 ? 0.4354 0.4564 0.4972 0.0083  0.0109  0.0172  66  THR A CB  
519 O OG1 . THR A 66 ? 0.4547 0.4732 0.5121 0.0101  0.0093  0.0141  66  THR A OG1 
520 C CG2 . THR A 66 ? 0.4493 0.4741 0.5113 0.0062  0.0094  0.0124  66  THR A CG2 
521 N N   . TRP A 67 ? 0.4028 0.4221 0.4640 0.0133  0.0137  0.0295  67  TRP A N   
522 C CA  . TRP A 67 ? 0.3706 0.3889 0.4307 0.0169  0.0139  0.0330  67  TRP A CA  
523 C C   . TRP A 67 ? 0.3867 0.4051 0.4431 0.0184  0.0119  0.0278  67  TRP A C   
524 O O   . TRP A 67 ? 0.4229 0.4457 0.4753 0.0210  0.0112  0.0293  67  TRP A O   
525 C CB  . TRP A 67 ? 0.3841 0.3943 0.4513 0.0172  0.0158  0.0369  67  TRP A CB  
526 C CG  . TRP A 67 ? 0.4475 0.4575 0.5181 0.0151  0.0182  0.0433  67  TRP A CG  
527 C CD1 . TRP A 67 ? 0.4630 0.4675 0.5402 0.0107  0.0199  0.0430  67  TRP A CD1 
528 C CD2 . TRP A 67 ? 0.4459 0.4627 0.5133 0.0164  0.0194  0.0507  67  TRP A CD2 
529 N NE1 . TRP A 67 ? 0.4783 0.4853 0.5567 0.0090  0.0222  0.0505  67  TRP A NE1 
530 C CE2 . TRP A 67 ? 0.4451 0.4599 0.5173 0.0127  0.0219  0.0554  67  TRP A CE2 
531 C CE3 . TRP A 67 ? 0.3892 0.4141 0.4501 0.0201  0.0184  0.0536  67  TRP A CE3 
532 C CZ2 . TRP A 67 ? 0.4148 0.4363 0.4850 0.0128  0.0238  0.0634  67  TRP A CZ2 
533 C CZ3 . TRP A 67 ? 0.4155 0.4471 0.4745 0.0205  0.0199  0.0609  67  TRP A CZ3 
534 C CH2 . TRP A 67 ? 0.4246 0.4545 0.4879 0.0170  0.0227  0.0660  67  TRP A CH2 
535 N N   . GLU A 68 ? 0.5024 0.5170 0.5604 0.0164  0.0112  0.0217  68  GLU A N   
536 C CA  . GLU A 68 ? 0.5181 0.5333 0.5731 0.0173  0.0098  0.0167  68  GLU A CA  
537 C C   . GLU A 68 ? 0.5167 0.5373 0.5632 0.0169  0.0079  0.0152  68  GLU A C   
538 O O   . GLU A 68 ? 0.5821 0.6043 0.6251 0.0170  0.0069  0.0121  68  GLU A O   
539 C CB  . GLU A 68 ? 0.6372 0.6481 0.6955 0.0151  0.0094  0.0104  68  GLU A CB  
540 C CG  . GLU A 68 ? 0.8408 0.8504 0.9005 0.0168  0.0093  0.0065  68  GLU A CG  
541 C CD  . GLU A 68 ? 0.7775 0.7917 0.8305 0.0157  0.0077  0.0017  68  GLU A CD  
542 O OE1 . GLU A 68 ? 0.6989 0.7152 0.7515 0.0173  0.0078  -0.0006 68  GLU A OE1 
543 O OE2 . GLU A 68 ? 0.7916 0.8074 0.8395 0.0135  0.0063  0.0006  68  GLU A OE2 
544 N N   . HIS A 69 ? 0.4739 0.4975 0.5174 0.0163  0.0075  0.0171  69  HIS A N   
545 C CA  . HIS A 69 ? 0.4443 0.4712 0.4800 0.0160  0.0057  0.0156  69  HIS A CA  
546 C C   . HIS A 69 ? 0.4673 0.4989 0.4995 0.0179  0.0057  0.0183  69  HIS A C   
547 O O   . HIS A 69 ? 0.4518 0.4853 0.4779 0.0171  0.0042  0.0161  69  HIS A O   
548 C CB  . HIS A 69 ? 0.4065 0.4352 0.4403 0.0156  0.0051  0.0158  69  HIS A CB  
549 C CG  . HIS A 69 ? 0.4159 0.4420 0.4507 0.0140  0.0041  0.0118  69  HIS A CG  
550 N ND1 . HIS A 69 ? 0.4620 0.4870 0.4907 0.0137  0.0017  0.0084  69  HIS A ND1 
551 C CD2 . HIS A 69 ? 0.4535 0.4783 0.4946 0.0125  0.0049  0.0108  69  HIS A CD2 
552 C CE1 . HIS A 69 ? 0.4259 0.4502 0.4570 0.0127  0.0009  0.0055  69  HIS A CE1 
553 N NE2 . HIS A 69 ? 0.4344 0.4589 0.4732 0.0117  0.0029  0.0065  69  HIS A NE2 
554 N N   . ALA A 70 ? 0.4822 0.5159 0.5183 0.0200  0.0073  0.0232  70  ALA A N   
555 C CA  . ALA A 70 ? 0.4487 0.4888 0.4819 0.0222  0.0071  0.0261  70  ALA A CA  
556 C C   . ALA A 70 ? 0.4593 0.5013 0.4908 0.0223  0.0062  0.0230  70  ALA A C   
557 O O   . ALA A 70 ? 0.4537 0.4921 0.4885 0.0221  0.0065  0.0205  70  ALA A O   
558 C CB  . ALA A 70 ? 0.4282 0.4697 0.4662 0.0250  0.0088  0.0325  70  ALA A CB  
559 N N   . GLY A 71 ? 0.4420 0.4906 0.4685 0.0222  0.0052  0.0225  71  GLY A N   
560 C CA  . GLY A 71 ? 0.4478 0.5004 0.4728 0.0217  0.0045  0.0197  71  GLY A CA  
561 C C   . GLY A 71 ? 0.4614 0.5192 0.4798 0.0192  0.0031  0.0175  71  GLY A C   
562 O O   . GLY A 71 ? 0.5007 0.5592 0.5155 0.0187  0.0025  0.0180  71  GLY A O   
563 N N   . ARG A 72 ? 0.4658 0.5279 0.4827 0.0173  0.0027  0.0146  72  ARG A N   
564 C CA  . ARG A 72 ? 0.4528 0.5197 0.4639 0.0140  0.0015  0.0119  72  ARG A CA  
565 C C   . ARG A 72 ? 0.4055 0.4651 0.4115 0.0090  0.0007  0.0081  72  ARG A C   
566 O O   . ARG A 72 ? 0.4104 0.4689 0.4173 0.0073  0.0012  0.0062  72  ARG A O   
567 C CB  . ARG A 72 ? 0.4830 0.5613 0.4960 0.0146  0.0016  0.0114  72  ARG A CB  
568 C CG  . ARG A 72 ? 0.4810 0.5683 0.4902 0.0131  0.0004  0.0106  72  ARG A CG  
569 C CD  . ARG A 72 ? 0.5693 0.6692 0.5828 0.0178  0.0005  0.0135  72  ARG A CD  
570 N NE  . ARG A 72 ? 0.6473 0.7592 0.6582 0.0151  -0.0007 0.0107  72  ARG A NE  
571 C CZ  . ARG A 72 ? 0.6754 0.7959 0.6880 0.0130  -0.0006 0.0076  72  ARG A CZ  
572 N NH1 . ARG A 72 ? 0.6863 0.8043 0.7025 0.0138  0.0005  0.0070  72  ARG A NH1 
573 N NH2 . ARG A 72 ? 0.6254 0.7576 0.6358 0.0099  -0.0017 0.0048  72  ARG A NH2 
574 N N   . TYR A 73 ? 0.3379 0.3926 0.3382 0.0069  -0.0005 0.0070  73  TYR A N   
575 C CA  . TYR A 73 ? 0.3071 0.3530 0.3019 0.0028  -0.0014 0.0044  73  TYR A CA  
576 C C   . TYR A 73 ? 0.3172 0.3636 0.3058 -0.0020 -0.0025 0.0018  73  TYR A C   
577 O O   . TYR A 73 ? 0.3409 0.3919 0.3281 -0.0017 -0.0031 0.0013  73  TYR A O   
578 C CB  . TYR A 73 ? 0.3079 0.3452 0.3012 0.0048  -0.0022 0.0049  73  TYR A CB  
579 C CG  . TYR A 73 ? 0.2917 0.3273 0.2908 0.0076  -0.0012 0.0065  73  TYR A CG  
580 C CD1 . TYR A 73 ? 0.3130 0.3531 0.3183 0.0113  0.0001  0.0096  73  TYR A CD1 
581 C CD2 . TYR A 73 ? 0.3655 0.3946 0.3637 0.0064  -0.0017 0.0052  73  TYR A CD2 
582 C CE1 . TYR A 73 ? 0.3284 0.3657 0.3393 0.0130  0.0011  0.0108  73  TYR A CE1 
583 C CE2 . TYR A 73 ? 0.3214 0.3493 0.3252 0.0084  -0.0009 0.0057  73  TYR A CE2 
584 C CZ  . TYR A 73 ? 0.2983 0.3297 0.3085 0.0115  0.0006  0.0084  73  TYR A CZ  
585 O OH  . TYR A 73 ? 0.3233 0.3526 0.3396 0.0126  0.0014  0.0086  73  TYR A OH  
586 N N   . CYS A 74 ? 0.3940 0.4358 0.3785 -0.0068 -0.0027 0.0001  74  CYS A N   
587 C CA  . CYS A 74 ? 0.3969 0.4366 0.3750 -0.0127 -0.0036 -0.0021 74  CYS A CA  
588 C C   . CYS A 74 ? 0.4097 0.4362 0.3816 -0.0156 -0.0046 -0.0022 74  CYS A C   
589 O O   . CYS A 74 ? 0.4338 0.4564 0.4065 -0.0135 -0.0044 -0.0009 74  CYS A O   
590 C CB  . CYS A 74 ? 0.4169 0.4671 0.3965 -0.0169 -0.0024 -0.0034 74  CYS A CB  
591 S SG  . CYS A 74 ? 0.4942 0.5617 0.4807 -0.0133 -0.0018 -0.0033 74  CYS A SG  
592 N N   . CYS A 75 ? 0.4466 0.4660 0.4118 -0.0203 -0.0058 -0.0037 75  CYS A N   
593 C CA  . CYS A 75 ? 0.4840 0.4900 0.4423 -0.0230 -0.0068 -0.0029 75  CYS A CA  
594 C C   . CYS A 75 ? 0.5346 0.5351 0.4861 -0.0308 -0.0072 -0.0041 75  CYS A C   
595 O O   . CYS A 75 ? 0.5132 0.5176 0.4647 -0.0336 -0.0073 -0.0065 75  CYS A O   
596 C CB  . CYS A 75 ? 0.5230 0.5188 0.4794 -0.0177 -0.0087 -0.0026 75  CYS A CB  
597 S SG  . CYS A 75 ? 0.6177 0.6015 0.5669 -0.0196 -0.0110 -0.0051 75  CYS A SG  
598 N N   . ILE A 76 ? 0.5544 0.5462 0.5000 -0.0347 -0.0074 -0.0022 76  ILE A N   
599 C CA  . ILE A 76 ? 0.5797 0.5632 0.5178 -0.0430 -0.0076 -0.0023 76  ILE A CA  
600 C C   . ILE A 76 ? 0.6381 0.6040 0.5684 -0.0427 -0.0096 0.0005  76  ILE A C   
601 O O   . ILE A 76 ? 0.6563 0.6205 0.5867 -0.0378 -0.0101 0.0026  76  ILE A O   
602 C CB  . ILE A 76 ? 0.5635 0.5571 0.5020 -0.0500 -0.0053 -0.0017 76  ILE A CB  
603 C CG1 . ILE A 76 ? 0.5835 0.5720 0.5174 -0.0513 -0.0049 0.0017  76  ILE A CG1 
604 C CG2 . ILE A 76 ? 0.6040 0.6167 0.5519 -0.0471 -0.0034 -0.0035 76  ILE A CG2 
605 C CD1 . ILE A 76 ? 0.6823 0.6847 0.6184 -0.0559 -0.0022 0.0017  76  ILE A CD1 
606 N N   . TYR A 77 ? 0.6348 0.5875 0.5579 -0.0477 -0.0108 0.0002  77  TYR A N   
607 C CA  . TYR A 77 ? 0.6492 0.5837 0.5638 -0.0477 -0.0128 0.0036  77  TYR A CA  
608 C C   . TYR A 77 ? 0.7345 0.6637 0.6420 -0.0582 -0.0116 0.0062  77  TYR A C   
609 O O   . TYR A 77 ? 0.7560 0.6979 0.6664 -0.0647 -0.0091 0.0050  77  TYR A O   
610 C CB  . TYR A 77 ? 0.7169 0.6368 0.6283 -0.0440 -0.0156 0.0014  77  TYR A CB  
611 C CG  . TYR A 77 ? 0.6837 0.6017 0.5944 -0.0499 -0.0154 -0.0028 77  TYR A CG  
612 C CD1 . TYR A 77 ? 0.7714 0.6738 0.6740 -0.0576 -0.0161 -0.0020 77  TYR A CD1 
613 C CD2 . TYR A 77 ? 0.7421 0.6742 0.6598 -0.0481 -0.0146 -0.0073 77  TYR A CD2 
614 C CE1 . TYR A 77 ? 0.8583 0.7588 0.7605 -0.0638 -0.0160 -0.0066 77  TYR A CE1 
615 C CE2 . TYR A 77 ? 0.8393 0.7713 0.7564 -0.0537 -0.0146 -0.0118 77  TYR A CE2 
616 C CZ  . TYR A 77 ? 0.8789 0.7952 0.7886 -0.0618 -0.0153 -0.0119 77  TYR A CZ  
617 O OH  . TYR A 77 ? 0.9198 0.8360 0.8291 -0.0680 -0.0154 -0.0172 77  TYR A OH  
618 N N   . GLY A 78 ? 0.6866 0.5976 0.5850 -0.0597 -0.0134 0.0101  78  GLY A N   
619 C CA  . GLY A 78 ? 0.7049 0.6086 0.5954 -0.0704 -0.0123 0.0134  78  GLY A CA  
620 C C   . GLY A 78 ? 0.8154 0.7103 0.6979 -0.0707 -0.0129 0.0200  78  GLY A C   
621 O O   . GLY A 78 ? 0.8320 0.7364 0.7170 -0.0655 -0.0126 0.0215  78  GLY A O   
622 N N   . SER A 79 ? 1.0144 0.8908 0.8868 -0.0771 -0.0137 0.0240  79  SER A N   
623 C CA  . SER A 79 ? 1.0219 0.8883 0.8846 -0.0785 -0.0145 0.0315  79  SER A CA  
624 C C   . SER A 79 ? 1.0271 0.9042 0.8873 -0.0897 -0.0107 0.0346  79  SER A C   
625 O O   . SER A 79 ? 1.0833 0.9664 0.9460 -0.0986 -0.0083 0.0317  79  SER A O   
626 C CB  . SER A 79 ? 1.0665 0.9054 0.9194 -0.0792 -0.0175 0.0350  79  SER A CB  
627 O OG  . SER A 79 ? 1.0178 0.8485 0.8746 -0.0729 -0.0198 0.0294  79  SER A OG  
628 N N   . HIS A 80 ? 1.4047 1.2863 1.2601 -0.0894 -0.0102 0.0397  80  HIS A N   
629 C CA  . HIS A 80 ? 1.5569 1.4506 1.4093 -0.0998 -0.0064 0.0426  80  HIS A CA  
630 C C   . HIS A 80 ? 1.5887 1.4761 1.4385 -0.1123 -0.0045 0.0426  80  HIS A C   
631 O O   . HIS A 80 ? 1.4669 1.3715 1.3234 -0.1186 -0.0014 0.0382  80  HIS A O   
632 C CB  . HIS A 80 ? 1.6175 1.5046 1.4590 -0.1003 -0.0071 0.0507  80  HIS A CB  
633 C CG  . HIS A 80 ? 1.6231 1.5216 1.4600 -0.1116 -0.0030 0.0544  80  HIS A CG  
634 N ND1 . HIS A 80 ? 1.5590 1.4821 1.4012 -0.1115 -0.0002 0.0518  80  HIS A ND1 
635 C CD2 . HIS A 80 ? 1.5621 1.4509 1.3893 -0.1237 -0.0013 0.0604  80  HIS A CD2 
636 C CE1 . HIS A 80 ? 1.4629 1.3927 1.2990 -0.1226 0.0033  0.0557  80  HIS A CE1 
637 N NE2 . HIS A 80 ? 1.4810 1.3906 1.3082 -0.1306 0.0028  0.0613  80  HIS A NE2 
638 N N   . THR A 81 ? 1.7468 1.6093 1.5866 -0.1159 -0.0064 0.0475  81  THR A N   
639 C CA  . THR A 81 ? 1.6888 1.5388 1.5275 -0.1247 -0.0061 0.0454  81  THR A CA  
640 C C   . THR A 81 ? 1.6667 1.4999 1.5066 -0.1140 -0.0105 0.0423  81  THR A C   
641 O O   . THR A 81 ? 1.6639 1.4850 1.4988 -0.1050 -0.0136 0.0463  81  THR A O   
642 C CB  . THR A 81 ? 1.6507 1.4823 1.4769 -0.1364 -0.0054 0.0535  81  THR A CB  
643 O OG1 . THR A 81 ? 1.7435 1.5523 1.5597 -0.1292 -0.0091 0.0604  81  THR A OG1 
644 C CG2 . THR A 81 ? 1.5651 1.4148 1.3888 -0.1462 -0.0010 0.0577  81  THR A CG2 
645 N N   . VAL A 82 ? 0.8325 0.6655 0.6787 -0.1148 -0.0108 0.0349  82  VAL A N   
646 C CA  . VAL A 82 ? 0.6796 0.5208 0.5290 -0.1270 -0.0079 0.0309  82  VAL A CA  
647 C C   . VAL A 82 ? 0.7068 0.5787 0.5679 -0.1272 -0.0050 0.0250  82  VAL A C   
648 O O   . VAL A 82 ? 0.6404 0.5224 0.5061 -0.1353 -0.0031 0.0201  82  VAL A O   
649 C CB  . VAL A 82 ? 0.6854 0.5106 0.5354 -0.1271 -0.0102 0.0251  82  VAL A CB  
650 C CG1 . VAL A 82 ? 0.6696 0.4648 0.5103 -0.1216 -0.0140 0.0295  82  VAL A CG1 
651 C CG2 . VAL A 82 ? 0.7875 0.6280 0.6485 -0.1172 -0.0112 0.0170  82  VAL A CG2 
652 N N   . GLY A 83 ? 0.8198 0.7067 0.6858 -0.1178 -0.0049 0.0252  83  GLY A N   
653 C CA  . GLY A 83 ? 0.7506 0.6652 0.6270 -0.1173 -0.0022 0.0205  83  GLY A CA  
654 C C   . GLY A 83 ? 0.6324 0.5569 0.5182 -0.1050 -0.0036 0.0153  83  GLY A C   
655 O O   . GLY A 83 ? 0.6494 0.5609 0.5349 -0.0976 -0.0067 0.0141  83  GLY A O   
656 N N   . LEU A 84 ? 0.6687 0.6168 0.5633 -0.1031 -0.0014 0.0125  84  LEU A N   
657 C CA  . LEU A 84 ? 0.7751 0.7342 0.6792 -0.0923 -0.0023 0.0084  84  LEU A CA  
658 C C   . LEU A 84 ? 0.7375 0.7038 0.6478 -0.0930 -0.0025 0.0025  84  LEU A C   
659 O O   . LEU A 84 ? 0.7574 0.7296 0.6677 -0.1025 -0.0010 0.0005  84  LEU A O   
660 C CB  . LEU A 84 ? 0.7070 0.6867 0.6173 -0.0894 0.0000  0.0081  84  LEU A CB  
661 C CG  . LEU A 84 ? 0.6256 0.6070 0.5401 -0.0776 -0.0012 0.0082  84  LEU A CG  
662 C CD1 . LEU A 84 ? 0.6678 0.6301 0.5744 -0.0739 -0.0040 0.0125  84  LEU A CD1 
663 C CD2 . LEU A 84 ? 0.6443 0.6437 0.5636 -0.0767 0.0012  0.0079  84  LEU A CD2 
664 N N   . SER A 85 ? 0.7428 0.7095 0.6580 -0.0834 -0.0044 -0.0002 85  SER A N   
665 C CA  . SER A 85 ? 0.7173 0.6914 0.6379 -0.0828 -0.0049 -0.0056 85  SER A CA  
666 C C   . SER A 85 ? 0.6600 0.6579 0.5905 -0.0791 -0.0032 -0.0079 85  SER A C   
667 O O   . SER A 85 ? 0.6928 0.6998 0.6264 -0.0760 -0.0017 -0.0059 85  SER A O   
668 C CB  . SER A 85 ? 0.6372 0.5998 0.5576 -0.0742 -0.0077 -0.0072 85  SER A CB  
669 O OG  . SER A 85 ? 0.5649 0.5393 0.4926 -0.0645 -0.0076 -0.0074 85  SER A OG  
670 N N   . GLU A 86 ? 0.7594 0.7667 0.6945 -0.0787 -0.0037 -0.0124 86  GLU A N   
671 C CA  . GLU A 86 ? 0.7074 0.7362 0.6517 -0.0736 -0.0026 -0.0142 86  GLU A CA  
672 C C   . GLU A 86 ? 0.6293 0.6566 0.5772 -0.0621 -0.0037 -0.0128 86  GLU A C   
673 O O   . GLU A 86 ? 0.6325 0.6447 0.5765 -0.0583 -0.0055 -0.0122 86  GLU A O   
674 C CB  . GLU A 86 ? 0.7338 0.7739 0.6812 -0.0771 -0.0030 -0.0192 86  GLU A CB  
675 C CG  . GLU A 86 ? 0.9397 0.9817 0.8839 -0.0898 -0.0019 -0.0213 86  GLU A CG  
676 C CD  . GLU A 86 ? 1.1233 1.1821 1.0722 -0.0929 -0.0022 -0.0268 86  GLU A CD  
677 O OE1 . GLU A 86 ? 0.9783 1.0431 0.9309 -0.0854 -0.0037 -0.0289 86  GLU A OE1 
678 O OE2 . GLU A 86 ? 1.1593 1.2263 1.1080 -0.1033 -0.0009 -0.0290 86  GLU A OE2 
679 N N   . SER A 87 ? 0.6458 0.6886 0.6012 -0.0564 -0.0025 -0.0123 87  SER A N   
680 C CA  . SER A 87 ? 0.5685 0.6118 0.5284 -0.0463 -0.0032 -0.0110 87  SER A CA  
681 C C   . SER A 87 ? 0.5968 0.6396 0.5570 -0.0434 -0.0049 -0.0132 87  SER A C   
682 O O   . SER A 87 ? 0.6488 0.7013 0.6101 -0.0468 -0.0051 -0.0164 87  SER A O   
683 C CB  . SER A 87 ? 0.5326 0.5928 0.5010 -0.0415 -0.0017 -0.0104 87  SER A CB  
684 O OG  . SER A 87 ? 0.5862 0.6462 0.5551 -0.0416 -0.0002 -0.0086 87  SER A OG  
685 N N   . SER A 88 ? 0.5384 0.5711 0.4974 -0.0371 -0.0062 -0.0121 88  SER A N   
686 C CA  . SER A 88 ? 0.5490 0.5840 0.5089 -0.0331 -0.0074 -0.0142 88  SER A CA  
687 C C   . SER A 88 ? 0.4750 0.5282 0.4423 -0.0283 -0.0065 -0.0134 88  SER A C   
688 O O   . SER A 88 ? 0.4316 0.4929 0.4035 -0.0271 -0.0050 -0.0112 88  SER A O   
689 C CB  . SER A 88 ? 0.4970 0.5199 0.4553 -0.0268 -0.0085 -0.0129 88  SER A CB  
690 O OG  . SER A 88 ? 0.4635 0.4892 0.4265 -0.0213 -0.0076 -0.0091 88  SER A OG  
691 N N   . ASP A 89 ? 0.4908 0.5506 0.4589 -0.0254 -0.0074 -0.0152 89  ASP A N   
692 C CA  . ASP A 89 ? 0.4789 0.5546 0.4534 -0.0196 -0.0067 -0.0131 89  ASP A CA  
693 C C   . ASP A 89 ? 0.4750 0.5470 0.4531 -0.0127 -0.0058 -0.0083 89  ASP A C   
694 O O   . ASP A 89 ? 0.4561 0.5155 0.4317 -0.0111 -0.0062 -0.0077 89  ASP A O   
695 C CB  . ASP A 89 ? 0.4408 0.5245 0.4143 -0.0177 -0.0079 -0.0157 89  ASP A CB  
696 C CG  . ASP A 89 ? 0.4566 0.5466 0.4276 -0.0247 -0.0088 -0.0210 89  ASP A CG  
697 O OD1 . ASP A 89 ? 0.4672 0.5633 0.4398 -0.0298 -0.0081 -0.0216 89  ASP A OD1 
698 O OD2 . ASP A 89 ? 0.4620 0.5521 0.4298 -0.0253 -0.0102 -0.0251 89  ASP A OD2 
699 N N   . PRO A 90 ? 0.3865 0.4693 0.3709 -0.0086 -0.0047 -0.0052 90  PRO A N   
700 C CA  . PRO A 90 ? 0.3489 0.4275 0.3373 -0.0028 -0.0036 -0.0009 90  PRO A CA  
701 C C   . PRO A 90 ? 0.3451 0.4206 0.3332 0.0017  -0.0040 0.0009  90  PRO A C   
702 O O   . PRO A 90 ? 0.3342 0.4161 0.3204 0.0024  -0.0047 -0.0003 90  PRO A O   
703 C CB  . PRO A 90 ? 0.3591 0.4510 0.3540 0.0008  -0.0027 0.0016  90  PRO A CB  
704 C CG  . PRO A 90 ? 0.4124 0.5172 0.4061 -0.0007 -0.0036 -0.0006 90  PRO A CG  
705 C CD  . PRO A 90 ? 0.3559 0.4553 0.3438 -0.0086 -0.0044 -0.0056 90  PRO A CD  
706 N N   . LEU A 91 ? 0.3749 0.4417 0.3646 0.0043  -0.0033 0.0032  91  LEU A N   
707 C CA  . LEU A 91 ? 0.2967 0.3626 0.2875 0.0087  -0.0031 0.0055  91  LEU A CA  
708 C C   . LEU A 91 ? 0.3548 0.4243 0.3524 0.0130  -0.0014 0.0105  91  LEU A C   
709 O O   . LEU A 91 ? 0.3718 0.4361 0.3724 0.0128  -0.0007 0.0113  91  LEU A O   
710 C CB  . LEU A 91 ? 0.3208 0.3745 0.3084 0.0083  -0.0038 0.0038  91  LEU A CB  
711 C CG  . LEU A 91 ? 0.2896 0.3436 0.2787 0.0125  -0.0034 0.0054  91  LEU A CG  
712 C CD1 . LEU A 91 ? 0.2867 0.3427 0.2708 0.0128  -0.0046 0.0020  91  LEU A CD1 
713 C CD2 . LEU A 91 ? 0.2697 0.3140 0.2595 0.0132  -0.0035 0.0055  91  LEU A CD2 
714 N N   . GLU A 92 ? 0.4550 0.5328 0.4545 0.0166  -0.0008 0.0139  92  GLU A N   
715 C CA  . GLU A 92 ? 0.4582 0.5377 0.4638 0.0206  0.0008  0.0195  92  GLU A CA  
716 C C   . GLU A 92 ? 0.4801 0.5531 0.4867 0.0216  0.0017  0.0212  92  GLU A C   
717 O O   . GLU A 92 ? 0.4919 0.5691 0.4967 0.0231  0.0018  0.0224  92  GLU A O   
718 C CB  . GLU A 92 ? 0.5874 0.6790 0.5936 0.0241  0.0010  0.0234  92  GLU A CB  
719 C CG  . GLU A 92 ? 0.6270 0.7287 0.6309 0.0226  -0.0004 0.0205  92  GLU A CG  
720 C CD  . GLU A 92 ? 0.6801 0.7839 0.6881 0.0230  -0.0002 0.0206  92  GLU A CD  
721 O OE1 . GLU A 92 ? 0.7542 0.8582 0.7673 0.0273  0.0007  0.0255  92  GLU A OE1 
722 O OE2 . GLU A 92 ? 0.6554 0.7603 0.6613 0.0188  -0.0011 0.0157  92  GLU A OE2 
723 N N   . LEU A 93 ? 0.4337 0.4977 0.4433 0.0208  0.0022  0.0209  93  LEU A N   
724 C CA  . LEU A 93 ? 0.4025 0.4616 0.4142 0.0213  0.0030  0.0221  93  LEU A CA  
725 C C   . LEU A 93 ? 0.4191 0.4793 0.4371 0.0237  0.0051  0.0278  93  LEU A C   
726 O O   . LEU A 93 ? 0.3904 0.4462 0.4131 0.0238  0.0057  0.0287  93  LEU A O   
727 C CB  . LEU A 93 ? 0.4418 0.4916 0.4532 0.0190  0.0022  0.0183  93  LEU A CB  
728 C CG  . LEU A 93 ? 0.4463 0.4921 0.4604 0.0194  0.0027  0.0186  93  LEU A CG  
729 C CD1 . LEU A 93 ? 0.3979 0.4483 0.4094 0.0208  0.0026  0.0187  93  LEU A CD1 
730 C CD2 . LEU A 93 ? 0.3965 0.4346 0.4088 0.0174  0.0014  0.0145  93  LEU A CD2 
731 N N   . VAL A 94 ? 0.4437 0.5097 0.4617 0.0253  0.0060  0.0317  94  VAL A N   
732 C CA  . VAL A 94 ? 0.4425 0.5100 0.4657 0.0272  0.0082  0.0385  94  VAL A CA  
733 C C   . VAL A 94 ? 0.4127 0.4769 0.4393 0.0260  0.0098  0.0400  94  VAL A C   
734 O O   . VAL A 94 ? 0.4457 0.5124 0.4695 0.0252  0.0095  0.0372  94  VAL A O   
735 C CB  . VAL A 94 ? 0.4754 0.5538 0.4959 0.0299  0.0086  0.0431  94  VAL A CB  
736 C CG1 . VAL A 94 ? 0.4869 0.5655 0.5120 0.0318  0.0108  0.0515  94  VAL A CG1 
737 C CG2 . VAL A 94 ? 0.4493 0.5335 0.4665 0.0309  0.0068  0.0411  94  VAL A CG2 
738 N N   . VAL A 95 ? 0.4121 0.4709 0.4448 0.0257  0.0115  0.0439  95  VAL A N   
739 C CA  . VAL A 95 ? 0.4148 0.4711 0.4518 0.0236  0.0133  0.0456  95  VAL A CA  
740 C C   . VAL A 95 ? 0.4341 0.4926 0.4745 0.0243  0.0159  0.0544  95  VAL A C   
741 O O   . VAL A 95 ? 0.4130 0.4682 0.4554 0.0264  0.0163  0.0586  95  VAL A O   
742 C CB  . VAL A 95 ? 0.3402 0.3867 0.3822 0.0212  0.0132  0.0419  95  VAL A CB  
743 C CG1 . VAL A 95 ? 0.4005 0.4471 0.4465 0.0183  0.0145  0.0414  95  VAL A CG1 
744 C CG2 . VAL A 95 ? 0.2976 0.3416 0.3358 0.0209  0.0107  0.0348  95  VAL A CG2 
745 N N   . THR A 96 ? 0.4853 0.5495 0.5260 0.0228  0.0178  0.0572  96  THR A N   
746 C CA  . THR A 96 ? 0.4724 0.5396 0.5152 0.0229  0.0205  0.0665  96  THR A CA  
747 C C   . THR A 96 ? 0.5224 0.5879 0.5707 0.0184  0.0232  0.0686  96  THR A C   
748 O O   . THR A 96 ? 0.5409 0.6013 0.5931 0.0156  0.0228  0.0631  96  THR A O   
749 C CB  . THR A 96 ? 0.4941 0.5749 0.5305 0.0252  0.0207  0.0696  96  THR A CB  
750 O OG1 . THR A 96 ? 0.5484 0.6372 0.5832 0.0236  0.0211  0.0656  96  THR A OG1 
751 C CG2 . THR A 96 ? 0.5164 0.6008 0.5473 0.0286  0.0178  0.0660  96  THR A CG2 
752 N N   . GLY A 97 ? 0.6281 0.6992 0.6769 0.0176  0.0259  0.0769  97  GLY A N   
753 C CA  . GLY A 97 ? 0.5894 0.6617 0.6433 0.0127  0.0290  0.0797  97  GLY A CA  
754 C C   . GLY A 97 ? 0.6540 0.7125 0.7159 0.0089  0.0299  0.0793  97  GLY A C   
755 O O   . GLY A 97 ? 0.6678 0.7268 0.7349 0.0038  0.0318  0.0784  97  GLY A O   
756 O O   . HOH B .  ? 0.3243 0.3890 0.3531 0.0221  0.0047  0.0130  98  HOH A O   
757 O O   . HOH B .  ? 0.3502 0.3996 0.3196 -0.0071 -0.0084 -0.0115 99  HOH A O   
758 O O   . HOH B .  ? 0.6637 0.4478 0.4837 -0.0882 -0.0214 0.0562  100 HOH A O   
759 O O   . HOH B .  ? 0.3527 0.3696 0.3597 0.0138  -0.0109 -0.0059 101 HOH A O   
760 O O   . HOH B .  ? 0.3141 0.3710 0.3501 0.0146  0.0084  -0.0196 102 HOH A O   
761 O O   . HOH B .  ? 1.0960 0.9307 0.9728 -0.0396 -0.0266 0.0110  103 HOH A O   
762 O O   . HOH B .  ? 0.3569 0.3937 0.3133 -0.0287 -0.0108 -0.0228 104 HOH A O   
763 O O   . HOH B .  ? 0.2985 0.3839 0.2652 -0.0133 -0.0107 -0.0231 105 HOH A O   
764 O O   . HOH B .  ? 0.6514 0.4958 0.5044 0.0266  -0.0510 0.0442  106 HOH A O   
765 O O   . HOH B .  ? 0.3679 0.4018 0.3927 0.0185  -0.0079 -0.0040 107 HOH A O   
766 O O   . HOH B .  ? 0.4856 0.5060 0.4964 0.0175  -0.0094 -0.0026 108 HOH A O   
767 O O   . HOH B .  ? 0.4166 0.4182 0.4924 0.0092  0.0146  0.0200  109 HOH A O   
768 O O   . HOH B .  ? 0.5662 0.6467 0.5856 0.0277  0.0034  0.0284  110 HOH A O   
769 O O   . HOH B .  ? 0.4929 0.4996 0.5733 0.0038  0.0173  0.0270  111 HOH A O   
770 O O   . HOH B .  ? 0.6182 0.5630 0.5426 -0.0371 -0.0199 -0.0381 112 HOH A O   
771 O O   . HOH B .  ? 0.4940 0.6045 0.4726 -0.0360 -0.0056 -0.0201 113 HOH A O   
772 O O   . HOH B .  ? 0.3843 0.4517 0.4065 0.0143  0.0043  0.0049  114 HOH A O   
773 O O   . HOH B .  ? 0.6067 0.5489 0.5465 0.0164  -0.0231 -0.0140 115 HOH A O   
774 O O   . HOH B .  ? 0.4953 0.6153 0.5104 0.0298  0.0157  0.0396  116 HOH A O   
775 O O   . HOH B .  ? 0.8752 0.8702 0.7956 -0.1081 -0.0001 -0.0090 117 HOH A O   
776 O O   . HOH B .  ? 0.7147 0.5728 0.5981 -0.0330 -0.0252 0.0147  118 HOH A O   
777 O O   . HOH B .  ? 0.6693 0.6695 0.7459 0.0286  0.0118  -0.0017 119 HOH A O   
778 O O   . HOH B .  ? 0.5779 0.5897 0.5609 0.0429  -0.0180 -0.0113 120 HOH A O   
779 O O   . HOH B .  ? 0.4867 0.6154 0.5056 0.0273  -0.0007 0.0190  121 HOH A O   
780 O O   . HOH B .  ? 0.6604 0.5332 0.5279 -0.0295 -0.0265 0.0354  122 HOH A O   
781 O O   . HOH B .  ? 0.7051 0.6419 0.6009 -0.0544 -0.0107 0.0210  123 HOH A O   
782 O O   . HOH B .  ? 0.8156 0.6360 0.6770 -0.0472 -0.0267 0.0251  124 HOH A O   
783 O O   . HOH B .  ? 0.5343 0.4083 0.4423 0.0032  -0.0303 -0.0120 125 HOH A O   
784 O O   . HOH B .  ? 0.6372 0.5328 0.5485 -0.0281 -0.0252 -0.0387 126 HOH A O   
785 O O   . HOH B .  ? 0.6687 0.6416 0.6194 0.0421  -0.0235 -0.0312 127 HOH A O   
786 O O   . HOH B .  ? 0.4607 0.4174 0.3761 -0.0452 -0.0095 0.0121  128 HOH A O   
787 O O   . HOH B .  ? 0.6993 0.5257 0.5636 0.0072  -0.0416 0.0304  129 HOH A O   
# 
